data_8HIP
#
_entry.id   8HIP
#
_cell.length_a   1.00
_cell.length_b   1.00
_cell.length_c   1.00
_cell.angle_alpha   90.00
_cell.angle_beta   90.00
_cell.angle_gamma   90.00
#
_symmetry.space_group_name_H-M   'P 1'
#
loop_
_entity.id
_entity.type
_entity.pdbx_description
1 polymer 'Systemic RNA interference defective protein 1'
2 branched 2-acetamido-2-deoxy-beta-D-glucopyranose-(1-4)-2-acetamido-2-deoxy-beta-D-glucopyranose
3 non-polymer '[(2~{R})-1-[2-azanylethoxy(oxidanyl)phosphoryl]oxy-3-hexadecanoyloxy-propan-2-yl] (~{Z})-octadec-9-enoate'
4 non-polymer 'ZINC ION'
#
_entity_poly.entity_id   1
_entity_poly.type   'polypeptide(L)'
_entity_poly.pdbx_seq_one_letter_code
;MIRVYLIILMHLVIGLTQNNSTTPSPIITSSNSSVLVFEISSKMKMIEKKLEANTVHVLRLELDQSFILDLTKVAAEIVD
SSKYSKEDGVILEVTVSNGRDSFLLKLPTVYPNLKLYTDGKLLNPLVEQDFGAHRKRHRIGDPHFHQNLIVTVQSRLNAD
IDYRLHVTHLDRAQYDFLKFKTGQTTKTLSNQKLTFVKPIGFFLNCSEQNISQFHVTLYSEDDICANLITVPANESIYDR
SVISDKTHNRRVLSFTKRADIFFTETEISMFKSFRIFVFIAPDDSGCSTNTSRKSFNEKKKISFEFKKLENQSYAVPTAL
MMIFLTTPCLLFLPIVINIIKNSRKLAPSQSNLISFSPVPSEQRDMDLSHDEQQNTSSELENNGEIPAAENQIVEEITAE
NQETSVEEGNREIQVKIPLKQDSLSLHGQMLQYPVAIILPVLMHTAIEFHKWTTSTMANRDEMCFHNHACARPLGELRAW
NNIITNIGYTLYGAIFIVLSICRRGRHEYSHVFGTYECTLLDVTIGVFMVLQSIASATYHICPSDVAFQFDTPCIQVICG
LLMVRQWFVRHESPSPAYTNILLVGVVSLNFLISAFSKTSYVRFIIAVIHVIVVGSICLAKERSLGSEKLKTRFFIMAFS
MGNFAAIVMYLTLSAFHLNQIATYCFIINCIMYLMYYGCMKVLHSERITSKAKLCGALSLLAWAVAGFFFFQDDTDWTRS
AAASRALNKPCLLLGFFGSHDLWHIFGALAGLFTFIFVSFVDDDLINTRKTSINIF
;
_entity_poly.pdbx_strand_id   B,A
#
loop_
_chem_comp.id
_chem_comp.type
_chem_comp.name
_chem_comp.formula
6OU non-polymer '[(2~{R})-1-[2-azanylethoxy(oxidanyl)phosphoryl]oxy-3-hexadecanoyloxy-propan-2-yl] (~{Z})-octadec-9-enoate' 'C39 H76 N O8 P'
NAG D-saccharide, beta linking 2-acetamido-2-deoxy-beta-D-glucopyranose 'C8 H15 N O6'
ZN non-polymer 'ZINC ION' 'Zn 2'
#
# COMPACT_ATOMS: atom_id res chain seq x y z
N SER A 34 13.88 18.55 -48.09
CA SER A 34 15.09 17.96 -48.62
C SER A 34 16.04 17.54 -47.50
N VAL A 35 16.76 16.45 -47.71
CA VAL A 35 17.66 15.90 -46.71
C VAL A 35 19.09 16.28 -47.07
N LEU A 36 19.83 16.78 -46.09
CA LEU A 36 21.23 17.16 -46.26
C LEU A 36 22.10 16.29 -45.37
N VAL A 37 23.11 15.68 -45.97
CA VAL A 37 24.03 14.78 -45.25
C VAL A 37 25.33 15.51 -45.04
N PHE A 38 25.76 15.60 -43.78
CA PHE A 38 27.03 16.21 -43.39
C PHE A 38 27.92 15.16 -42.79
N GLU A 39 29.20 15.18 -43.16
CA GLU A 39 30.21 14.35 -42.52
C GLU A 39 30.93 15.17 -41.47
N ILE A 40 30.86 14.71 -40.21
CA ILE A 40 31.41 15.43 -39.08
C ILE A 40 32.63 14.67 -38.56
N SER A 41 33.73 15.39 -38.36
CA SER A 41 34.95 14.77 -37.90
C SER A 41 34.88 14.45 -36.41
N SER A 42 35.87 13.70 -35.95
CA SER A 42 35.96 13.38 -34.52
C SER A 42 36.47 14.58 -33.72
N LYS A 43 37.15 15.51 -34.37
CA LYS A 43 37.65 16.69 -33.67
C LYS A 43 36.53 17.67 -33.34
N MET A 44 35.44 17.63 -34.10
CA MET A 44 34.36 18.60 -33.95
C MET A 44 33.53 18.27 -32.71
N LYS A 45 33.68 19.07 -31.65
CA LYS A 45 32.95 18.83 -30.42
C LYS A 45 31.71 19.70 -30.30
N MET A 46 31.71 20.88 -30.92
CA MET A 46 30.54 21.74 -31.00
C MET A 46 30.22 21.95 -32.48
N ILE A 47 28.97 21.67 -32.84
CA ILE A 47 28.52 21.75 -34.23
C ILE A 47 27.41 22.79 -34.30
N GLU A 48 27.66 23.87 -35.03
CA GLU A 48 26.70 24.96 -35.16
C GLU A 48 26.23 25.01 -36.61
N LYS A 49 24.93 24.80 -36.82
CA LYS A 49 24.34 24.80 -38.14
C LYS A 49 22.97 25.46 -38.08
N LYS A 50 22.45 25.79 -39.25
CA LYS A 50 21.13 26.40 -39.40
C LYS A 50 20.21 25.42 -40.10
N LEU A 51 19.10 25.09 -39.46
CA LEU A 51 18.12 24.17 -40.04
C LEU A 51 17.11 25.01 -40.82
N GLU A 52 17.29 25.07 -42.14
CA GLU A 52 16.39 25.82 -42.99
C GLU A 52 14.97 25.25 -42.89
N ALA A 53 14.03 26.00 -43.43
CA ALA A 53 12.62 25.62 -43.35
C ALA A 53 12.38 24.30 -44.05
N ASN A 54 11.87 23.32 -43.29
CA ASN A 54 11.47 22.02 -43.83
C ASN A 54 12.65 21.26 -44.41
N THR A 55 13.81 21.44 -43.80
CA THR A 55 15.03 20.73 -44.19
C THR A 55 15.43 19.78 -43.07
N VAL A 56 16.02 18.64 -43.45
CA VAL A 56 16.49 17.64 -42.51
C VAL A 56 17.99 17.55 -42.63
N HIS A 57 18.68 17.64 -41.49
CA HIS A 57 20.12 17.50 -41.42
C HIS A 57 20.47 16.13 -40.88
N VAL A 58 21.32 15.40 -41.61
CA VAL A 58 21.82 14.10 -41.19
C VAL A 58 23.33 14.25 -41.04
N LEU A 59 23.82 14.16 -39.81
CA LEU A 59 25.22 14.35 -39.50
C LEU A 59 25.81 12.99 -39.12
N ARG A 60 26.97 12.68 -39.68
CA ARG A 60 27.60 11.37 -39.50
C ARG A 60 28.99 11.53 -38.92
N LEU A 61 29.30 10.73 -37.89
CA LEU A 61 30.64 10.61 -37.34
C LEU A 61 31.06 9.15 -37.42
N GLU A 62 32.11 8.88 -38.18
CA GLU A 62 32.61 7.51 -38.28
C GLU A 62 33.34 7.12 -37.00
N LEU A 63 32.99 5.95 -36.47
CA LEU A 63 33.54 5.46 -35.21
C LEU A 63 34.46 4.28 -35.47
N ASP A 64 35.62 4.29 -34.82
CA ASP A 64 36.58 3.21 -34.95
C ASP A 64 36.90 2.62 -33.58
N GLN A 65 37.93 1.77 -33.51
CA GLN A 65 38.23 1.05 -32.27
C GLN A 65 38.52 1.99 -31.12
N SER A 66 38.83 3.25 -31.40
CA SER A 66 39.08 4.23 -30.34
C SER A 66 37.82 4.57 -29.56
N PHE A 67 36.65 4.17 -30.05
CA PHE A 67 35.38 4.48 -29.39
C PHE A 67 34.84 3.33 -28.56
N ILE A 68 35.62 2.25 -28.38
CA ILE A 68 35.20 1.16 -27.51
C ILE A 68 35.14 1.64 -26.08
N LEU A 69 34.02 1.36 -25.41
CA LEU A 69 33.82 1.72 -24.00
C LEU A 69 33.94 3.22 -23.79
N ASP A 70 33.50 4.01 -24.76
CA ASP A 70 33.52 5.47 -24.70
C ASP A 70 32.09 5.96 -24.56
N LEU A 71 31.68 6.25 -23.33
CA LEU A 71 30.34 6.75 -23.08
C LEU A 71 30.23 8.20 -23.54
N THR A 72 29.41 8.43 -24.57
CA THR A 72 29.32 9.71 -25.26
C THR A 72 27.99 10.38 -24.93
N LYS A 73 28.02 11.69 -24.74
CA LYS A 73 26.82 12.49 -24.55
C LYS A 73 26.68 13.45 -25.72
N VAL A 74 25.56 13.36 -26.43
CA VAL A 74 25.22 14.28 -27.49
C VAL A 74 24.08 15.17 -26.99
N ALA A 75 24.29 16.47 -27.02
CA ALA A 75 23.29 17.44 -26.60
C ALA A 75 23.02 18.42 -27.73
N ALA A 76 21.81 18.97 -27.72
CA ALA A 76 21.40 19.93 -28.73
C ALA A 76 20.94 21.20 -28.05
N GLU A 77 21.30 22.34 -28.65
CA GLU A 77 20.94 23.66 -28.17
C GLU A 77 20.13 24.36 -29.24
N ILE A 78 19.10 25.10 -28.84
CA ILE A 78 18.34 25.93 -29.76
C ILE A 78 18.80 27.36 -29.58
N VAL A 79 19.54 27.87 -30.55
CA VAL A 79 20.04 29.25 -30.51
C VAL A 79 18.86 30.20 -30.62
N ASP A 80 18.91 31.28 -29.83
CA ASP A 80 17.84 32.27 -29.75
C ASP A 80 16.52 31.62 -29.29
N SER A 81 16.55 31.10 -28.06
CA SER A 81 15.39 30.42 -27.50
C SER A 81 14.21 31.37 -27.34
N SER A 82 14.48 32.66 -27.16
CA SER A 82 13.41 33.64 -27.00
C SER A 82 12.54 33.77 -28.24
N LYS A 83 13.08 33.43 -29.41
CA LYS A 83 12.32 33.57 -30.65
C LYS A 83 11.15 32.59 -30.70
N TYR A 84 11.23 31.49 -29.95
CA TYR A 84 10.23 30.43 -29.98
C TYR A 84 9.44 30.33 -28.69
N SER A 85 9.06 31.46 -28.10
CA SER A 85 8.34 31.43 -26.82
C SER A 85 6.88 31.05 -27.02
N LYS A 86 6.23 31.62 -28.04
CA LYS A 86 4.81 31.36 -28.25
C LYS A 86 4.59 30.03 -28.97
N GLU A 87 5.61 29.50 -29.64
CA GLU A 87 5.49 28.23 -30.33
C GLU A 87 5.36 27.10 -29.32
N ASP A 88 4.23 26.40 -29.36
CA ASP A 88 3.98 25.30 -28.44
C ASP A 88 4.55 23.99 -28.99
N GLY A 89 4.58 22.98 -28.15
CA GLY A 89 5.05 21.67 -28.56
C GLY A 89 6.56 21.58 -28.68
N VAL A 90 6.98 20.57 -29.43
CA VAL A 90 8.40 20.28 -29.63
C VAL A 90 8.90 21.06 -30.84
N ILE A 91 9.84 21.97 -30.60
CA ILE A 91 10.32 22.84 -31.67
C ILE A 91 11.35 22.10 -32.53
N LEU A 92 12.30 21.43 -31.89
CA LEU A 92 13.37 20.74 -32.58
C LEU A 92 13.43 19.29 -32.13
N GLU A 93 13.64 18.39 -33.08
CA GLU A 93 13.77 16.96 -32.82
C GLU A 93 15.14 16.48 -33.27
N VAL A 94 15.86 15.83 -32.37
CA VAL A 94 17.19 15.30 -32.64
C VAL A 94 17.22 13.83 -32.26
N THR A 95 17.70 12.99 -33.18
CA THR A 95 17.82 11.55 -32.96
C THR A 95 19.28 11.16 -33.12
N VAL A 96 19.85 10.53 -32.10
CA VAL A 96 21.24 10.13 -32.09
C VAL A 96 21.32 8.62 -31.97
N SER A 97 22.18 8.01 -32.78
CA SER A 97 22.33 6.56 -32.79
C SER A 97 23.75 6.20 -33.17
N ASN A 98 24.26 5.10 -32.61
CA ASN A 98 25.54 4.56 -33.01
C ASN A 98 25.40 3.12 -33.51
N GLY A 99 24.18 2.70 -33.83
CA GLY A 99 23.89 1.35 -34.24
C GLY A 99 23.59 0.40 -33.10
N ARG A 100 24.20 0.62 -31.94
CA ARG A 100 23.96 -0.19 -30.75
C ARG A 100 22.95 0.43 -29.81
N ASP A 101 23.04 1.75 -29.59
CA ASP A 101 22.09 2.46 -28.75
C ASP A 101 21.55 3.65 -29.55
N SER A 102 20.45 4.21 -29.06
CA SER A 102 19.81 5.33 -29.74
C SER A 102 18.91 6.05 -28.76
N PHE A 103 18.70 7.34 -29.00
CA PHE A 103 17.75 8.12 -28.21
C PHE A 103 17.20 9.25 -29.06
N LEU A 104 16.20 9.93 -28.50
CA LEU A 104 15.53 11.04 -29.16
C LEU A 104 15.61 12.28 -28.27
N LEU A 105 16.05 13.39 -28.86
CA LEU A 105 16.09 14.68 -28.18
C LEU A 105 14.98 15.56 -28.73
N LYS A 106 13.94 15.76 -27.93
CA LYS A 106 12.79 16.58 -28.30
C LYS A 106 12.87 17.86 -27.48
N LEU A 107 13.20 18.97 -28.14
CA LEU A 107 13.36 20.28 -27.53
C LEU A 107 12.17 21.17 -27.84
N PRO A 108 11.70 21.98 -26.88
CA PRO A 108 12.28 22.08 -25.53
C PRO A 108 11.89 20.82 -24.76
N THR A 109 12.71 20.44 -23.79
CA THR A 109 12.31 19.50 -22.76
C THR A 109 11.68 20.25 -21.60
N VAL A 110 10.39 20.00 -21.37
CA VAL A 110 9.58 20.78 -20.44
C VAL A 110 9.52 20.03 -19.11
N TYR A 111 9.93 20.71 -18.05
CA TYR A 111 9.81 20.24 -16.69
C TYR A 111 8.67 20.99 -16.00
N PRO A 112 8.20 20.51 -14.83
CA PRO A 112 7.11 21.22 -14.16
C PRO A 112 7.41 22.68 -13.86
N ASN A 113 8.66 22.99 -13.52
CA ASN A 113 9.01 24.36 -13.15
C ASN A 113 9.63 25.15 -14.30
N LEU A 114 10.34 24.49 -15.21
CA LEU A 114 11.08 25.21 -16.24
C LEU A 114 11.01 24.45 -17.56
N LYS A 115 11.31 25.17 -18.64
CA LYS A 115 11.52 24.61 -19.96
C LYS A 115 12.97 24.79 -20.35
N LEU A 116 13.62 23.71 -20.75
CA LEU A 116 15.01 23.75 -21.17
C LEU A 116 15.09 23.64 -22.69
N TYR A 117 15.75 24.60 -23.32
CA TYR A 117 16.00 24.57 -24.75
C TYR A 117 17.35 23.98 -25.09
N THR A 118 17.99 23.32 -24.12
CA THR A 118 19.21 22.56 -24.35
C THR A 118 19.22 21.35 -23.43
N ASP A 119 19.39 20.17 -24.02
CA ASP A 119 19.47 18.95 -23.25
C ASP A 119 20.13 17.87 -24.10
N GLY A 120 20.63 16.86 -23.42
CA GLY A 120 21.30 15.77 -24.10
C GLY A 120 21.15 14.49 -23.32
N LYS A 121 21.53 13.38 -23.96
CA LYS A 121 21.42 12.07 -23.35
C LYS A 121 22.70 11.29 -23.62
N LEU A 122 22.85 10.18 -22.93
CA LEU A 122 24.04 9.34 -23.06
C LEU A 122 23.79 8.19 -24.02
N LEU A 123 24.78 7.93 -24.87
CA LEU A 123 24.77 6.80 -25.78
C LEU A 123 25.59 5.68 -25.17
N ASN A 124 24.98 4.51 -25.02
CA ASN A 124 25.71 3.37 -24.49
C ASN A 124 26.88 3.05 -25.39
N PRO A 125 28.09 2.91 -24.86
CA PRO A 125 29.26 2.81 -25.72
C PRO A 125 29.29 1.53 -26.54
N LEU A 126 30.00 1.60 -27.65
CA LEU A 126 30.26 0.40 -28.44
C LEU A 126 31.25 -0.49 -27.70
N VAL A 127 31.19 -1.78 -27.99
CA VAL A 127 32.02 -2.76 -27.33
C VAL A 127 32.94 -3.41 -28.36
N GLU A 128 33.96 -4.11 -27.86
CA GLU A 128 34.93 -4.75 -28.74
C GLU A 128 34.28 -5.78 -29.66
N GLN A 129 33.10 -6.27 -29.28
CA GLN A 129 32.34 -7.16 -30.17
C GLN A 129 31.96 -6.46 -31.47
N ASP A 130 31.79 -5.13 -31.43
CA ASP A 130 31.34 -4.41 -32.61
C ASP A 130 32.46 -4.21 -33.62
N PHE A 131 33.71 -4.32 -33.20
CA PHE A 131 34.83 -4.07 -34.08
C PHE A 131 35.62 -5.36 -34.35
N HIS A 144 38.53 -2.27 -43.29
CA HIS A 144 37.93 -3.01 -42.18
C HIS A 144 36.48 -2.58 -41.95
N PHE A 145 35.91 -3.01 -40.83
CA PHE A 145 34.55 -2.68 -40.46
C PHE A 145 34.55 -1.48 -39.52
N HIS A 146 33.65 -0.53 -39.77
CA HIS A 146 33.55 0.68 -38.98
C HIS A 146 32.13 0.90 -38.55
N GLN A 147 31.94 1.36 -37.32
CA GLN A 147 30.65 1.85 -36.89
C GLN A 147 30.54 3.33 -37.24
N ASN A 148 29.36 3.91 -37.02
CA ASN A 148 29.17 5.31 -37.36
C ASN A 148 28.10 5.91 -36.46
N LEU A 149 28.30 7.18 -36.11
CA LEU A 149 27.42 7.92 -35.23
C LEU A 149 26.55 8.85 -36.08
N ILE A 150 25.24 8.62 -36.06
CA ILE A 150 24.31 9.35 -36.90
C ILE A 150 23.46 10.26 -36.04
N VAL A 151 23.43 11.54 -36.37
CA VAL A 151 22.56 12.52 -35.74
C VAL A 151 21.63 13.07 -36.82
N THR A 152 20.33 13.06 -36.53
CA THR A 152 19.31 13.56 -37.45
C THR A 152 18.56 14.69 -36.77
N VAL A 153 18.42 15.81 -37.47
CA VAL A 153 17.80 17.02 -36.92
C VAL A 153 16.61 17.39 -37.78
N GLN A 154 15.46 17.61 -37.15
CA GLN A 154 14.27 18.04 -37.84
C GLN A 154 13.56 19.12 -37.04
N SER A 155 12.58 19.75 -37.67
CA SER A 155 11.69 20.68 -36.99
C SER A 155 10.39 20.77 -37.78
N ARG A 156 9.27 20.73 -37.07
CA ARG A 156 7.98 20.93 -37.71
C ARG A 156 7.74 22.39 -38.06
N LEU A 157 8.55 23.30 -37.51
CA LEU A 157 8.36 24.72 -37.77
C LEU A 157 8.68 25.05 -39.22
N ASN A 158 7.91 25.99 -39.79
CA ASN A 158 8.15 26.42 -41.16
C ASN A 158 9.17 27.55 -41.23
N ALA A 159 9.72 27.95 -40.09
CA ALA A 159 10.76 28.97 -40.08
C ALA A 159 12.14 28.34 -39.93
N ASP A 160 13.17 29.12 -40.26
CA ASP A 160 14.54 28.65 -40.09
C ASP A 160 14.92 28.62 -38.61
N ILE A 161 15.72 27.62 -38.25
CA ILE A 161 16.09 27.39 -36.85
C ILE A 161 17.59 27.14 -36.78
N ASP A 162 18.27 27.88 -35.91
CA ASP A 162 19.68 27.67 -35.62
C ASP A 162 19.80 26.74 -34.43
N TYR A 163 20.76 25.82 -34.48
CA TYR A 163 20.97 24.89 -33.39
C TYR A 163 22.46 24.66 -33.20
N ARG A 164 22.81 24.14 -32.03
CA ARG A 164 24.17 23.73 -31.71
C ARG A 164 24.17 22.30 -31.19
N LEU A 165 25.10 21.50 -31.68
CA LEU A 165 25.27 20.12 -31.24
C LEU A 165 26.55 20.00 -30.46
N HIS A 166 26.46 19.51 -29.23
CA HIS A 166 27.62 19.29 -28.37
C HIS A 166 27.85 17.79 -28.20
N VAL A 167 29.01 17.32 -28.63
CA VAL A 167 29.38 15.92 -28.51
C VAL A 167 30.42 15.82 -27.40
N THR A 168 29.98 15.39 -26.22
CA THR A 168 30.81 15.29 -25.03
C THR A 168 31.17 13.83 -24.78
N HIS A 169 32.44 13.59 -24.45
CA HIS A 169 32.91 12.26 -24.10
C HIS A 169 33.25 12.23 -22.62
N LEU A 170 32.92 11.11 -21.97
CA LEU A 170 33.15 10.94 -20.54
C LEU A 170 33.39 9.47 -20.28
N ASP A 171 34.67 9.08 -20.29
CA ASP A 171 35.04 7.66 -20.32
C ASP A 171 36.53 7.55 -19.99
N ARG A 172 37.07 6.33 -20.20
CA ARG A 172 38.48 6.00 -20.05
C ARG A 172 38.89 5.97 -18.58
N ALA A 173 37.97 6.38 -17.72
CA ALA A 173 38.09 6.29 -16.27
C ALA A 173 36.73 6.74 -15.75
N GLN A 174 36.34 6.23 -14.59
CA GLN A 174 35.04 6.53 -14.01
C GLN A 174 33.95 5.83 -14.84
N TYR A 175 34.33 5.18 -15.91
CA TYR A 175 33.40 4.32 -16.63
C TYR A 175 34.43 3.24 -16.62
N ASP A 176 34.07 1.97 -16.58
CA ASP A 176 35.10 0.91 -16.45
C ASP A 176 36.02 1.11 -15.27
N PHE A 177 35.46 1.49 -14.13
CA PHE A 177 36.24 1.69 -12.93
C PHE A 177 35.88 0.58 -11.99
N LEU A 178 34.68 0.04 -12.13
CA LEU A 178 34.23 -0.95 -11.15
C LEU A 178 34.86 -2.31 -11.35
N LYS A 179 36.01 -2.37 -12.01
CA LYS A 179 36.75 -3.61 -12.12
C LYS A 179 37.61 -3.80 -10.87
N PHE A 180 37.33 -4.86 -10.13
CA PHE A 180 37.95 -5.11 -8.83
C PHE A 180 39.10 -6.09 -9.00
N LYS A 181 40.27 -5.69 -8.52
CA LYS A 181 41.42 -6.59 -8.57
C LYS A 181 41.30 -7.66 -7.51
N THR A 182 42.13 -8.70 -7.64
CA THR A 182 42.05 -9.85 -6.75
C THR A 182 42.31 -9.44 -5.30
N GLY A 183 41.43 -9.89 -4.40
CA GLY A 183 41.56 -9.57 -3.00
C GLY A 183 41.13 -8.17 -2.61
N GLN A 184 40.49 -7.44 -3.51
CA GLN A 184 40.01 -6.09 -3.23
C GLN A 184 38.49 -6.12 -3.15
N THR A 185 37.95 -5.44 -2.14
CA THR A 185 36.51 -5.40 -1.92
C THR A 185 35.93 -3.99 -1.95
N THR A 186 36.74 -2.96 -1.78
CA THR A 186 36.26 -1.58 -1.74
C THR A 186 37.09 -0.71 -2.67
N LYS A 187 36.41 0.07 -3.51
CA LYS A 187 37.05 1.07 -4.35
C LYS A 187 36.42 2.42 -4.05
N THR A 188 37.21 3.48 -4.20
CA THR A 188 36.76 4.82 -3.83
C THR A 188 37.15 5.80 -4.92
N LEU A 189 36.18 6.60 -5.36
CA LEU A 189 36.41 7.76 -6.22
C LEU A 189 36.07 9.00 -5.42
N SER A 190 37.01 9.95 -5.36
CA SER A 190 36.86 11.11 -4.50
C SER A 190 36.76 12.38 -5.33
N ASN A 191 35.77 13.22 -4.97
CA ASN A 191 35.58 14.54 -5.56
C ASN A 191 35.49 14.49 -7.08
N GLN A 192 34.58 13.65 -7.58
CA GLN A 192 34.29 13.64 -9.01
C GLN A 192 33.31 14.75 -9.35
N LYS A 193 33.68 15.57 -10.32
CA LYS A 193 32.92 16.77 -10.65
C LYS A 193 31.74 16.40 -11.55
N LEU A 194 30.56 16.92 -11.20
CA LEU A 194 29.33 16.60 -11.91
C LEU A 194 28.68 17.89 -12.37
N THR A 195 28.48 18.03 -13.68
CA THR A 195 27.84 19.20 -14.26
C THR A 195 26.64 18.73 -15.08
N PHE A 196 25.79 19.69 -15.45
CA PHE A 196 24.66 19.37 -16.32
C PHE A 196 25.11 18.99 -17.72
N VAL A 197 26.34 19.34 -18.09
CA VAL A 197 26.84 19.01 -19.41
C VAL A 197 27.61 17.69 -19.39
N LYS A 198 28.32 17.39 -18.31
CA LYS A 198 29.08 16.15 -18.19
C LYS A 198 28.57 15.34 -17.02
N PRO A 199 27.66 14.39 -17.25
CA PRO A 199 27.22 13.51 -16.16
C PRO A 199 28.23 12.43 -15.83
N ILE A 200 27.99 11.73 -14.72
CA ILE A 200 28.81 10.61 -14.31
C ILE A 200 28.12 9.31 -14.71
N GLY A 201 28.90 8.29 -15.04
CA GLY A 201 28.31 7.02 -15.42
C GLY A 201 29.27 5.86 -15.28
N PHE A 202 28.82 4.78 -14.64
CA PHE A 202 29.62 3.59 -14.41
C PHE A 202 28.97 2.39 -15.08
N PHE A 203 29.75 1.32 -15.19
CA PHE A 203 29.27 0.04 -15.70
C PHE A 203 29.77 -1.06 -14.78
N LEU A 204 28.84 -1.89 -14.31
CA LEU A 204 29.15 -2.96 -13.37
C LEU A 204 28.78 -4.29 -14.00
N ASN A 205 29.80 -5.12 -14.24
CA ASN A 205 29.60 -6.50 -14.70
C ASN A 205 29.90 -7.41 -13.51
N CYS A 206 28.85 -7.93 -12.89
CA CYS A 206 29.02 -8.77 -11.71
C CYS A 206 29.44 -10.19 -12.10
N SER A 207 29.08 -10.64 -13.30
CA SER A 207 29.57 -11.91 -13.79
C SER A 207 31.08 -11.89 -13.97
N GLU A 208 31.63 -10.78 -14.44
CA GLU A 208 33.06 -10.67 -14.68
C GLU A 208 33.83 -10.45 -13.38
N GLN A 209 33.24 -9.72 -12.43
CA GLN A 209 33.92 -9.35 -11.20
C GLN A 209 33.63 -10.30 -10.05
N ASN A 210 32.83 -11.34 -10.30
CA ASN A 210 32.49 -12.35 -9.29
C ASN A 210 31.87 -11.69 -8.05
N ILE A 211 30.93 -10.78 -8.31
CA ILE A 211 30.28 -10.00 -7.26
C ILE A 211 28.93 -10.64 -6.96
N SER A 212 28.70 -10.97 -5.69
CA SER A 212 27.43 -11.51 -5.23
C SER A 212 26.52 -10.45 -4.66
N GLN A 213 27.07 -9.52 -3.87
CA GLN A 213 26.33 -8.38 -3.37
C GLN A 213 27.20 -7.14 -3.55
N PHE A 214 26.54 -6.00 -3.69
CA PHE A 214 27.24 -4.77 -4.04
C PHE A 214 26.54 -3.59 -3.38
N HIS A 215 27.35 -2.66 -2.89
CA HIS A 215 26.83 -1.46 -2.25
C HIS A 215 27.52 -0.24 -2.84
N VAL A 216 26.73 0.73 -3.27
CA VAL A 216 27.23 1.99 -3.80
C VAL A 216 26.81 3.11 -2.86
N THR A 217 27.76 3.97 -2.51
CA THR A 217 27.48 5.15 -1.70
C THR A 217 28.02 6.39 -2.39
N LEU A 218 27.24 7.46 -2.36
CA LEU A 218 27.60 8.74 -2.96
C LEU A 218 27.66 9.78 -1.87
N TYR A 219 28.81 10.42 -1.71
CA TYR A 219 29.00 11.47 -0.71
C TYR A 219 29.18 12.81 -1.41
N SER A 220 28.46 13.82 -0.93
CA SER A 220 28.59 15.17 -1.44
C SER A 220 28.39 16.14 -0.29
N GLU A 221 29.16 17.24 -0.28
CA GLU A 221 28.96 18.26 0.73
C GLU A 221 28.07 19.39 0.22
N ASP A 222 27.93 19.51 -1.09
CA ASP A 222 27.02 20.51 -1.67
C ASP A 222 25.57 20.06 -1.52
N ASP A 223 24.69 21.02 -1.26
CA ASP A 223 23.27 20.72 -1.29
C ASP A 223 22.70 21.06 -2.67
N ILE A 224 23.29 20.47 -3.70
CA ILE A 224 22.86 20.66 -5.08
C ILE A 224 22.15 19.39 -5.51
N CYS A 225 20.98 19.55 -6.12
CA CYS A 225 20.15 18.40 -6.42
C CYS A 225 20.79 17.56 -7.52
N ALA A 226 20.72 16.25 -7.34
CA ALA A 226 21.26 15.32 -8.32
C ALA A 226 20.38 14.08 -8.34
N ASN A 227 20.58 13.26 -9.35
CA ASN A 227 19.82 12.02 -9.53
C ASN A 227 20.76 10.84 -9.65
N LEU A 228 20.42 9.77 -8.96
CA LEU A 228 21.13 8.50 -9.04
C LEU A 228 20.23 7.53 -9.78
N ILE A 229 20.59 7.21 -11.01
CA ILE A 229 19.82 6.33 -11.86
C ILE A 229 20.58 5.05 -12.05
N THR A 230 19.91 3.93 -11.86
CA THR A 230 20.51 2.63 -12.04
C THR A 230 19.56 1.78 -12.85
N VAL A 231 20.09 1.01 -13.78
CA VAL A 231 19.32 0.08 -14.61
C VAL A 231 20.17 -1.12 -14.96
N PRO A 232 19.55 -2.19 -15.45
CA PRO A 232 20.29 -3.35 -15.95
C PRO A 232 20.97 -2.97 -17.26
N ALA A 233 22.06 -3.62 -17.62
CA ALA A 233 22.75 -3.25 -18.84
C ALA A 233 21.87 -3.40 -20.09
N ASN A 234 21.02 -4.42 -20.17
CA ASN A 234 20.11 -4.55 -21.30
C ASN A 234 19.03 -3.47 -21.40
N GLU A 235 18.60 -2.92 -20.28
CA GLU A 235 17.60 -1.84 -20.20
C GLU A 235 18.09 -0.44 -20.58
N SER A 236 17.14 0.45 -20.85
CA SER A 236 17.41 1.82 -21.24
C SER A 236 16.76 2.84 -20.30
N ILE A 237 17.48 3.91 -19.98
CA ILE A 237 16.95 4.93 -19.09
C ILE A 237 15.73 5.63 -19.63
N TYR A 238 15.76 5.86 -20.94
CA TYR A 238 14.71 6.58 -21.63
C TYR A 238 13.65 5.81 -22.36
N ASP A 239 13.81 4.50 -22.49
CA ASP A 239 12.90 3.65 -23.22
C ASP A 239 11.87 3.09 -22.26
N ARG A 240 10.61 3.46 -22.47
CA ARG A 240 9.53 3.04 -21.59
C ARG A 240 9.14 1.59 -21.90
N SER A 241 8.66 0.89 -20.87
CA SER A 241 8.24 -0.49 -20.97
C SER A 241 6.78 -0.61 -20.56
N VAL A 242 6.08 -1.58 -21.16
CA VAL A 242 4.67 -1.78 -20.84
C VAL A 242 4.48 -2.06 -19.36
N ILE A 243 3.42 -1.50 -18.78
CA ILE A 243 3.20 -1.52 -17.34
C ILE A 243 4.41 -0.92 -16.62
N SER A 244 4.67 0.36 -16.87
CA SER A 244 5.89 1.00 -16.39
C SER A 244 6.06 0.87 -14.89
N ASP A 245 5.07 1.34 -14.12
CA ASP A 245 5.18 1.27 -12.67
C ASP A 245 5.17 -0.18 -12.19
N LYS A 246 4.43 -1.05 -12.88
CA LYS A 246 4.31 -2.44 -12.44
C LYS A 246 5.62 -3.20 -12.66
N THR A 247 6.16 -3.14 -13.88
CA THR A 247 7.41 -3.81 -14.21
C THR A 247 8.47 -2.73 -14.41
N HIS A 248 9.19 -2.39 -13.34
CA HIS A 248 10.16 -1.31 -13.36
C HIS A 248 11.44 -1.76 -12.67
N ASN A 249 12.51 -1.85 -13.45
CA ASN A 249 13.83 -2.22 -12.94
C ASN A 249 14.77 -1.04 -12.83
N ARG A 250 14.30 0.17 -13.10
CA ARG A 250 15.11 1.38 -13.03
C ARG A 250 14.81 2.10 -11.73
N ARG A 251 15.86 2.43 -10.98
CA ARG A 251 15.72 3.20 -9.74
C ARG A 251 16.28 4.59 -9.95
N VAL A 252 15.54 5.59 -9.51
CA VAL A 252 15.94 6.99 -9.62
C VAL A 252 15.95 7.55 -8.19
N LEU A 253 17.14 7.67 -7.62
CA LEU A 253 17.29 8.24 -6.28
C LEU A 253 17.75 9.69 -6.40
N SER A 254 16.90 10.61 -5.98
CA SER A 254 17.26 12.02 -5.91
C SER A 254 17.95 12.27 -4.58
N PHE A 255 19.11 12.91 -4.63
CA PHE A 255 19.94 13.11 -3.44
C PHE A 255 20.61 14.47 -3.50
N THR A 256 21.05 14.94 -2.33
CA THR A 256 21.87 16.13 -2.23
C THR A 256 23.23 15.83 -1.61
N LYS A 257 23.24 15.17 -0.44
CA LYS A 257 24.47 14.94 0.30
C LYS A 257 24.80 13.47 0.50
N ARG A 258 23.84 12.56 0.30
CA ARG A 258 24.15 11.14 0.39
C ARG A 258 23.11 10.35 -0.40
N ALA A 259 23.55 9.23 -0.95
CA ALA A 259 22.69 8.29 -1.65
C ALA A 259 23.33 6.91 -1.59
N ASP A 260 22.50 5.89 -1.45
CA ASP A 260 22.98 4.53 -1.28
C ASP A 260 22.24 3.58 -2.22
N ILE A 261 22.99 2.62 -2.75
CA ILE A 261 22.45 1.56 -3.59
C ILE A 261 22.86 0.24 -2.99
N PHE A 262 21.92 -0.68 -2.84
CA PHE A 262 22.22 -2.04 -2.40
C PHE A 262 21.74 -3.00 -3.47
N PHE A 263 22.69 -3.67 -4.12
CA PHE A 263 22.38 -4.74 -5.07
C PHE A 263 22.36 -6.05 -4.31
N THR A 264 21.16 -6.54 -4.02
CA THR A 264 21.03 -7.78 -3.27
C THR A 264 21.50 -8.95 -4.12
N GLU A 265 21.69 -10.09 -3.45
CA GLU A 265 22.20 -11.28 -4.14
C GLU A 265 21.21 -11.80 -5.16
N THR A 266 19.91 -11.62 -4.93
CA THR A 266 18.91 -12.08 -5.89
C THR A 266 18.79 -11.14 -7.07
N GLU A 267 19.10 -9.86 -6.89
CA GLU A 267 19.07 -8.91 -8.00
C GLU A 267 20.29 -9.07 -8.90
N ILE A 268 21.46 -9.29 -8.31
CA ILE A 268 22.65 -9.56 -9.11
C ILE A 268 22.43 -10.76 -10.02
N SER A 269 21.71 -11.78 -9.53
CA SER A 269 21.52 -12.98 -10.32
C SER A 269 20.48 -12.80 -11.41
N MET A 270 19.55 -11.85 -11.23
CA MET A 270 18.53 -11.63 -12.25
C MET A 270 19.12 -10.97 -13.50
N PHE A 271 20.04 -10.03 -13.33
CA PHE A 271 20.53 -9.22 -14.44
C PHE A 271 22.01 -9.40 -14.73
N LYS A 272 22.84 -9.59 -13.70
CA LYS A 272 24.25 -9.97 -13.83
C LYS A 272 25.05 -8.76 -14.29
N SER A 273 24.43 -7.64 -14.65
CA SER A 273 25.18 -6.45 -15.05
C SER A 273 24.29 -5.22 -15.01
N PHE A 274 24.87 -4.10 -14.58
CA PHE A 274 24.12 -2.90 -14.30
C PHE A 274 24.87 -1.67 -14.82
N ARG A 275 24.11 -0.61 -15.05
CA ARG A 275 24.65 0.69 -15.44
C ARG A 275 24.20 1.74 -14.42
N ILE A 276 25.17 2.42 -13.82
CA ILE A 276 24.90 3.43 -12.80
C ILE A 276 25.24 4.80 -13.38
N PHE A 277 24.28 5.73 -13.29
CA PHE A 277 24.45 7.07 -13.81
C PHE A 277 24.15 8.08 -12.71
N VAL A 278 24.84 9.22 -12.76
CA VAL A 278 24.62 10.32 -11.84
C VAL A 278 24.39 11.56 -12.70
N PHE A 279 23.20 12.15 -12.58
CA PHE A 279 22.83 13.35 -13.30
C PHE A 279 22.51 14.46 -12.31
N ILE A 280 22.60 15.70 -12.77
CA ILE A 280 22.13 16.86 -12.02
C ILE A 280 20.66 17.07 -12.36
N ALA A 281 19.82 17.05 -11.34
CA ALA A 281 18.41 17.35 -11.51
C ALA A 281 18.24 18.82 -11.87
N PRO A 282 17.74 19.15 -13.07
CA PRO A 282 17.54 20.57 -13.41
C PRO A 282 16.40 21.20 -12.62
N ASP A 283 15.40 20.43 -12.23
CA ASP A 283 14.35 20.87 -11.32
C ASP A 283 14.58 20.23 -9.95
N ASP A 284 14.57 21.04 -8.90
CA ASP A 284 14.87 20.58 -7.56
C ASP A 284 13.61 20.16 -6.79
N SER A 285 12.58 19.69 -7.49
CA SER A 285 11.33 19.31 -6.83
C SER A 285 11.50 18.07 -5.96
N GLY A 286 12.24 17.08 -6.45
CA GLY A 286 12.43 15.85 -5.69
C GLY A 286 13.34 15.99 -4.49
N CYS A 287 13.89 17.18 -4.26
CA CYS A 287 14.83 17.40 -3.18
C CYS A 287 14.55 18.66 -2.37
N SER A 288 13.74 19.58 -2.90
CA SER A 288 13.43 20.82 -2.22
C SER A 288 11.97 21.17 -2.46
N THR A 289 11.35 21.82 -1.48
CA THR A 289 9.94 22.17 -1.59
C THR A 289 9.74 23.52 -2.28
N ASN A 290 10.69 24.42 -2.13
CA ASN A 290 10.59 25.77 -2.68
C ASN A 290 11.30 25.83 -4.03
N THR A 291 10.79 26.66 -4.93
CA THR A 291 11.41 26.89 -6.22
C THR A 291 12.49 27.94 -6.05
N SER A 292 13.75 27.56 -6.30
CA SER A 292 14.88 28.45 -6.08
C SER A 292 15.84 28.34 -7.24
N ARG A 293 15.94 29.41 -8.04
CA ARG A 293 16.92 29.53 -9.11
C ARG A 293 16.93 28.30 -10.02
N LYS A 294 15.74 27.86 -10.43
CA LYS A 294 15.54 26.65 -11.22
C LYS A 294 16.55 26.52 -12.36
N SER A 295 16.86 27.62 -13.03
CA SER A 295 17.88 27.65 -14.07
C SER A 295 19.23 27.96 -13.42
N PHE A 296 20.21 27.07 -13.60
CA PHE A 296 21.52 27.27 -13.01
C PHE A 296 22.55 26.43 -13.75
N ASN A 297 23.82 26.81 -13.58
CA ASN A 297 24.96 26.03 -14.04
C ASN A 297 25.86 25.86 -12.82
N GLU A 298 25.59 24.81 -12.04
CA GLU A 298 26.28 24.57 -10.77
C GLU A 298 26.99 23.23 -10.84
N LYS A 299 28.30 23.25 -10.61
CA LYS A 299 29.06 22.00 -10.55
C LYS A 299 28.87 21.34 -9.19
N LYS A 300 29.04 20.02 -9.16
CA LYS A 300 28.84 19.25 -7.94
C LYS A 300 29.95 18.22 -7.82
N LYS A 301 30.60 18.19 -6.65
CA LYS A 301 31.65 17.23 -6.35
C LYS A 301 31.05 16.08 -5.57
N ILE A 302 31.24 14.86 -6.06
CA ILE A 302 30.69 13.66 -5.44
C ILE A 302 31.82 12.69 -5.19
N SER A 303 31.76 12.00 -4.05
CA SER A 303 32.68 10.94 -3.71
C SER A 303 31.93 9.61 -3.74
N PHE A 304 32.55 8.60 -4.35
CA PHE A 304 31.94 7.29 -4.48
C PHE A 304 32.66 6.27 -3.61
N GLU A 305 31.89 5.30 -3.13
CA GLU A 305 32.45 4.14 -2.44
C GLU A 305 31.71 2.91 -2.92
N PHE A 306 32.44 1.97 -3.50
CA PHE A 306 31.86 0.73 -4.03
C PHE A 306 32.34 -0.43 -3.20
N LYS A 307 31.42 -1.10 -2.52
CA LYS A 307 31.75 -2.22 -1.65
C LYS A 307 31.35 -3.53 -2.32
N LYS A 308 32.26 -4.50 -2.25
CA LYS A 308 32.01 -5.86 -2.73
C LYS A 308 31.62 -6.68 -1.50
N LEU A 309 30.32 -6.79 -1.25
CA LEU A 309 29.82 -7.36 0.00
C LEU A 309 29.73 -8.88 -0.11
N GLU A 310 30.20 -9.56 0.93
CA GLU A 310 30.03 -11.00 1.07
C GLU A 310 29.05 -11.26 2.20
N ASN A 311 28.16 -12.24 2.01
CA ASN A 311 27.18 -12.58 3.02
C ASN A 311 27.88 -13.01 4.31
N GLN A 312 27.43 -12.46 5.43
CA GLN A 312 28.10 -12.68 6.70
C GLN A 312 27.07 -12.75 7.83
N SER A 313 27.43 -13.51 8.86
CA SER A 313 26.64 -13.61 10.08
C SER A 313 27.32 -12.81 11.18
N TYR A 314 26.57 -11.92 11.80
CA TYR A 314 27.11 -11.03 12.83
C TYR A 314 27.07 -11.73 14.19
N ALA A 315 27.89 -12.77 14.30
CA ALA A 315 27.84 -13.64 15.48
C ALA A 315 28.36 -12.92 16.73
N VAL A 316 29.34 -12.04 16.56
CA VAL A 316 29.95 -11.37 17.71
C VAL A 316 29.04 -10.25 18.24
N PRO A 317 28.48 -9.36 17.38
CA PRO A 317 27.56 -8.35 17.93
C PRO A 317 26.27 -8.95 18.46
N THR A 318 25.83 -10.05 17.86
CA THR A 318 24.58 -10.68 18.30
C THR A 318 24.78 -11.42 19.62
N ALA A 319 25.89 -12.14 19.76
CA ALA A 319 26.15 -12.85 21.01
C ALA A 319 26.40 -11.89 22.16
N LEU A 320 27.14 -10.81 21.92
CA LEU A 320 27.35 -9.80 22.94
C LEU A 320 26.08 -9.02 23.26
N MET A 321 25.11 -8.98 22.35
CA MET A 321 23.83 -8.36 22.65
C MET A 321 22.96 -9.27 23.50
N MET A 322 23.06 -10.59 23.28
CA MET A 322 22.27 -11.53 24.06
C MET A 322 22.86 -11.72 25.46
N ILE A 323 24.18 -11.65 25.60
CA ILE A 323 24.78 -11.70 26.93
C ILE A 323 24.38 -10.48 27.74
N PHE A 324 24.30 -9.32 27.08
CA PHE A 324 23.92 -8.09 27.75
C PHE A 324 22.43 -8.08 28.10
N LEU A 325 21.60 -8.77 27.32
CA LEU A 325 20.16 -8.77 27.56
C LEU A 325 19.73 -9.86 28.53
N THR A 326 20.49 -10.96 28.60
CA THR A 326 20.17 -12.07 29.50
C THR A 326 20.72 -11.86 30.90
N THR A 327 21.68 -10.95 31.07
CA THR A 327 22.26 -10.68 32.38
C THR A 327 21.25 -10.07 33.36
N PRO A 328 20.49 -9.03 32.97
CA PRO A 328 19.54 -8.46 33.93
C PRO A 328 18.35 -9.35 34.27
N CYS A 329 18.16 -10.46 33.55
CA CYS A 329 17.12 -11.41 33.91
C CYS A 329 17.41 -12.14 35.21
N LEU A 330 18.61 -11.96 35.77
CA LEU A 330 18.93 -12.58 37.05
C LEU A 330 18.18 -11.95 38.21
N LEU A 331 17.53 -10.80 37.98
CA LEU A 331 16.69 -10.22 39.03
C LEU A 331 15.43 -11.05 39.26
N PHE A 332 14.98 -11.77 38.22
CA PHE A 332 13.83 -12.65 38.38
C PHE A 332 14.17 -13.90 39.19
N LEU A 333 15.44 -14.31 39.17
CA LEU A 333 15.85 -15.58 39.77
C LEU A 333 15.57 -15.65 41.27
N PRO A 334 16.07 -14.71 42.09
CA PRO A 334 15.99 -14.94 43.54
C PRO A 334 14.58 -14.80 44.10
N ILE A 335 13.80 -13.84 43.62
CA ILE A 335 12.53 -13.50 44.26
C ILE A 335 11.37 -14.18 43.55
N VAL A 336 11.32 -14.09 42.22
CA VAL A 336 10.16 -14.58 41.49
C VAL A 336 10.22 -16.09 41.30
N ILE A 337 11.36 -16.62 40.87
CA ILE A 337 11.42 -18.01 40.46
C ILE A 337 11.46 -18.94 41.66
N ASN A 338 12.21 -18.58 42.70
CA ASN A 338 12.33 -19.45 43.87
C ASN A 338 10.98 -19.68 44.54
N ILE A 339 10.07 -18.72 44.44
CA ILE A 339 8.72 -18.93 44.99
C ILE A 339 8.00 -20.02 44.21
N ILE A 340 8.22 -20.09 42.90
CA ILE A 340 7.63 -21.15 42.09
C ILE A 340 8.16 -22.51 42.52
N LYS A 341 9.43 -22.56 42.92
CA LYS A 341 9.98 -23.81 43.44
C LYS A 341 9.39 -24.17 44.79
N ASN A 342 9.27 -23.19 45.69
CA ASN A 342 8.85 -23.46 47.06
C ASN A 342 7.42 -23.99 47.13
N SER A 343 6.56 -23.58 46.20
CA SER A 343 5.16 -24.00 46.26
C SER A 343 5.01 -25.48 45.93
N ARG A 344 5.80 -25.98 44.98
CA ARG A 344 5.72 -27.37 44.58
C ARG A 344 6.62 -28.25 45.45
N SER A 425 -12.16 -19.83 36.82
CA SER A 425 -12.02 -20.68 35.65
C SER A 425 -11.14 -20.01 34.61
N LEU A 426 -10.13 -20.73 34.11
CA LEU A 426 -9.21 -20.15 33.15
C LEU A 426 -9.91 -19.85 31.83
N HIS A 427 -10.75 -20.79 31.35
CA HIS A 427 -11.49 -20.55 30.12
C HIS A 427 -12.45 -19.37 30.26
N GLY A 428 -12.80 -18.99 31.48
CA GLY A 428 -13.60 -17.80 31.70
C GLY A 428 -12.77 -16.54 31.56
N GLN A 429 -11.49 -16.64 31.91
CA GLN A 429 -10.55 -15.53 31.73
C GLN A 429 -9.91 -15.53 30.35
N MET A 430 -9.79 -16.70 29.71
CA MET A 430 -9.12 -16.80 28.43
C MET A 430 -10.04 -16.42 27.27
N LEU A 431 -11.35 -16.59 27.41
CA LEU A 431 -12.27 -16.22 26.34
C LEU A 431 -12.79 -14.80 26.50
N GLN A 432 -12.64 -14.23 27.70
CA GLN A 432 -12.98 -12.83 27.93
C GLN A 432 -11.74 -11.94 27.93
N TYR A 433 -10.56 -12.50 27.73
CA TYR A 433 -9.36 -11.69 27.64
C TYR A 433 -9.34 -10.93 26.32
N PRO A 434 -8.93 -9.66 26.32
CA PRO A 434 -8.88 -8.92 25.05
C PRO A 434 -7.75 -9.38 24.16
N VAL A 435 -8.09 -10.12 23.10
CA VAL A 435 -7.08 -10.54 22.12
C VAL A 435 -7.12 -9.70 20.86
N ALA A 436 -8.10 -8.80 20.73
CA ALA A 436 -8.17 -7.88 19.61
C ALA A 436 -7.22 -6.70 19.77
N ILE A 437 -6.49 -6.63 20.89
CA ILE A 437 -5.40 -5.67 21.03
C ILE A 437 -4.19 -6.08 20.21
N ILE A 438 -4.13 -7.35 19.81
CA ILE A 438 -3.01 -7.84 19.01
C ILE A 438 -3.21 -7.49 17.53
N LEU A 439 -4.45 -7.29 17.11
CA LEU A 439 -4.81 -7.11 15.72
C LEU A 439 -4.25 -5.83 15.10
N PRO A 440 -4.23 -4.67 15.80
CA PRO A 440 -3.63 -3.47 15.19
C PRO A 440 -2.19 -3.67 14.73
N VAL A 441 -1.44 -4.48 15.46
CA VAL A 441 -0.03 -4.70 15.19
C VAL A 441 0.18 -5.81 14.17
N LEU A 442 -0.60 -6.89 14.27
CA LEU A 442 -0.48 -8.01 13.35
C LEU A 442 -1.09 -7.71 11.98
N MET A 443 -2.06 -6.81 11.90
CA MET A 443 -2.61 -6.39 10.62
C MET A 443 -1.76 -5.34 9.93
N HIS A 444 -0.93 -4.63 10.69
CA HIS A 444 0.07 -3.75 10.09
C HIS A 444 1.25 -4.55 9.57
N THR A 445 1.67 -5.57 10.32
CA THR A 445 2.75 -6.44 9.87
C THR A 445 2.39 -7.19 8.59
N ALA A 446 1.12 -7.60 8.45
CA ALA A 446 0.71 -8.31 7.25
C ALA A 446 0.66 -7.40 6.04
N ILE A 447 0.37 -6.12 6.25
CA ILE A 447 0.31 -5.16 5.15
C ILE A 447 1.70 -4.68 4.75
N GLU A 448 2.61 -4.53 5.71
CA GLU A 448 3.97 -4.13 5.40
C GLU A 448 4.77 -5.24 4.76
N PHE A 449 4.42 -6.50 5.03
CA PHE A 449 5.07 -7.62 4.34
C PHE A 449 4.54 -7.78 2.92
N HIS A 450 3.25 -7.51 2.72
CA HIS A 450 2.71 -7.52 1.36
C HIS A 450 3.32 -6.42 0.52
N LYS A 451 3.42 -5.22 1.08
CA LYS A 451 4.02 -4.10 0.37
C LYS A 451 5.51 -4.31 0.12
N TRP A 452 6.15 -5.22 0.86
CA TRP A 452 7.57 -5.49 0.72
C TRP A 452 7.87 -6.61 -0.25
N THR A 453 7.06 -7.66 -0.27
CA THR A 453 7.29 -8.78 -1.19
C THR A 453 6.77 -8.51 -2.59
N THR A 454 5.88 -7.52 -2.75
CA THR A 454 5.40 -7.18 -4.09
C THR A 454 6.28 -6.13 -4.74
N SER A 455 7.06 -5.40 -3.95
CA SER A 455 7.95 -4.38 -4.50
C SER A 455 9.09 -5.03 -5.27
N THR A 456 9.52 -4.37 -6.34
CA THR A 456 10.67 -4.84 -7.09
C THR A 456 11.95 -4.50 -6.35
N MET A 457 13.05 -5.12 -6.80
CA MET A 457 14.35 -4.86 -6.18
C MET A 457 14.74 -3.39 -6.28
N ALA A 458 14.39 -2.73 -7.40
CA ALA A 458 14.74 -1.33 -7.57
C ALA A 458 13.82 -0.41 -6.78
N ASN A 459 12.57 -0.81 -6.57
CA ASN A 459 11.64 0.02 -5.81
C ASN A 459 11.94 0.03 -4.32
N ARG A 460 12.57 -1.01 -3.78
CA ARG A 460 12.90 -1.06 -2.37
C ARG A 460 13.98 -0.06 -1.98
N ASP A 461 14.75 0.46 -2.93
CA ASP A 461 15.73 1.48 -2.64
C ASP A 461 15.17 2.89 -2.70
N GLU A 462 14.18 3.13 -3.56
CA GLU A 462 13.52 4.43 -3.60
C GLU A 462 12.50 4.61 -2.49
N MET A 463 12.01 3.50 -1.92
CA MET A 463 10.88 3.54 -1.01
C MET A 463 11.28 3.48 0.46
N CYS A 464 12.28 2.69 0.81
CA CYS A 464 12.67 2.47 2.20
C CYS A 464 13.80 3.43 2.55
N PHE A 465 13.66 4.14 3.66
CA PHE A 465 14.62 5.15 4.08
C PHE A 465 15.34 4.65 5.34
N HIS A 466 16.50 4.05 5.13
CA HIS A 466 17.31 3.56 6.24
C HIS A 466 18.36 4.61 6.61
N ASN A 467 19.09 4.35 7.68
CA ASN A 467 20.30 5.11 8.02
C ASN A 467 21.45 4.24 7.57
N HIS A 468 21.91 4.45 6.34
CA HIS A 468 22.85 3.53 5.72
C HIS A 468 24.26 3.67 6.24
N ALA A 469 24.53 4.69 7.06
CA ALA A 469 25.81 4.73 7.77
C ALA A 469 25.84 3.69 8.88
N CYS A 470 24.66 3.35 9.42
CA CYS A 470 24.51 2.33 10.44
C CYS A 470 23.47 1.28 10.04
N ALA A 471 23.56 0.78 8.81
CA ALA A 471 22.66 -0.26 8.33
C ALA A 471 23.49 -1.45 7.89
N ARG A 472 23.39 -2.55 8.64
CA ARG A 472 24.12 -3.77 8.31
C ARG A 472 23.16 -4.73 7.65
N PRO A 473 23.47 -5.25 6.46
CA PRO A 473 22.47 -6.06 5.74
C PRO A 473 22.54 -7.54 6.09
N LEU A 474 21.41 -8.21 5.90
CA LEU A 474 21.33 -9.67 5.98
C LEU A 474 20.37 -10.14 4.90
N GLY A 475 20.92 -10.66 3.81
CA GLY A 475 20.05 -11.06 2.71
C GLY A 475 19.46 -9.83 2.04
N GLU A 476 18.13 -9.81 1.97
CA GLU A 476 17.44 -8.67 1.38
C GLU A 476 17.21 -7.54 2.38
N LEU A 477 17.35 -7.84 3.68
CA LEU A 477 17.13 -6.82 4.70
C LEU A 477 18.31 -5.87 4.74
N ARG A 478 18.03 -4.58 4.54
CA ARG A 478 19.09 -3.57 4.48
C ARG A 478 19.61 -3.15 5.84
N ALA A 479 18.81 -3.31 6.90
CA ALA A 479 19.23 -2.96 8.26
C ALA A 479 18.86 -4.14 9.16
N TRP A 480 19.76 -5.11 9.25
CA TRP A 480 19.59 -6.24 10.14
C TRP A 480 19.80 -5.86 11.61
N ASN A 481 20.67 -4.89 11.87
CA ASN A 481 20.90 -4.46 13.25
C ASN A 481 19.65 -3.83 13.86
N ASN A 482 18.79 -3.23 13.04
CA ASN A 482 17.59 -2.62 13.55
C ASN A 482 16.47 -3.62 13.77
N ILE A 483 16.58 -4.81 13.17
CA ILE A 483 15.58 -5.84 13.31
C ILE A 483 15.92 -6.80 14.44
N ILE A 484 17.18 -7.21 14.55
CA ILE A 484 17.57 -8.17 15.58
C ILE A 484 17.73 -7.53 16.96
N THR A 485 17.92 -6.22 17.04
CA THR A 485 18.02 -5.57 18.34
C THR A 485 16.68 -5.46 19.04
N ASN A 486 15.59 -5.77 18.36
CA ASN A 486 14.28 -5.84 18.97
C ASN A 486 14.03 -7.17 19.67
N ILE A 487 15.04 -8.03 19.79
CA ILE A 487 14.85 -9.34 20.41
C ILE A 487 14.79 -9.27 21.92
N GLY A 488 15.19 -8.15 22.53
CA GLY A 488 15.04 -8.01 23.96
C GLY A 488 13.59 -7.81 24.36
N TYR A 489 12.81 -7.18 23.50
CA TYR A 489 11.37 -7.06 23.71
C TYR A 489 10.69 -8.42 23.64
N THR A 490 11.07 -9.26 22.68
CA THR A 490 10.53 -10.61 22.60
C THR A 490 10.97 -11.45 23.79
N LEU A 491 12.24 -11.37 24.16
CA LEU A 491 12.75 -12.14 25.28
C LEU A 491 12.08 -11.75 26.58
N TYR A 492 11.99 -10.45 26.86
CA TYR A 492 11.39 -10.01 28.12
C TYR A 492 9.89 -10.18 28.12
N GLY A 493 9.24 -9.87 26.99
CA GLY A 493 7.79 -10.05 26.91
C GLY A 493 7.37 -11.49 27.14
N ALA A 494 8.16 -12.44 26.64
CA ALA A 494 7.83 -13.84 26.84
C ALA A 494 8.07 -14.26 28.30
N ILE A 495 9.02 -13.61 28.97
CA ILE A 495 9.24 -13.87 30.38
C ILE A 495 8.14 -13.27 31.23
N PHE A 496 7.65 -12.08 30.84
CA PHE A 496 6.54 -11.47 31.56
C PHE A 496 5.30 -12.35 31.49
N ILE A 497 5.04 -12.95 30.33
CA ILE A 497 3.88 -13.82 30.19
C ILE A 497 4.08 -15.10 31.00
N VAL A 498 5.25 -15.73 30.90
CA VAL A 498 5.46 -17.02 31.53
C VAL A 498 5.50 -16.88 33.05
N LEU A 499 6.23 -15.89 33.56
CA LEU A 499 6.36 -15.76 35.00
C LEU A 499 5.05 -15.37 35.66
N SER A 500 4.26 -14.52 35.00
CA SER A 500 2.97 -14.13 35.56
C SER A 500 2.02 -15.30 35.62
N ILE A 501 2.05 -16.17 34.60
CA ILE A 501 1.19 -17.34 34.58
C ILE A 501 1.68 -18.39 35.57
N CYS A 502 2.99 -18.47 35.78
CA CYS A 502 3.53 -19.51 36.64
C CYS A 502 3.50 -19.11 38.12
N ARG A 503 3.52 -17.82 38.44
CA ARG A 503 3.62 -17.39 39.83
C ARG A 503 2.28 -17.03 40.45
N ARG A 504 1.17 -17.27 39.76
CA ARG A 504 -0.15 -17.11 40.38
C ARG A 504 -0.53 -18.36 41.17
N GLY A 505 0.38 -18.76 42.05
CA GLY A 505 0.21 -19.97 42.83
C GLY A 505 0.72 -21.20 42.10
N SER A 510 -4.16 -15.83 50.52
CA SER A 510 -3.66 -14.93 49.49
C SER A 510 -4.74 -13.94 49.07
N HIS A 511 -5.99 -14.28 49.34
CA HIS A 511 -7.09 -13.37 49.02
C HIS A 511 -7.28 -12.33 50.11
N VAL A 512 -6.76 -12.60 51.31
CA VAL A 512 -6.95 -11.66 52.41
C VAL A 512 -5.70 -10.81 52.64
N PHE A 513 -4.52 -11.38 52.39
CA PHE A 513 -3.26 -10.67 52.59
C PHE A 513 -2.71 -10.15 51.27
N GLY A 514 -1.91 -9.08 51.37
CA GLY A 514 -1.21 -8.56 50.22
C GLY A 514 -2.06 -7.65 49.38
N THR A 515 -1.45 -7.14 48.32
CA THR A 515 -2.20 -6.41 47.31
C THR A 515 -2.79 -7.39 46.29
N TYR A 516 -3.69 -6.88 45.47
CA TYR A 516 -4.38 -7.74 44.52
C TYR A 516 -3.42 -8.19 43.42
N GLU A 517 -3.51 -9.47 43.06
CA GLU A 517 -2.57 -10.03 42.09
C GLU A 517 -2.89 -9.53 40.68
N CYS A 518 -1.87 -8.98 40.03
CA CYS A 518 -2.02 -8.43 38.68
C CYS A 518 -1.60 -9.45 37.63
N THR A 519 -2.23 -10.62 37.63
CA THR A 519 -1.75 -11.70 36.78
C THR A 519 -2.06 -11.46 35.30
N LEU A 520 -3.28 -11.03 34.99
CA LEU A 520 -3.68 -10.86 33.60
C LEU A 520 -3.27 -9.51 33.03
N LEU A 521 -2.93 -8.53 33.87
CA LEU A 521 -2.39 -7.28 33.35
C LEU A 521 -0.89 -7.38 33.13
N ASP A 522 -0.20 -8.16 33.94
CA ASP A 522 1.20 -8.44 33.70
C ASP A 522 1.43 -9.35 32.51
N VAL A 523 0.40 -10.07 32.08
CA VAL A 523 0.49 -10.83 30.83
C VAL A 523 0.21 -9.91 29.64
N THR A 524 -0.67 -8.93 29.82
CA THR A 524 -0.92 -7.95 28.78
C THR A 524 0.29 -7.04 28.55
N ILE A 525 1.05 -6.74 29.60
CA ILE A 525 2.27 -5.96 29.42
C ILE A 525 3.31 -6.77 28.67
N GLY A 526 3.38 -8.08 28.90
CA GLY A 526 4.31 -8.92 28.16
C GLY A 526 3.86 -9.18 26.75
N VAL A 527 2.56 -9.09 26.48
CA VAL A 527 2.07 -9.20 25.11
C VAL A 527 2.47 -7.99 24.29
N PHE A 528 2.32 -6.79 24.87
CA PHE A 528 2.70 -5.58 24.16
C PHE A 528 4.21 -5.40 24.13
N MET A 529 4.92 -6.02 25.06
CA MET A 529 6.37 -6.10 24.95
C MET A 529 6.80 -6.94 23.76
N VAL A 530 6.13 -8.06 23.51
CA VAL A 530 6.40 -8.89 22.34
C VAL A 530 5.89 -8.21 21.07
N LEU A 531 4.73 -7.55 21.13
CA LEU A 531 4.21 -6.82 19.99
C LEU A 531 5.10 -5.67 19.56
N GLN A 532 5.80 -5.04 20.49
CA GLN A 532 6.74 -3.97 20.14
C GLN A 532 7.92 -4.48 19.35
N SER A 533 8.32 -5.73 19.56
CA SER A 533 9.36 -6.33 18.75
C SER A 533 8.88 -6.68 17.35
N ILE A 534 7.62 -7.07 17.22
CA ILE A 534 7.04 -7.34 15.91
C ILE A 534 6.75 -6.04 15.16
N ALA A 535 6.28 -5.01 15.85
CA ALA A 535 5.97 -3.73 15.23
C ALA A 535 7.21 -2.97 14.79
N SER A 536 8.31 -3.08 15.54
CA SER A 536 9.53 -2.37 15.19
C SER A 536 10.39 -3.13 14.19
N ALA A 537 10.43 -4.46 14.27
CA ALA A 537 11.17 -5.22 13.27
C ALA A 537 10.51 -5.09 11.90
N THR A 538 9.20 -4.89 11.88
CA THR A 538 8.46 -4.64 10.64
C THR A 538 8.66 -3.23 10.12
N TYR A 539 8.84 -2.25 11.01
CA TYR A 539 9.11 -0.89 10.57
C TYR A 539 10.49 -0.76 9.94
N HIS A 540 11.42 -1.58 10.40
CA HIS A 540 12.78 -1.53 9.97
C HIS A 540 13.07 -2.31 8.73
N ILE A 541 12.07 -2.98 8.21
CA ILE A 541 12.21 -3.65 6.92
C ILE A 541 12.05 -2.64 5.79
N CYS A 542 11.07 -1.75 5.91
CA CYS A 542 10.93 -0.61 5.01
C CYS A 542 10.43 0.58 5.83
N PRO A 543 11.29 1.51 6.17
CA PRO A 543 10.90 2.64 7.03
C PRO A 543 10.15 3.74 6.31
N SER A 544 9.56 3.46 5.15
CA SER A 544 8.83 4.46 4.38
C SER A 544 7.75 5.16 5.21
N ASP A 545 7.28 6.33 4.73
CA ASP A 545 6.29 7.13 5.44
C ASP A 545 4.91 6.52 5.22
N VAL A 546 4.57 5.56 6.07
CA VAL A 546 3.27 4.89 6.07
C VAL A 546 2.29 5.68 6.93
N ALA A 547 0.99 5.38 6.79
CA ALA A 547 -0.04 6.07 7.55
C ALA A 547 0.13 5.84 9.05
N PHE A 548 0.24 4.57 9.45
CA PHE A 548 0.49 4.21 10.84
C PHE A 548 1.95 3.83 10.99
N GLN A 549 2.70 4.60 11.79
CA GLN A 549 4.14 4.39 11.88
C GLN A 549 4.47 3.07 12.60
N PHE A 550 4.01 2.92 13.84
CA PHE A 550 4.07 1.67 14.59
C PHE A 550 5.51 1.26 14.92
N ASP A 551 6.38 2.22 15.25
CA ASP A 551 7.66 1.87 15.85
C ASP A 551 7.59 2.00 17.36
N THR A 552 7.24 3.18 17.86
CA THR A 552 7.04 3.51 19.26
C THR A 552 5.70 3.08 19.87
N PRO A 553 4.53 3.22 19.16
CA PRO A 553 3.22 3.11 19.83
C PRO A 553 3.03 1.99 20.83
N CYS A 554 3.69 0.85 20.65
CA CYS A 554 3.54 -0.21 21.65
C CYS A 554 4.28 0.09 22.94
N ILE A 555 5.25 1.00 22.93
CA ILE A 555 5.87 1.46 24.16
C ILE A 555 4.90 2.32 24.97
N GLN A 556 4.12 3.14 24.28
CA GLN A 556 3.17 4.02 24.95
C GLN A 556 2.07 3.23 25.65
N VAL A 557 1.69 2.07 25.12
CA VAL A 557 0.75 1.21 25.81
C VAL A 557 1.39 0.50 26.99
N ILE A 558 2.65 0.08 26.87
CA ILE A 558 3.36 -0.53 27.98
C ILE A 558 3.50 0.45 29.14
N CYS A 559 3.72 1.73 28.83
CA CYS A 559 3.84 2.76 29.86
C CYS A 559 2.49 3.12 30.48
N GLY A 560 1.41 3.06 29.72
CA GLY A 560 0.09 3.35 30.25
C GLY A 560 -0.49 2.17 30.99
N LEU A 561 -0.05 0.97 30.63
CA LEU A 561 -0.49 -0.23 31.35
C LEU A 561 0.16 -0.33 32.72
N LEU A 562 1.38 0.19 32.87
CA LEU A 562 2.02 0.22 34.18
C LEU A 562 1.41 1.25 35.11
N MET A 563 0.77 2.29 34.56
CA MET A 563 0.00 3.24 35.36
C MET A 563 -1.37 2.69 35.72
N VAL A 564 -1.99 1.95 34.79
CA VAL A 564 -3.25 1.27 35.10
C VAL A 564 -3.04 0.23 36.18
N ARG A 565 -1.88 -0.44 36.15
CA ARG A 565 -1.57 -1.43 37.18
C ARG A 565 -1.51 -0.79 38.56
N GLN A 566 -0.76 0.31 38.68
CA GLN A 566 -0.58 0.94 39.98
C GLN A 566 -1.79 1.76 40.39
N TRP A 567 -2.68 2.06 39.44
CA TRP A 567 -3.90 2.77 39.77
C TRP A 567 -4.86 1.88 40.56
N PHE A 568 -4.94 0.61 40.18
CA PHE A 568 -5.93 -0.30 40.73
C PHE A 568 -5.36 -1.37 41.64
N VAL A 569 -4.04 -1.49 41.74
CA VAL A 569 -3.44 -2.64 42.44
C VAL A 569 -3.88 -2.70 43.89
N ARG A 570 -4.21 -1.56 44.50
CA ARG A 570 -4.67 -1.56 45.88
C ARG A 570 -6.19 -1.55 45.99
N HIS A 571 -6.89 -1.19 44.91
CA HIS A 571 -8.35 -1.24 44.92
C HIS A 571 -8.85 -2.63 44.55
N GLU A 572 -8.35 -3.19 43.45
CA GLU A 572 -8.86 -4.43 42.91
C GLU A 572 -7.78 -5.10 42.09
N SER A 573 -8.13 -6.22 41.48
CA SER A 573 -7.23 -6.85 40.52
C SER A 573 -7.36 -6.14 39.19
N PRO A 574 -6.34 -5.43 38.72
CA PRO A 574 -6.49 -4.60 37.51
C PRO A 574 -6.86 -5.45 36.29
N SER A 575 -7.82 -4.96 35.55
CA SER A 575 -8.38 -5.68 34.43
C SER A 575 -7.67 -5.29 33.13
N PRO A 576 -7.35 -6.27 32.29
CA PRO A 576 -6.81 -5.95 30.96
C PRO A 576 -7.81 -5.28 30.04
N ALA A 577 -9.06 -5.11 30.48
CA ALA A 577 -10.07 -4.42 29.68
C ALA A 577 -9.79 -2.94 29.51
N TYR A 578 -8.94 -2.35 30.35
CA TYR A 578 -8.55 -0.96 30.17
C TYR A 578 -7.55 -0.78 29.03
N THR A 579 -7.06 -1.87 28.45
CA THR A 579 -6.15 -1.76 27.32
C THR A 579 -6.86 -1.27 26.07
N ASN A 580 -8.18 -1.50 25.98
CA ASN A 580 -8.92 -1.10 24.79
C ASN A 580 -8.93 0.41 24.63
N ILE A 581 -9.35 1.13 25.67
CA ILE A 581 -9.34 2.59 25.61
C ILE A 581 -7.93 3.14 25.56
N LEU A 582 -6.96 2.41 26.13
CA LEU A 582 -5.57 2.85 26.09
C LEU A 582 -4.96 2.64 24.72
N LEU A 583 -5.23 1.49 24.09
CA LEU A 583 -4.68 1.24 22.77
C LEU A 583 -5.39 2.05 21.69
N VAL A 584 -6.72 2.20 21.80
CA VAL A 584 -7.44 3.01 20.83
C VAL A 584 -6.96 4.46 20.88
N GLY A 585 -6.68 4.98 22.09
CA GLY A 585 -6.15 6.32 22.18
C GLY A 585 -4.74 6.46 21.66
N VAL A 586 -3.93 5.41 21.80
CA VAL A 586 -2.57 5.44 21.26
C VAL A 586 -2.58 5.34 19.75
N VAL A 587 -3.40 4.43 19.20
CA VAL A 587 -3.44 4.25 17.76
C VAL A 587 -4.09 5.45 17.08
N SER A 588 -5.13 6.00 17.70
CA SER A 588 -5.80 7.16 17.11
C SER A 588 -4.94 8.41 17.18
N LEU A 589 -4.11 8.53 18.21
CA LEU A 589 -3.28 9.73 18.35
C LEU A 589 -2.10 9.72 17.39
N ASN A 590 -1.48 8.56 17.17
CA ASN A 590 -0.34 8.50 16.27
C ASN A 590 -0.76 8.60 14.81
N PHE A 591 -1.99 8.20 14.47
CA PHE A 591 -2.52 8.46 13.14
C PHE A 591 -2.92 9.92 13.00
N LEU A 592 -3.33 10.56 14.08
CA LEU A 592 -3.70 11.97 14.02
C LEU A 592 -2.48 12.87 13.84
N ILE A 593 -1.31 12.40 14.26
CA ILE A 593 -0.09 13.17 14.07
C ILE A 593 0.44 12.98 12.65
N SER A 594 0.35 11.77 12.11
CA SER A 594 0.78 11.54 10.74
C SER A 594 -0.10 12.29 9.75
N ALA A 595 -1.40 12.40 10.06
CA ALA A 595 -2.32 13.06 9.15
C ALA A 595 -2.08 14.56 9.09
N PHE A 596 -1.76 15.17 10.23
CA PHE A 596 -1.56 16.61 10.31
C PHE A 596 -0.08 17.00 10.42
N SER A 597 0.82 16.10 10.05
CA SER A 597 2.25 16.38 10.24
C SER A 597 2.73 17.49 9.32
N LYS A 598 2.15 17.58 8.11
CA LYS A 598 2.55 18.63 7.18
C LYS A 598 2.10 20.00 7.65
N THR A 599 1.04 20.06 8.46
CA THR A 599 0.48 21.33 8.88
C THR A 599 1.37 22.01 9.90
N SER A 600 1.05 23.26 10.20
CA SER A 600 1.82 24.07 11.14
C SER A 600 1.29 24.02 12.55
N TYR A 601 0.06 23.55 12.73
CA TYR A 601 -0.61 23.54 14.03
C TYR A 601 -0.69 22.15 14.65
N VAL A 602 0.15 21.21 14.20
CA VAL A 602 0.05 19.84 14.69
C VAL A 602 0.49 19.73 16.13
N ARG A 603 1.49 20.52 16.53
CA ARG A 603 1.94 20.47 17.93
C ARG A 603 0.92 21.11 18.86
N PHE A 604 0.01 21.92 18.31
CA PHE A 604 -1.08 22.44 19.12
C PHE A 604 -2.21 21.43 19.25
N ILE A 605 -2.43 20.63 18.21
CA ILE A 605 -3.41 19.55 18.29
C ILE A 605 -2.99 18.53 19.34
N ILE A 606 -1.67 18.29 19.46
CA ILE A 606 -1.18 17.38 20.49
C ILE A 606 -1.35 17.99 21.87
N ALA A 607 -1.09 19.29 22.00
CA ALA A 607 -1.11 19.93 23.32
C ALA A 607 -2.52 19.98 23.89
N VAL A 608 -3.53 20.19 23.04
CA VAL A 608 -4.90 20.23 23.55
C VAL A 608 -5.37 18.82 23.93
N ILE A 609 -4.90 17.79 23.22
CA ILE A 609 -5.17 16.43 23.63
C ILE A 609 -4.37 16.07 24.88
N HIS A 610 -3.15 16.59 24.99
CA HIS A 610 -2.34 16.33 26.17
C HIS A 610 -2.97 16.92 27.43
N VAL A 611 -3.56 18.10 27.32
CA VAL A 611 -4.22 18.72 28.47
C VAL A 611 -5.52 17.99 28.79
N ILE A 612 -6.29 17.62 27.76
CA ILE A 612 -7.56 16.93 27.97
C ILE A 612 -7.32 15.57 28.62
N VAL A 613 -6.29 14.86 28.18
CA VAL A 613 -6.01 13.54 28.72
C VAL A 613 -5.50 13.64 30.15
N VAL A 614 -4.56 14.56 30.39
CA VAL A 614 -4.02 14.74 31.73
C VAL A 614 -5.00 15.42 32.67
N GLY A 615 -5.86 16.31 32.16
CA GLY A 615 -6.88 16.90 32.99
C GLY A 615 -7.97 15.91 33.38
N SER A 616 -8.16 14.87 32.56
CA SER A 616 -9.10 13.81 32.90
C SER A 616 -8.54 12.88 33.96
N ILE A 617 -7.23 12.64 33.94
CA ILE A 617 -6.61 11.78 34.95
C ILE A 617 -6.55 12.50 36.29
N CYS A 618 -6.32 13.82 36.26
CA CYS A 618 -6.34 14.59 37.51
C CYS A 618 -7.75 14.68 38.08
N LEU A 619 -8.77 14.59 37.23
CA LEU A 619 -10.15 14.60 37.71
C LEU A 619 -10.58 13.21 38.14
N ALA A 620 -10.05 12.17 37.49
CA ALA A 620 -10.35 10.80 37.92
C ALA A 620 -9.69 10.49 39.25
N LYS A 621 -8.58 11.16 39.57
CA LYS A 621 -7.88 10.88 40.82
C LYS A 621 -8.63 11.49 42.00
N GLU A 622 -9.14 12.71 41.86
CA GLU A 622 -9.84 13.35 42.96
C GLU A 622 -11.20 12.71 43.21
N ARG A 623 -11.86 12.26 42.15
CA ARG A 623 -13.14 11.58 42.33
C ARG A 623 -12.98 10.24 43.03
N SER A 624 -11.84 9.58 42.80
CA SER A 624 -11.61 8.29 43.44
C SER A 624 -11.08 8.45 44.86
N LEU A 625 -10.18 9.41 45.08
CA LEU A 625 -9.48 9.54 46.35
C LEU A 625 -10.05 10.62 47.25
N GLY A 626 -11.13 11.29 46.84
CA GLY A 626 -11.84 12.21 47.71
C GLY A 626 -11.26 13.60 47.80
N SER A 627 -10.31 13.95 46.94
CA SER A 627 -9.74 15.30 46.90
C SER A 627 -9.10 15.68 48.23
N GLU A 628 -8.39 14.74 48.84
CA GLU A 628 -7.70 15.01 50.08
C GLU A 628 -6.46 15.86 49.83
N LYS A 629 -6.22 16.81 50.73
CA LYS A 629 -5.11 17.74 50.55
C LYS A 629 -3.77 17.02 50.67
N LEU A 630 -3.75 15.88 51.35
CA LEU A 630 -2.49 15.16 51.57
C LEU A 630 -1.97 14.55 50.27
N LYS A 631 -2.79 13.68 49.66
CA LYS A 631 -2.36 12.89 48.50
C LYS A 631 -2.93 13.39 47.19
N THR A 632 -4.17 13.87 47.18
CA THR A 632 -4.78 14.27 45.91
C THR A 632 -4.36 15.68 45.50
N ARG A 633 -4.20 16.59 46.47
CA ARG A 633 -3.91 17.97 46.13
C ARG A 633 -2.54 18.12 45.50
N PHE A 634 -1.58 17.27 45.89
CA PHE A 634 -0.23 17.36 45.33
C PHE A 634 0.01 16.39 44.18
N PHE A 635 -0.85 15.39 44.01
CA PHE A 635 -0.82 14.61 42.77
C PHE A 635 -1.20 15.50 41.59
N ILE A 636 -2.16 16.40 41.78
CA ILE A 636 -2.62 17.25 40.70
C ILE A 636 -1.55 18.26 40.32
N MET A 637 -0.93 18.90 41.31
CA MET A 637 0.09 19.90 41.00
C MET A 637 1.33 19.27 40.36
N ALA A 638 1.71 18.07 40.83
CA ALA A 638 2.89 17.42 40.26
C ALA A 638 2.65 17.00 38.81
N PHE A 639 1.44 16.52 38.52
CA PHE A 639 1.14 16.09 37.15
C PHE A 639 0.74 17.26 36.27
N SER A 640 0.19 18.32 36.86
CA SER A 640 -0.10 19.51 36.08
C SER A 640 1.18 20.28 35.75
N MET A 641 2.12 20.33 36.69
CA MET A 641 3.38 21.02 36.42
C MET A 641 4.32 20.13 35.60
N GLY A 642 4.24 18.82 35.80
CA GLY A 642 5.08 17.92 35.02
C GLY A 642 4.67 17.85 33.57
N ASN A 643 3.37 17.83 33.31
CA ASN A 643 2.89 17.72 31.93
C ASN A 643 2.88 19.08 31.24
N PHE A 644 2.73 20.17 31.98
CA PHE A 644 2.84 21.49 31.38
C PHE A 644 4.29 21.85 31.08
N ALA A 645 5.23 21.36 31.89
CA ALA A 645 6.64 21.56 31.56
C ALA A 645 7.02 20.82 30.30
N ALA A 646 6.34 19.70 30.00
CA ALA A 646 6.61 18.98 28.77
C ALA A 646 5.96 19.66 27.58
N ILE A 647 4.75 20.20 27.76
CA ILE A 647 4.07 20.89 26.67
C ILE A 647 4.84 22.13 26.27
N VAL A 648 5.34 22.89 27.24
CA VAL A 648 6.13 24.08 26.94
C VAL A 648 7.40 23.71 26.19
N MET A 649 7.91 22.50 26.40
CA MET A 649 9.14 22.09 25.71
C MET A 649 8.88 21.76 24.24
N TYR A 650 7.82 21.03 23.95
CA TYR A 650 7.60 20.62 22.56
C TYR A 650 6.65 21.54 21.80
N LEU A 651 5.92 22.43 22.48
CA LEU A 651 5.04 23.34 21.78
C LEU A 651 5.70 24.70 21.55
N THR A 652 6.14 25.35 22.63
CA THR A 652 6.77 26.66 22.49
C THR A 652 8.20 26.54 21.97
N LEU A 653 8.80 25.35 22.02
CA LEU A 653 10.10 25.10 21.44
C LEU A 653 9.98 23.88 20.52
N SER A 654 10.74 23.88 19.43
CA SER A 654 10.78 22.71 18.57
C SER A 654 11.77 21.71 19.12
N ALA A 655 11.52 21.21 20.32
CA ALA A 655 12.49 20.34 21.00
C ALA A 655 12.55 18.96 20.36
N PHE A 656 11.42 18.26 20.30
CA PHE A 656 11.36 16.90 19.81
C PHE A 656 10.75 16.85 18.42
N HIS A 657 10.95 15.74 17.74
CA HIS A 657 10.23 15.47 16.51
C HIS A 657 8.83 14.95 16.83
N LEU A 658 7.95 15.01 15.82
CA LEU A 658 6.59 14.55 16.02
C LEU A 658 6.52 13.07 16.36
N ASN A 659 7.45 12.27 15.84
CA ASN A 659 7.46 10.84 16.15
C ASN A 659 7.84 10.61 17.61
N GLN A 660 8.61 11.53 18.19
CA GLN A 660 9.08 11.38 19.56
C GLN A 660 8.22 12.10 20.58
N ILE A 661 7.26 12.94 20.15
CA ILE A 661 6.54 13.76 21.11
C ILE A 661 5.62 12.92 21.97
N ALA A 662 4.83 12.04 21.36
CA ALA A 662 3.86 11.25 22.12
C ALA A 662 4.54 10.15 22.92
N THR A 663 5.69 9.67 22.48
CA THR A 663 6.40 8.63 23.21
C THR A 663 7.10 9.18 24.43
N TYR A 664 7.64 10.40 24.35
CA TYR A 664 8.27 11.00 25.52
C TYR A 664 7.25 11.39 26.58
N CYS A 665 6.04 11.75 26.15
CA CYS A 665 5.01 12.15 27.10
C CYS A 665 4.47 10.97 27.89
N PHE A 666 4.39 9.79 27.27
CA PHE A 666 3.97 8.60 27.99
C PHE A 666 5.01 8.10 28.97
N ILE A 667 6.29 8.18 28.60
CA ILE A 667 7.35 7.69 29.48
C ILE A 667 7.48 8.58 30.71
N ILE A 668 7.29 9.88 30.55
CA ILE A 668 7.44 10.81 31.66
C ILE A 668 6.27 10.67 32.63
N ASN A 669 5.06 10.47 32.09
CA ASN A 669 3.91 10.27 32.96
C ASN A 669 3.96 8.92 33.65
N CYS A 670 4.49 7.90 32.97
CA CYS A 670 4.69 6.61 33.62
C CYS A 670 5.70 6.71 34.74
N ILE A 671 6.80 7.43 34.51
CA ILE A 671 7.81 7.59 35.55
C ILE A 671 7.29 8.46 36.68
N MET A 672 6.58 9.54 36.33
CA MET A 672 6.02 10.42 37.36
C MET A 672 5.02 9.70 38.24
N TYR A 673 4.26 8.76 37.69
CA TYR A 673 3.28 8.05 38.50
C TYR A 673 3.94 6.99 39.37
N LEU A 674 4.92 6.26 38.82
CA LEU A 674 5.62 5.27 39.63
C LEU A 674 6.48 5.94 40.69
N MET A 675 6.88 7.19 40.48
CA MET A 675 7.56 7.94 41.53
C MET A 675 6.57 8.46 42.56
N TYR A 676 5.40 8.91 42.12
CA TYR A 676 4.33 9.27 43.04
C TYR A 676 3.92 8.06 43.89
N TYR A 677 3.76 6.90 43.25
CA TYR A 677 3.40 5.69 43.98
C TYR A 677 4.48 5.31 44.99
N GLY A 678 5.74 5.58 44.67
CA GLY A 678 6.81 5.31 45.61
C GLY A 678 6.96 6.38 46.67
N CYS A 679 6.65 7.63 46.35
CA CYS A 679 6.71 8.69 47.34
C CYS A 679 5.54 8.58 48.32
N MET A 680 4.36 8.22 47.82
CA MET A 680 3.23 7.96 48.72
C MET A 680 3.49 6.78 49.62
N LYS A 681 4.29 5.82 49.17
CA LYS A 681 4.53 4.61 49.94
C LYS A 681 5.37 4.91 51.18
N VAL A 682 6.33 5.81 51.08
CA VAL A 682 7.12 6.17 52.24
C VAL A 682 6.38 7.16 53.13
N LEU A 683 5.51 7.98 52.53
CA LEU A 683 4.68 8.88 53.31
C LEU A 683 3.67 8.13 54.17
N HIS A 684 3.24 6.96 53.72
CA HIS A 684 2.37 6.10 54.50
C HIS A 684 3.13 5.11 55.37
N SER A 685 4.39 5.39 55.68
CA SER A 685 5.19 4.60 56.61
C SER A 685 5.34 3.15 56.14
N GLU A 686 5.31 2.95 54.82
CA GLU A 686 5.55 1.65 54.22
C GLU A 686 6.96 1.64 53.65
N ARG A 687 7.75 0.64 54.04
CA ARG A 687 9.13 0.56 53.57
C ARG A 687 9.19 -0.03 52.17
N ILE A 688 10.05 0.54 51.33
CA ILE A 688 10.37 -0.01 50.03
C ILE A 688 11.56 -0.94 50.19
N THR A 689 11.39 -2.19 49.80
CA THR A 689 12.45 -3.18 49.96
C THR A 689 13.71 -2.76 49.21
N SER A 690 14.85 -3.25 49.68
CA SER A 690 16.13 -2.87 49.08
C SER A 690 16.19 -3.27 47.62
N LYS A 691 15.55 -4.38 47.26
CA LYS A 691 15.55 -4.83 45.87
C LYS A 691 14.69 -3.90 45.00
N ALA A 692 13.55 -3.46 45.54
CA ALA A 692 12.68 -2.57 44.77
C ALA A 692 13.29 -1.18 44.60
N LYS A 693 14.18 -0.76 45.50
CA LYS A 693 14.89 0.50 45.31
C LYS A 693 15.98 0.35 44.26
N LEU A 694 16.56 -0.84 44.15
CA LEU A 694 17.54 -1.10 43.12
C LEU A 694 16.89 -1.15 41.74
N CYS A 695 15.80 -1.90 41.61
CA CYS A 695 15.08 -1.97 40.35
C CYS A 695 14.42 -0.66 40.00
N GLY A 696 14.08 0.16 41.01
CA GLY A 696 13.53 1.47 40.75
C GLY A 696 14.56 2.45 40.24
N ALA A 697 15.79 2.36 40.73
CA ALA A 697 16.87 3.20 40.23
C ALA A 697 17.35 2.73 38.86
N LEU A 698 17.28 1.42 38.60
CA LEU A 698 17.62 0.91 37.27
C LEU A 698 16.55 1.27 36.25
N SER A 699 15.31 1.45 36.70
CA SER A 699 14.26 1.91 35.79
C SER A 699 14.45 3.37 35.40
N LEU A 700 14.78 4.24 36.35
CA LEU A 700 15.07 5.63 36.02
C LEU A 700 16.33 5.75 35.17
N LEU A 701 17.36 4.96 35.47
CA LEU A 701 18.61 5.05 34.73
C LEU A 701 18.45 4.53 33.31
N ALA A 702 17.71 3.44 33.14
CA ALA A 702 17.55 2.86 31.80
C ALA A 702 16.59 3.66 30.94
N TRP A 703 15.63 4.35 31.55
CA TRP A 703 14.74 5.23 30.78
C TRP A 703 15.45 6.50 30.34
N ALA A 704 16.46 6.94 31.08
CA ALA A 704 17.24 8.11 30.70
C ALA A 704 18.27 7.79 29.62
N VAL A 705 18.86 6.59 29.68
CA VAL A 705 19.78 6.17 28.63
C VAL A 705 19.02 5.85 27.36
N ALA A 706 17.85 5.23 27.48
CA ALA A 706 17.03 4.95 26.31
C ALA A 706 16.48 6.24 25.70
N GLY A 707 16.09 7.21 26.53
CA GLY A 707 15.60 8.47 26.03
C GLY A 707 16.69 9.34 25.43
N PHE A 708 17.95 9.06 25.75
CA PHE A 708 19.06 9.78 25.13
C PHE A 708 19.32 9.28 23.72
N PHE A 709 19.15 7.98 23.50
CA PHE A 709 19.32 7.41 22.17
C PHE A 709 18.08 7.58 21.31
N PHE A 710 16.91 7.71 21.95
CA PHE A 710 15.69 8.02 21.21
C PHE A 710 15.73 9.44 20.66
N PHE A 711 16.31 10.38 21.41
CA PHE A 711 16.37 11.77 21.03
C PHE A 711 17.19 12.01 19.75
N GLN A 712 17.91 10.99 19.27
CA GLN A 712 18.81 11.15 18.14
C GLN A 712 18.29 10.45 16.89
N ASP A 713 16.97 10.34 16.73
CA ASP A 713 16.47 9.63 15.57
C ASP A 713 16.44 10.54 14.36
N ASP A 714 15.88 11.73 14.51
CA ASP A 714 15.88 12.72 13.43
C ASP A 714 15.29 12.16 12.14
N THR A 715 14.05 11.68 12.24
CA THR A 715 13.31 11.18 11.07
C THR A 715 12.05 12.01 10.93
N ASP A 716 12.00 12.88 9.92
CA ASP A 716 10.83 13.67 9.61
C ASP A 716 10.39 13.31 8.20
N TRP A 717 9.12 12.93 8.06
CA TRP A 717 8.59 12.56 6.75
C TRP A 717 8.00 13.74 6.01
N THR A 718 8.10 14.95 6.56
CA THR A 718 7.64 16.14 5.87
C THR A 718 8.70 16.68 4.91
N ARG A 719 9.97 16.38 5.16
CA ARG A 719 11.04 16.85 4.30
C ARG A 719 11.17 15.96 3.07
N SER A 720 11.95 16.45 2.10
CA SER A 720 12.10 15.76 0.83
C SER A 720 12.82 14.43 0.99
N ALA A 721 12.66 13.57 -0.01
CA ALA A 721 13.33 12.27 0.00
C ALA A 721 14.85 12.43 -0.03
N ALA A 722 15.34 13.47 -0.69
CA ALA A 722 16.78 13.69 -0.74
C ALA A 722 17.32 14.18 0.60
N ALA A 723 16.48 14.88 1.37
CA ALA A 723 16.89 15.29 2.70
C ALA A 723 16.74 14.15 3.70
N SER A 724 15.78 13.25 3.48
CA SER A 724 15.70 12.04 4.29
C SER A 724 16.84 11.08 4.00
N ARG A 725 17.44 11.17 2.80
CA ARG A 725 18.57 10.32 2.47
C ARG A 725 19.89 10.90 2.95
N ALA A 726 19.97 12.22 3.09
CA ALA A 726 21.21 12.87 3.48
C ALA A 726 21.60 12.61 4.93
N LEU A 727 20.65 12.20 5.76
CA LEU A 727 20.94 11.93 7.16
C LEU A 727 21.69 10.61 7.30
N ASN A 728 22.89 10.69 7.85
CA ASN A 728 23.73 9.51 8.06
C ASN A 728 24.49 9.68 9.37
N LYS A 729 24.24 8.77 10.30
CA LYS A 729 24.93 8.76 11.59
C LYS A 729 25.63 7.43 11.75
N PRO A 730 26.94 7.43 11.99
CA PRO A 730 27.68 6.17 12.01
C PRO A 730 27.27 5.25 13.15
N CYS A 731 27.80 4.04 13.13
CA CYS A 731 27.57 3.05 14.17
C CYS A 731 28.41 3.38 15.40
N LEU A 732 27.81 3.25 16.58
CA LEU A 732 28.50 3.61 17.82
C LEU A 732 29.40 2.49 18.31
N LEU A 733 28.92 1.25 18.25
CA LEU A 733 29.56 0.14 18.94
C LEU A 733 29.73 -1.05 17.99
N LEU A 734 30.92 -1.65 17.99
CA LEU A 734 31.23 -2.90 17.32
C LEU A 734 30.94 -2.86 15.82
N GLY A 735 30.78 -1.68 15.23
CA GLY A 735 30.38 -1.60 13.85
C GLY A 735 28.97 -2.07 13.57
N PHE A 736 28.15 -2.27 14.60
CA PHE A 736 26.84 -2.87 14.45
C PHE A 736 25.73 -2.10 15.16
N PHE A 737 26.02 -1.43 16.27
CA PHE A 737 25.02 -0.76 17.07
C PHE A 737 25.14 0.76 16.93
N GLY A 738 24.03 1.40 16.61
CA GLY A 738 23.98 2.84 16.53
C GLY A 738 23.10 3.43 17.60
N SER A 739 22.68 4.68 17.43
CA SER A 739 21.81 5.30 18.41
C SER A 739 20.43 4.64 18.45
N HIS A 740 19.91 4.26 17.30
CA HIS A 740 18.64 3.57 17.22
C HIS A 740 18.65 2.16 17.80
N ASP A 741 19.70 1.40 17.52
CA ASP A 741 19.78 0.03 18.02
C ASP A 741 19.95 -0.02 19.53
N LEU A 742 20.57 1.00 20.12
CA LEU A 742 20.69 1.08 21.56
C LEU A 742 19.43 1.63 22.21
N TRP A 743 18.57 2.28 21.44
CA TRP A 743 17.23 2.63 21.91
C TRP A 743 16.34 1.41 21.99
N HIS A 744 16.54 0.46 21.10
CA HIS A 744 15.83 -0.81 21.14
C HIS A 744 16.27 -1.66 22.31
N ILE A 745 17.54 -1.55 22.70
CA ILE A 745 18.17 -2.40 23.70
C ILE A 745 17.89 -1.83 25.09
N PHE A 746 18.00 -0.51 25.22
CA PHE A 746 17.74 0.13 26.50
C PHE A 746 16.28 0.47 26.69
N GLY A 747 15.46 0.40 25.65
CA GLY A 747 14.02 0.47 25.83
C GLY A 747 13.42 -0.81 26.37
N ALA A 748 14.07 -1.94 26.13
CA ALA A 748 13.64 -3.21 26.70
C ALA A 748 14.19 -3.42 28.09
N LEU A 749 15.41 -2.95 28.36
CA LEU A 749 15.93 -2.94 29.72
C LEU A 749 15.07 -2.04 30.60
N ALA A 750 14.70 -0.87 30.08
CA ALA A 750 13.82 0.02 30.81
C ALA A 750 12.47 -0.60 31.08
N GLY A 751 11.90 -1.32 30.11
CA GLY A 751 10.65 -2.02 30.34
C GLY A 751 10.80 -3.22 31.24
N LEU A 752 11.98 -3.84 31.25
CA LEU A 752 12.26 -4.93 32.18
C LEU A 752 12.33 -4.43 33.61
N PHE A 753 13.16 -3.43 33.87
CA PHE A 753 13.38 -2.96 35.23
C PHE A 753 12.14 -2.28 35.78
N THR A 754 11.35 -1.65 34.91
CA THR A 754 10.10 -1.03 35.35
C THR A 754 9.07 -2.09 35.71
N PHE A 755 9.05 -3.20 34.98
CA PHE A 755 8.15 -4.31 35.32
C PHE A 755 8.60 -5.01 36.59
N ILE A 756 9.91 -5.06 36.85
CA ILE A 756 10.41 -5.73 38.04
C ILE A 756 10.23 -4.84 39.26
N PHE A 757 10.23 -3.52 39.08
CA PHE A 757 9.98 -2.62 40.19
C PHE A 757 8.56 -2.76 40.71
N VAL A 758 7.57 -2.65 39.81
CA VAL A 758 6.18 -2.72 40.22
C VAL A 758 5.86 -4.09 40.79
N SER A 759 6.57 -5.13 40.34
CA SER A 759 6.33 -6.48 40.84
C SER A 759 6.96 -6.70 42.20
N PHE A 760 7.90 -5.86 42.61
CA PHE A 760 8.58 -6.01 43.89
C PHE A 760 8.27 -4.88 44.87
N VAL A 761 7.66 -3.79 44.42
CA VAL A 761 7.53 -2.62 45.27
C VAL A 761 6.64 -2.91 46.48
N ASP A 762 5.56 -3.67 46.29
CA ASP A 762 4.61 -3.96 47.37
C ASP A 762 4.85 -5.32 48.00
N ASP A 763 6.10 -5.77 48.09
CA ASP A 763 6.38 -7.06 48.72
C ASP A 763 6.40 -6.97 50.23
N ASP A 764 6.57 -5.77 50.78
CA ASP A 764 6.52 -5.61 52.23
C ASP A 764 5.10 -5.75 52.75
N LEU A 765 4.10 -5.54 51.89
CA LEU A 765 2.70 -5.69 52.24
C LEU A 765 2.20 -7.11 52.05
N ILE A 766 3.08 -8.10 51.91
CA ILE A 766 2.65 -9.45 51.58
C ILE A 766 1.95 -10.09 52.78
N ASN A 767 2.19 -9.58 53.99
CA ASN A 767 1.59 -10.10 55.20
C ASN A 767 0.61 -9.12 55.83
N THR A 768 0.15 -8.11 55.09
CA THR A 768 -0.80 -7.14 55.59
C THR A 768 -2.16 -7.41 54.99
N ARG A 769 -3.19 -7.44 55.85
CA ARG A 769 -4.54 -7.68 55.37
C ARG A 769 -4.99 -6.56 54.44
N LYS A 770 -5.79 -6.93 53.44
CA LYS A 770 -6.26 -5.95 52.47
C LYS A 770 -7.05 -4.83 53.13
N THR A 771 -7.64 -5.11 54.30
CA THR A 771 -8.38 -4.07 55.01
C THR A 771 -7.44 -3.04 55.63
N SER A 772 -6.25 -3.48 56.07
CA SER A 772 -5.31 -2.57 56.70
C SER A 772 -4.49 -1.81 55.67
N ILE A 773 -4.37 -2.36 54.45
CA ILE A 773 -3.52 -1.76 53.42
C ILE A 773 -4.03 -0.38 53.06
N ASN A 774 -3.13 0.60 53.09
CA ASN A 774 -3.47 1.95 52.66
C ASN A 774 -3.75 1.97 51.17
N ILE A 775 -4.65 2.85 50.77
CA ILE A 775 -5.11 2.94 49.40
C ILE A 775 -4.73 4.31 48.84
N PHE A 776 -3.89 4.32 47.82
CA PHE A 776 -3.54 5.54 47.12
C PHE A 776 -3.24 5.24 45.65
N SER B 34 28.92 4.75 -44.62
CA SER B 34 28.40 5.72 -45.58
C SER B 34 26.88 5.81 -45.46
N VAL B 35 26.36 7.02 -45.67
CA VAL B 35 24.93 7.27 -45.54
C VAL B 35 24.31 7.35 -46.93
N LEU B 36 23.19 6.64 -47.10
CA LEU B 36 22.45 6.61 -48.36
C LEU B 36 21.08 7.21 -48.14
N VAL B 37 20.72 8.18 -48.97
CA VAL B 37 19.44 8.86 -48.88
C VAL B 37 18.53 8.36 -49.99
N PHE B 38 17.36 7.88 -49.61
CA PHE B 38 16.36 7.40 -50.55
C PHE B 38 15.12 8.27 -50.45
N GLU B 39 14.54 8.62 -51.60
CA GLU B 39 13.26 9.31 -51.63
C GLU B 39 12.17 8.28 -51.87
N ILE B 40 11.22 8.20 -50.94
CA ILE B 40 10.17 7.20 -50.97
C ILE B 40 8.85 7.90 -51.26
N SER B 41 8.10 7.36 -52.23
CA SER B 41 6.84 7.98 -52.61
C SER B 41 5.75 7.66 -51.59
N SER B 42 4.61 8.34 -51.74
CA SER B 42 3.47 8.07 -50.88
C SER B 42 2.76 6.78 -51.25
N LYS B 43 2.96 6.31 -52.49
CA LYS B 43 2.33 5.06 -52.92
C LYS B 43 3.02 3.85 -52.31
N MET B 44 4.28 3.98 -51.93
CA MET B 44 5.07 2.85 -51.44
C MET B 44 4.66 2.51 -50.02
N LYS B 45 3.95 1.41 -49.84
CA LYS B 45 3.50 0.99 -48.51
C LYS B 45 4.40 -0.06 -47.90
N MET B 46 5.05 -0.87 -48.72
CA MET B 46 6.05 -1.83 -48.26
C MET B 46 7.37 -1.50 -48.93
N ILE B 47 8.42 -1.32 -48.13
CA ILE B 47 9.73 -0.94 -48.63
C ILE B 47 10.70 -2.05 -48.27
N GLU B 48 11.27 -2.70 -49.28
CA GLU B 48 12.21 -3.78 -49.10
C GLU B 48 13.58 -3.35 -49.59
N LYS B 49 14.55 -3.31 -48.68
CA LYS B 49 15.90 -2.90 -49.02
C LYS B 49 16.88 -3.77 -48.25
N LYS B 50 18.14 -3.70 -48.67
CA LYS B 50 19.24 -4.43 -48.04
C LYS B 50 20.18 -3.43 -47.39
N LEU B 51 20.40 -3.59 -46.08
CA LEU B 51 21.30 -2.72 -45.34
C LEU B 51 22.69 -3.34 -45.38
N GLU B 52 23.53 -2.85 -46.29
CA GLU B 52 24.89 -3.35 -46.41
C GLU B 52 25.66 -3.14 -45.11
N ALA B 53 26.82 -3.79 -45.02
CA ALA B 53 27.62 -3.73 -43.81
C ALA B 53 28.05 -2.29 -43.51
N ASN B 54 27.67 -1.81 -42.34
CA ASN B 54 28.08 -0.50 -41.83
C ASN B 54 27.57 0.63 -42.72
N THR B 55 26.39 0.45 -43.28
CA THR B 55 25.73 1.45 -44.11
C THR B 55 24.49 1.94 -43.38
N VAL B 56 24.18 3.22 -43.58
CA VAL B 56 23.00 3.85 -42.98
C VAL B 56 22.05 4.25 -44.11
N HIS B 57 20.79 3.85 -43.99
CA HIS B 57 19.76 4.20 -44.95
C HIS B 57 18.88 5.29 -44.36
N VAL B 58 18.72 6.39 -45.09
CA VAL B 58 17.84 7.48 -44.71
C VAL B 58 16.75 7.57 -45.78
N LEU B 59 15.53 7.24 -45.40
CA LEU B 59 14.39 7.21 -46.31
C LEU B 59 13.48 8.39 -46.00
N ARG B 60 13.06 9.11 -47.03
CA ARG B 60 12.26 10.32 -46.85
C ARG B 60 10.95 10.20 -47.59
N LEU B 61 9.86 10.59 -46.92
CA LEU B 61 8.55 10.70 -47.53
C LEU B 61 8.06 12.13 -47.30
N GLU B 62 7.85 12.87 -48.39
CA GLU B 62 7.35 14.24 -48.26
C GLU B 62 5.86 14.22 -47.92
N LEU B 63 5.50 14.99 -46.90
CA LEU B 63 4.14 15.04 -46.40
C LEU B 63 3.50 16.37 -46.75
N ASP B 64 2.26 16.32 -47.21
CA ASP B 64 1.50 17.52 -47.56
C ASP B 64 0.20 17.57 -46.78
N GLN B 65 -0.69 18.50 -47.15
CA GLN B 65 -1.91 18.71 -46.39
C GLN B 65 -2.77 17.45 -46.31
N SER B 66 -2.54 16.49 -47.20
CA SER B 66 -3.29 15.24 -47.16
C SER B 66 -2.97 14.40 -45.94
N PHE B 67 -1.91 14.73 -45.20
CA PHE B 67 -1.48 13.96 -44.04
C PHE B 67 -1.94 14.58 -42.72
N ILE B 68 -2.77 15.63 -42.77
CA ILE B 68 -3.32 16.19 -41.54
C ILE B 68 -4.22 15.17 -40.88
N LEU B 69 -4.02 14.97 -39.57
CA LEU B 69 -4.84 14.05 -38.78
C LEU B 69 -4.80 12.62 -39.32
N ASP B 70 -3.66 12.23 -39.86
CA ASP B 70 -3.45 10.90 -40.43
C ASP B 70 -2.51 10.14 -39.50
N LEU B 71 -3.08 9.31 -38.62
CA LEU B 71 -2.27 8.52 -37.72
C LEU B 71 -1.60 7.38 -38.47
N THR B 72 -0.27 7.42 -38.55
CA THR B 72 0.52 6.53 -39.37
C THR B 72 1.29 5.56 -38.49
N LYS B 73 1.37 4.31 -38.92
CA LYS B 73 2.17 3.29 -38.26
C LYS B 73 3.29 2.86 -39.20
N VAL B 74 4.53 3.01 -38.75
CA VAL B 74 5.71 2.54 -39.48
C VAL B 74 6.27 1.35 -38.72
N ALA B 75 6.38 0.21 -39.40
CA ALA B 75 6.91 -1.01 -38.82
C ALA B 75 8.08 -1.50 -39.64
N ALA B 76 9.00 -2.21 -38.98
CA ALA B 76 10.17 -2.76 -39.63
C ALA B 76 10.21 -4.26 -39.41
N GLU B 77 10.62 -4.97 -40.46
CA GLU B 77 10.74 -6.42 -40.44
C GLU B 77 12.19 -6.77 -40.76
N ILE B 78 12.71 -7.77 -40.06
CA ILE B 78 14.04 -8.32 -40.36
C ILE B 78 13.85 -9.59 -41.16
N VAL B 79 14.16 -9.53 -42.45
CA VAL B 79 14.06 -10.69 -43.33
C VAL B 79 15.09 -11.73 -42.91
N ASP B 80 14.68 -13.00 -42.92
CA ASP B 80 15.52 -14.12 -42.49
C ASP B 80 15.94 -13.94 -41.03
N SER B 81 14.94 -13.95 -40.15
CA SER B 81 15.19 -13.77 -38.72
C SER B 81 16.03 -14.91 -38.14
N SER B 82 15.95 -16.10 -38.74
CA SER B 82 16.73 -17.24 -38.26
C SER B 82 18.22 -17.02 -38.39
N LYS B 83 18.66 -16.17 -39.32
CA LYS B 83 20.08 -15.94 -39.51
C LYS B 83 20.72 -15.25 -38.32
N TYR B 84 19.93 -14.54 -37.52
CA TYR B 84 20.42 -13.74 -36.40
C TYR B 84 19.99 -14.31 -35.05
N SER B 85 20.01 -15.63 -34.89
CA SER B 85 19.58 -16.23 -33.63
C SER B 85 20.62 -16.08 -32.54
N LYS B 86 21.89 -16.32 -32.87
CA LYS B 86 22.94 -16.25 -31.86
C LYS B 86 23.37 -14.81 -31.58
N GLU B 87 23.08 -13.89 -32.50
CA GLU B 87 23.43 -12.49 -32.30
C GLU B 87 22.58 -11.89 -31.18
N ASP B 88 23.22 -11.46 -30.12
CA ASP B 88 22.53 -10.86 -28.98
C ASP B 88 22.32 -9.37 -29.19
N GLY B 89 21.49 -8.79 -28.33
CA GLY B 89 21.25 -7.35 -28.39
C GLY B 89 20.32 -6.95 -29.52
N VAL B 90 20.39 -5.67 -29.86
CA VAL B 90 19.54 -5.08 -30.87
C VAL B 90 20.22 -5.21 -32.23
N ILE B 91 19.60 -5.96 -33.13
CA ILE B 91 20.19 -6.23 -34.44
C ILE B 91 20.00 -5.04 -35.37
N LEU B 92 18.79 -4.51 -35.43
CA LEU B 92 18.45 -3.42 -36.33
C LEU B 92 17.82 -2.28 -35.55
N GLU B 93 18.20 -1.05 -35.89
CA GLU B 93 17.67 0.14 -35.26
C GLU B 93 16.99 1.00 -36.32
N VAL B 94 15.74 1.38 -36.07
CA VAL B 94 14.95 2.19 -36.98
C VAL B 94 14.40 3.38 -36.20
N THR B 95 14.58 4.58 -36.75
CA THR B 95 14.08 5.81 -36.15
C THR B 95 13.16 6.49 -37.14
N VAL B 96 11.93 6.76 -36.72
CA VAL B 96 10.92 7.37 -37.57
C VAL B 96 10.50 8.70 -36.96
N SER B 97 10.40 9.73 -37.80
CA SER B 97 10.05 11.05 -37.34
C SER B 97 9.32 11.79 -38.45
N ASN B 98 8.37 12.65 -38.07
CA ASN B 98 7.71 13.55 -39.01
C ASN B 98 7.91 15.00 -38.63
N GLY B 99 8.88 15.28 -37.75
CA GLY B 99 9.12 16.61 -37.25
C GLY B 99 8.32 16.96 -36.01
N ARG B 100 7.11 16.42 -35.88
CA ARG B 100 6.27 16.64 -34.71
C ARG B 100 6.36 15.52 -33.70
N ASP B 101 6.39 14.27 -34.15
CA ASP B 101 6.54 13.12 -33.28
C ASP B 101 7.70 12.27 -33.80
N SER B 102 8.18 11.37 -32.95
CA SER B 102 9.30 10.51 -33.31
C SER B 102 9.31 9.31 -32.38
N PHE B 103 9.87 8.21 -32.88
CA PHE B 103 10.07 7.03 -32.05
C PHE B 103 11.26 6.24 -32.57
N LEU B 104 11.65 5.22 -31.80
CA LEU B 104 12.76 4.36 -32.12
C LEU B 104 12.29 2.91 -32.17
N LEU B 105 12.63 2.22 -33.25
CA LEU B 105 12.35 0.80 -33.41
C LEU B 105 13.64 0.02 -33.26
N LYS B 106 13.79 -0.66 -32.13
CA LYS B 106 14.98 -1.47 -31.85
C LYS B 106 14.56 -2.93 -31.94
N LEU B 107 15.02 -3.61 -32.99
CA LEU B 107 14.71 -5.00 -33.28
C LEU B 107 15.89 -5.89 -32.94
N PRO B 108 15.66 -7.08 -32.37
CA PRO B 108 14.32 -7.62 -32.06
C PRO B 108 13.75 -7.07 -30.75
N THR B 109 12.48 -6.73 -30.75
CA THR B 109 11.82 -6.36 -29.50
C THR B 109 11.54 -7.61 -28.68
N VAL B 110 12.19 -7.71 -27.53
CA VAL B 110 12.19 -8.92 -26.71
C VAL B 110 11.14 -8.78 -25.62
N TYR B 111 10.22 -9.74 -25.58
CA TYR B 111 9.22 -9.89 -24.54
C TYR B 111 9.63 -11.03 -23.61
N PRO B 112 9.00 -11.15 -22.44
CA PRO B 112 9.38 -12.25 -21.53
C PRO B 112 9.21 -13.63 -22.16
N ASN B 113 8.20 -13.83 -23.00
CA ASN B 113 7.94 -15.13 -23.58
C ASN B 113 8.51 -15.27 -24.99
N LEU B 114 8.57 -14.20 -25.76
CA LEU B 114 8.96 -14.30 -27.16
C LEU B 114 9.82 -13.11 -27.57
N LYS B 115 10.53 -13.28 -28.67
CA LYS B 115 11.26 -12.22 -29.35
C LYS B 115 10.60 -11.97 -30.70
N LEU B 116 10.26 -10.71 -30.98
CA LEU B 116 9.64 -10.33 -32.23
C LEU B 116 10.67 -9.61 -33.10
N TYR B 117 10.87 -10.12 -34.31
CA TYR B 117 11.73 -9.48 -35.29
C TYR B 117 10.96 -8.57 -36.23
N THR B 118 9.72 -8.23 -35.88
CA THR B 118 8.93 -7.25 -36.60
C THR B 118 8.03 -6.52 -35.61
N ASP B 119 8.15 -5.19 -35.59
CA ASP B 119 7.31 -4.37 -34.73
C ASP B 119 7.28 -2.96 -35.27
N GLY B 120 6.27 -2.22 -34.86
CA GLY B 120 6.12 -0.84 -35.30
C GLY B 120 5.43 -0.02 -34.24
N LYS B 121 5.43 1.29 -34.45
CA LYS B 121 4.83 2.22 -33.51
C LYS B 121 4.04 3.26 -34.28
N LEU B 122 3.23 4.02 -33.55
CA LEU B 122 2.38 5.03 -34.16
C LEU B 122 3.03 6.40 -34.07
N LEU B 123 2.94 7.15 -35.17
CA LEU B 123 3.40 8.53 -35.23
C LEU B 123 2.21 9.45 -35.03
N ASN B 124 2.29 10.33 -34.06
CA ASN B 124 1.22 11.28 -33.82
C ASN B 124 1.04 12.15 -35.06
N PRO B 125 -0.18 12.28 -35.58
CA PRO B 125 -0.36 12.91 -36.88
C PRO B 125 -0.03 14.39 -36.85
N LEU B 126 0.33 14.90 -38.03
CA LEU B 126 0.51 16.33 -38.19
C LEU B 126 -0.85 17.03 -38.14
N VAL B 127 -0.84 18.30 -37.76
CA VAL B 127 -2.05 19.08 -37.59
C VAL B 127 -2.03 20.23 -38.58
N GLU B 128 -3.20 20.85 -38.76
CA GLU B 128 -3.33 21.95 -39.72
C GLU B 128 -2.42 23.12 -39.36
N GLN B 129 -1.99 23.20 -38.10
CA GLN B 129 -1.00 24.22 -37.70
C GLN B 129 0.31 24.02 -38.45
N ASP B 130 0.64 22.79 -38.81
CA ASP B 130 1.92 22.51 -39.44
C ASP B 130 1.94 22.93 -40.90
N PHE B 131 0.78 23.09 -41.52
CA PHE B 131 0.73 23.43 -42.94
C PHE B 131 0.17 24.83 -43.16
N HIS B 144 5.25 26.10 -51.55
CA HIS B 144 4.72 26.22 -50.19
C HIS B 144 5.59 25.48 -49.19
N PHE B 145 5.08 25.32 -47.97
CA PHE B 145 5.78 24.63 -46.91
C PHE B 145 5.32 23.18 -46.84
N HIS B 146 6.27 22.26 -46.71
CA HIS B 146 5.99 20.84 -46.67
C HIS B 146 6.66 20.22 -45.46
N GLN B 147 5.98 19.27 -44.82
CA GLN B 147 6.62 18.43 -43.83
C GLN B 147 7.22 17.22 -44.53
N ASN B 148 7.94 16.39 -43.80
CA ASN B 148 8.57 15.23 -44.39
C ASN B 148 8.75 14.15 -43.35
N LEU B 149 8.59 12.90 -43.79
CA LEU B 149 8.68 11.71 -42.94
C LEU B 149 10.03 11.07 -43.17
N ILE B 150 10.85 11.02 -42.12
CA ILE B 150 12.22 10.53 -42.21
C ILE B 150 12.31 9.21 -41.46
N VAL B 151 12.82 8.19 -42.14
CA VAL B 151 13.13 6.90 -41.53
C VAL B 151 14.61 6.65 -41.69
N THR B 152 15.28 6.32 -40.58
CA THR B 152 16.71 6.04 -40.55
C THR B 152 16.92 4.61 -40.08
N VAL B 153 17.73 3.85 -40.82
CA VAL B 153 17.95 2.44 -40.53
C VAL B 153 19.44 2.23 -40.31
N GLN B 154 19.78 1.57 -39.20
CA GLN B 154 21.17 1.24 -38.89
C GLN B 154 21.25 -0.17 -38.35
N SER B 155 22.47 -0.67 -38.25
CA SER B 155 22.74 -1.94 -37.59
C SER B 155 24.19 -1.95 -37.13
N ARG B 156 24.42 -2.40 -35.90
CA ARG B 156 25.78 -2.56 -35.41
C ARG B 156 26.46 -3.78 -36.02
N LEU B 157 25.70 -4.67 -36.65
CA LEU B 157 26.26 -5.88 -37.21
C LEU B 157 27.15 -5.55 -38.40
N ASN B 158 28.25 -6.31 -38.53
CA ASN B 158 29.16 -6.11 -39.64
C ASN B 158 28.74 -6.91 -40.87
N ALA B 159 27.62 -7.63 -40.79
CA ALA B 159 27.10 -8.36 -41.94
C ALA B 159 25.96 -7.60 -42.59
N ASP B 160 25.65 -7.98 -43.82
CA ASP B 160 24.54 -7.38 -44.54
C ASP B 160 23.21 -7.87 -43.96
N ILE B 161 22.23 -6.97 -43.95
CA ILE B 161 20.93 -7.24 -43.34
C ILE B 161 19.84 -6.77 -44.29
N ASP B 162 18.89 -7.66 -44.57
CA ASP B 162 17.70 -7.34 -45.34
C ASP B 162 16.59 -6.93 -44.39
N TYR B 163 15.82 -5.91 -44.75
CA TYR B 163 14.72 -5.48 -43.92
C TYR B 163 13.56 -5.06 -44.80
N ARG B 164 12.38 -4.99 -44.19
CA ARG B 164 11.17 -4.50 -44.83
C ARG B 164 10.53 -3.42 -43.97
N LEU B 165 10.11 -2.33 -44.61
CA LEU B 165 9.45 -1.23 -43.93
C LEU B 165 7.99 -1.21 -44.37
N HIS B 166 7.07 -1.26 -43.41
CA HIS B 166 5.65 -1.18 -43.67
C HIS B 166 5.10 0.14 -43.16
N VAL B 167 4.54 0.94 -44.05
CA VAL B 167 3.95 2.22 -43.70
C VAL B 167 2.44 2.06 -43.78
N THR B 168 1.81 1.90 -42.62
CA THR B 168 0.37 1.68 -42.52
C THR B 168 -0.31 2.96 -42.06
N HIS B 169 -1.44 3.29 -42.69
CA HIS B 169 -2.25 4.43 -42.32
C HIS B 169 -3.55 3.93 -41.71
N LEU B 170 -4.00 4.62 -40.67
CA LEU B 170 -5.22 4.25 -39.96
C LEU B 170 -5.84 5.53 -39.40
N ASP B 171 -6.75 6.12 -40.17
CA ASP B 171 -7.23 7.47 -39.91
C ASP B 171 -8.48 7.71 -40.75
N ARG B 172 -8.91 8.98 -40.78
CA ARG B 172 -10.02 9.48 -41.59
C ARG B 172 -11.36 9.01 -41.04
N ALA B 173 -11.31 8.13 -40.05
CA ALA B 173 -12.44 7.66 -39.27
C ALA B 173 -11.84 6.81 -38.18
N GLN B 174 -12.51 6.75 -37.02
CA GLN B 174 -11.99 6.01 -35.88
C GLN B 174 -10.81 6.76 -35.29
N TYR B 175 -10.42 7.85 -35.92
CA TYR B 175 -9.44 8.73 -35.30
C TYR B 175 -10.37 9.87 -35.56
N ASP B 176 -10.21 11.04 -34.97
CA ASP B 176 -11.20 12.11 -35.15
C ASP B 176 -12.63 11.61 -35.16
N PHE B 177 -12.94 10.62 -34.34
CA PHE B 177 -14.28 10.09 -34.24
C PHE B 177 -15.03 10.60 -33.02
N LEU B 178 -14.31 11.05 -32.00
CA LEU B 178 -14.89 11.46 -30.73
C LEU B 178 -15.41 12.88 -30.76
N LYS B 179 -15.71 13.41 -31.95
CA LYS B 179 -16.36 14.70 -32.06
C LYS B 179 -17.87 14.54 -31.89
N PHE B 180 -18.41 15.15 -30.85
CA PHE B 180 -19.81 14.98 -30.46
C PHE B 180 -20.63 16.14 -31.01
N LYS B 181 -21.68 15.81 -31.74
CA LYS B 181 -22.57 16.84 -32.25
C LYS B 181 -23.46 17.37 -31.13
N THR B 182 -24.11 18.51 -31.40
CA THR B 182 -24.91 19.18 -30.39
C THR B 182 -26.04 18.28 -29.91
N GLY B 183 -26.20 18.17 -28.60
CA GLY B 183 -27.24 17.36 -28.02
C GLY B 183 -26.98 15.87 -28.03
N GLN B 184 -25.77 15.45 -28.38
CA GLN B 184 -25.40 14.03 -28.40
C GLN B 184 -24.47 13.75 -27.24
N THR B 185 -24.71 12.65 -26.54
CA THR B 185 -23.90 12.26 -25.40
C THR B 185 -23.24 10.90 -25.54
N THR B 186 -23.71 10.04 -26.44
CA THR B 186 -23.17 8.70 -26.62
C THR B 186 -22.90 8.43 -28.09
N LYS B 187 -21.69 7.94 -28.38
CA LYS B 187 -21.32 7.49 -29.70
C LYS B 187 -20.87 6.03 -29.62
N THR B 188 -21.11 5.29 -30.68
CA THR B 188 -20.83 3.86 -30.69
C THR B 188 -20.12 3.47 -31.98
N LEU B 189 -19.01 2.75 -31.83
CA LEU B 189 -18.34 2.08 -32.93
C LEU B 189 -18.47 0.58 -32.73
N SER B 190 -18.96 -0.13 -33.74
CA SER B 190 -19.27 -1.55 -33.61
C SER B 190 -18.36 -2.38 -34.49
N ASN B 191 -17.81 -3.44 -33.92
CA ASN B 191 -17.03 -4.44 -34.63
C ASN B 191 -15.86 -3.81 -35.41
N GLN B 192 -15.06 -3.03 -34.71
CA GLN B 192 -13.83 -2.50 -35.29
C GLN B 192 -12.74 -3.55 -35.22
N LYS B 193 -12.12 -3.85 -36.37
CA LYS B 193 -11.15 -4.93 -36.47
C LYS B 193 -9.80 -4.46 -35.98
N LEU B 194 -9.16 -5.28 -35.14
CA LEU B 194 -7.88 -4.94 -34.53
C LEU B 194 -6.89 -6.03 -34.83
N THR B 195 -5.79 -5.68 -35.47
CA THR B 195 -4.72 -6.63 -35.81
C THR B 195 -3.42 -6.10 -35.22
N PHE B 196 -2.40 -6.96 -35.19
CA PHE B 196 -1.09 -6.55 -34.73
C PHE B 196 -0.45 -5.57 -35.70
N VAL B 197 -0.94 -5.52 -36.94
CA VAL B 197 -0.37 -4.60 -37.93
C VAL B 197 -1.13 -3.28 -37.94
N LYS B 198 -2.44 -3.32 -37.74
CA LYS B 198 -3.27 -2.10 -37.73
C LYS B 198 -3.92 -1.93 -36.37
N PRO B 199 -3.31 -1.16 -35.46
CA PRO B 199 -3.97 -0.87 -34.19
C PRO B 199 -5.08 0.17 -34.30
N ILE B 200 -5.85 0.31 -33.23
CA ILE B 200 -6.90 1.31 -33.16
C ILE B 200 -6.39 2.51 -32.36
N GLY B 201 -6.84 3.70 -32.72
CA GLY B 201 -6.42 4.89 -32.00
C GLY B 201 -7.37 6.06 -32.17
N PHE B 202 -7.73 6.69 -31.05
CA PHE B 202 -8.64 7.82 -31.02
C PHE B 202 -7.94 9.06 -30.47
N PHE B 203 -8.57 10.21 -30.68
CA PHE B 203 -8.12 11.46 -30.11
C PHE B 203 -9.31 12.19 -29.51
N LEU B 204 -9.20 12.58 -28.26
CA LEU B 204 -10.28 13.23 -27.52
C LEU B 204 -9.82 14.61 -27.08
N ASN B 205 -10.47 15.65 -27.62
CA ASN B 205 -10.26 17.02 -27.20
C ASN B 205 -11.48 17.43 -26.39
N CYS B 206 -11.32 17.48 -25.07
CA CYS B 206 -12.44 17.80 -24.21
C CYS B 206 -12.70 19.30 -24.15
N SER B 207 -11.67 20.11 -24.40
CA SER B 207 -11.88 21.55 -24.54
C SER B 207 -12.75 21.86 -25.73
N GLU B 208 -12.56 21.14 -26.85
CA GLU B 208 -13.34 21.40 -28.05
C GLU B 208 -14.74 20.84 -27.96
N GLN B 209 -14.90 19.70 -27.29
CA GLN B 209 -16.18 19.00 -27.22
C GLN B 209 -16.99 19.37 -25.99
N ASN B 210 -16.47 20.25 -25.14
CA ASN B 210 -17.16 20.69 -23.92
C ASN B 210 -17.52 19.50 -23.04
N ILE B 211 -16.55 18.61 -22.86
CA ILE B 211 -16.72 17.37 -22.11
C ILE B 211 -16.16 17.59 -20.71
N SER B 212 -16.99 17.35 -19.69
CA SER B 212 -16.58 17.42 -18.30
C SER B 212 -16.19 16.08 -17.73
N GLN B 213 -16.95 15.03 -18.04
CA GLN B 213 -16.62 13.67 -17.67
C GLN B 213 -16.83 12.78 -18.89
N PHE B 214 -16.08 11.69 -18.95
CA PHE B 214 -16.08 10.85 -20.14
C PHE B 214 -15.89 9.39 -19.72
N HIS B 215 -16.61 8.51 -20.40
CA HIS B 215 -16.51 7.08 -20.12
C HIS B 215 -16.31 6.34 -21.44
N VAL B 216 -15.30 5.49 -21.50
CA VAL B 216 -15.02 4.66 -22.65
C VAL B 216 -15.21 3.20 -22.26
N THR B 217 -15.94 2.46 -23.09
CA THR B 217 -16.13 1.03 -22.88
C THR B 217 -15.76 0.27 -24.16
N LEU B 218 -15.07 -0.84 -23.99
CA LEU B 218 -14.65 -1.69 -25.10
C LEU B 218 -15.28 -3.06 -24.93
N TYR B 219 -16.06 -3.48 -25.92
CA TYR B 219 -16.71 -4.77 -25.92
C TYR B 219 -16.07 -5.68 -26.97
N SER B 220 -15.76 -6.90 -26.58
CA SER B 220 -15.23 -7.91 -27.49
C SER B 220 -15.76 -9.27 -27.07
N GLU B 221 -16.08 -10.11 -28.05
CA GLU B 221 -16.48 -11.48 -27.73
C GLU B 221 -15.32 -12.45 -27.83
N ASP B 222 -14.25 -12.08 -28.53
CA ASP B 222 -13.06 -12.91 -28.59
C ASP B 222 -12.28 -12.82 -27.27
N ASP B 223 -11.71 -13.95 -26.86
CA ASP B 223 -10.79 -13.93 -25.74
C ASP B 223 -9.36 -13.79 -26.23
N ILE B 224 -9.10 -12.76 -27.03
CA ILE B 224 -7.78 -12.46 -27.57
C ILE B 224 -7.24 -11.27 -26.79
N CYS B 225 -5.99 -11.38 -26.36
CA CYS B 225 -5.42 -10.38 -25.48
C CYS B 225 -5.20 -9.08 -26.22
N ALA B 226 -5.52 -7.97 -25.57
CA ALA B 226 -5.34 -6.66 -26.15
C ALA B 226 -4.97 -5.70 -25.02
N ASN B 227 -4.52 -4.51 -25.42
CA ASN B 227 -4.11 -3.49 -24.49
C ASN B 227 -4.86 -2.19 -24.77
N LEU B 228 -5.34 -1.56 -23.71
CA LEU B 228 -5.99 -0.26 -23.78
C LEU B 228 -5.02 0.75 -23.15
N ILE B 229 -4.43 1.59 -23.99
CA ILE B 229 -3.45 2.57 -23.57
C ILE B 229 -4.07 3.94 -23.72
N THR B 230 -3.96 4.75 -22.69
CA THR B 230 -4.47 6.10 -22.73
C THR B 230 -3.41 7.01 -22.15
N VAL B 231 -3.22 8.17 -22.75
CA VAL B 231 -2.27 9.20 -22.31
C VAL B 231 -2.80 10.58 -22.66
N PRO B 232 -2.23 11.61 -22.06
CA PRO B 232 -2.58 12.98 -22.42
C PRO B 232 -2.01 13.29 -23.80
N ALA B 233 -2.60 14.21 -24.55
CA ALA B 233 -2.10 14.49 -25.88
C ALA B 233 -0.63 14.95 -25.89
N ASN B 234 -0.21 15.74 -24.92
CA ASN B 234 1.20 16.16 -24.85
C ASN B 234 2.19 15.01 -24.56
N GLU B 235 1.76 14.00 -23.82
CA GLU B 235 2.56 12.81 -23.48
C GLU B 235 2.77 11.79 -24.59
N SER B 236 3.76 10.92 -24.41
CA SER B 236 4.10 9.88 -25.37
C SER B 236 4.04 8.48 -24.77
N ILE B 237 3.54 7.51 -25.53
CA ILE B 237 3.42 6.15 -25.05
C ILE B 237 4.75 5.52 -24.75
N TYR B 238 5.72 5.83 -25.59
CA TYR B 238 7.05 5.26 -25.52
C TYR B 238 8.15 6.05 -24.86
N ASP B 239 7.89 7.31 -24.54
CA ASP B 239 8.88 8.21 -23.95
C ASP B 239 8.76 8.14 -22.43
N ARG B 240 9.82 7.66 -21.80
CA ARG B 240 9.83 7.50 -20.35
C ARG B 240 10.05 8.85 -19.67
N SER B 241 9.49 8.99 -18.46
CA SER B 241 9.60 10.21 -17.67
C SER B 241 10.25 9.89 -16.33
N VAL B 242 10.98 10.87 -15.78
CA VAL B 242 11.66 10.67 -14.51
C VAL B 242 10.65 10.30 -13.42
N ILE B 243 11.05 9.37 -12.55
CA ILE B 243 10.14 8.78 -11.57
C ILE B 243 8.93 8.18 -12.27
N SER B 244 9.17 7.16 -13.10
CA SER B 244 8.13 6.63 -13.97
C SER B 244 6.90 6.18 -13.18
N ASP B 245 7.08 5.27 -12.21
CA ASP B 245 5.95 4.79 -11.43
C ASP B 245 5.35 5.91 -10.58
N LYS B 246 6.18 6.83 -10.11
CA LYS B 246 5.69 7.89 -9.23
C LYS B 246 4.84 8.90 -9.99
N THR B 247 5.37 9.41 -11.10
CA THR B 247 4.65 10.38 -11.94
C THR B 247 4.29 9.67 -13.24
N HIS B 248 3.10 9.09 -13.29
CA HIS B 248 2.66 8.29 -14.42
C HIS B 248 1.24 8.65 -14.79
N ASN B 249 1.07 9.24 -15.97
CA ASN B 249 -0.25 9.62 -16.47
C ASN B 249 -0.74 8.68 -17.57
N ARG B 250 -0.01 7.61 -17.86
CA ARG B 250 -0.39 6.64 -18.87
C ARG B 250 -0.99 5.41 -18.20
N ARG B 251 -2.18 5.01 -18.67
CA ARG B 251 -2.83 3.82 -18.18
C ARG B 251 -2.81 2.74 -19.25
N VAL B 252 -2.45 1.53 -18.85
CA VAL B 252 -2.38 0.39 -19.75
C VAL B 252 -3.31 -0.67 -19.16
N LEU B 253 -4.50 -0.80 -19.75
CA LEU B 253 -5.46 -1.80 -19.33
C LEU B 253 -5.43 -2.98 -20.29
N SER B 254 -4.99 -4.14 -19.80
CA SER B 254 -5.02 -5.37 -20.58
C SER B 254 -6.40 -5.98 -20.43
N PHE B 255 -7.03 -6.34 -21.55
CA PHE B 255 -8.39 -6.83 -21.55
C PHE B 255 -8.56 -7.91 -22.61
N THR B 256 -9.60 -8.71 -22.44
CA THR B 256 -10.01 -9.68 -23.46
C THR B 256 -11.42 -9.40 -23.96
N LYS B 257 -12.39 -9.28 -23.04
CA LYS B 257 -13.79 -9.12 -23.42
C LYS B 257 -14.42 -7.81 -22.97
N ARG B 258 -13.81 -7.10 -22.03
CA ARG B 258 -14.33 -5.80 -21.65
C ARG B 258 -13.22 -4.97 -21.03
N ALA B 259 -13.31 -3.66 -21.23
CA ALA B 259 -12.40 -2.69 -20.64
C ALA B 259 -13.13 -1.36 -20.52
N ASP B 260 -12.86 -0.64 -19.44
CA ASP B 260 -13.55 0.60 -19.14
C ASP B 260 -12.56 1.69 -18.77
N ILE B 261 -12.85 2.90 -19.23
CA ILE B 261 -12.06 4.09 -18.91
C ILE B 261 -13.02 5.12 -18.34
N PHE B 262 -12.66 5.72 -17.21
CA PHE B 262 -13.43 6.82 -16.65
C PHE B 262 -12.50 8.03 -16.53
N PHE B 263 -12.79 9.06 -17.31
CA PHE B 263 -12.08 10.33 -17.22
C PHE B 263 -12.86 11.22 -16.26
N THR B 264 -12.37 11.33 -15.03
CA THR B 264 -13.05 12.12 -14.03
C THR B 264 -12.96 13.60 -14.38
N GLU B 265 -13.78 14.41 -13.69
CA GLU B 265 -13.84 15.83 -13.98
C GLU B 265 -12.53 16.53 -13.64
N THR B 266 -11.80 16.03 -12.64
CA THR B 266 -10.52 16.64 -12.28
C THR B 266 -9.41 16.24 -13.24
N GLU B 267 -9.53 15.07 -13.86
CA GLU B 267 -8.54 14.64 -14.84
C GLU B 267 -8.72 15.37 -16.17
N ILE B 268 -9.96 15.55 -16.60
CA ILE B 268 -10.24 16.32 -17.80
C ILE B 268 -9.65 17.72 -17.68
N SER B 269 -9.70 18.32 -16.50
CA SER B 269 -9.23 19.68 -16.32
C SER B 269 -7.70 19.75 -16.26
N MET B 270 -7.04 18.66 -15.87
CA MET B 270 -5.59 18.67 -15.79
C MET B 270 -4.96 18.69 -17.17
N PHE B 271 -5.52 17.93 -18.12
CA PHE B 271 -4.89 17.73 -19.42
C PHE B 271 -5.71 18.27 -20.59
N LYS B 272 -7.04 18.19 -20.53
CA LYS B 272 -7.96 18.84 -21.48
C LYS B 272 -7.93 18.08 -22.80
N SER B 273 -7.06 17.10 -22.99
CA SER B 273 -7.04 16.33 -24.23
C SER B 273 -6.26 15.03 -24.04
N PHE B 274 -6.75 13.97 -24.66
CA PHE B 274 -6.24 12.63 -24.44
C PHE B 274 -6.14 11.86 -25.75
N ARG B 275 -5.28 10.85 -25.75
CA ARG B 275 -5.11 9.93 -26.88
C ARG B 275 -5.36 8.51 -26.39
N ILE B 276 -6.31 7.83 -27.01
CA ILE B 276 -6.69 6.48 -26.65
C ILE B 276 -6.25 5.54 -27.75
N PHE B 277 -5.52 4.49 -27.37
CA PHE B 277 -5.00 3.51 -28.31
C PHE B 277 -5.41 2.12 -27.88
N VAL B 278 -5.63 1.24 -28.85
CA VAL B 278 -5.94 -0.16 -28.61
C VAL B 278 -4.94 -0.98 -29.40
N PHE B 279 -4.13 -1.78 -28.71
CA PHE B 279 -3.15 -2.65 -29.32
C PHE B 279 -3.45 -4.10 -28.97
N ILE B 280 -2.95 -5.01 -29.79
CA ILE B 280 -2.97 -6.43 -29.47
C ILE B 280 -1.70 -6.77 -28.70
N ALA B 281 -1.89 -7.30 -27.49
CA ALA B 281 -0.77 -7.75 -26.69
C ALA B 281 -0.13 -8.96 -27.35
N PRO B 282 1.12 -8.88 -27.80
CA PRO B 282 1.76 -10.07 -28.40
C PRO B 282 2.07 -11.14 -27.39
N ASP B 283 2.31 -10.78 -26.12
CA ASP B 283 2.43 -11.74 -25.03
C ASP B 283 1.18 -11.65 -24.18
N ASP B 284 0.57 -12.80 -23.89
CA ASP B 284 -0.69 -12.85 -23.15
C ASP B 284 -0.48 -13.01 -21.65
N SER B 285 0.63 -12.50 -21.12
CA SER B 285 0.92 -12.66 -19.69
C SER B 285 -0.05 -11.85 -18.83
N GLY B 286 -0.38 -10.63 -19.25
CA GLY B 286 -1.26 -9.78 -18.46
C GLY B 286 -2.72 -10.21 -18.50
N CYS B 287 -3.04 -11.26 -19.25
CA CYS B 287 -4.41 -11.73 -19.39
C CYS B 287 -4.56 -13.23 -19.24
N SER B 288 -3.49 -14.00 -19.31
CA SER B 288 -3.54 -15.45 -19.17
C SER B 288 -2.33 -15.92 -18.40
N THR B 289 -2.51 -17.02 -17.66
CA THR B 289 -1.43 -17.54 -16.83
C THR B 289 -0.55 -18.51 -17.61
N ASN B 290 -1.14 -19.22 -18.57
CA ASN B 290 -0.43 -20.24 -19.35
C ASN B 290 0.08 -19.64 -20.65
N THR B 291 1.23 -20.11 -21.10
CA THR B 291 1.80 -19.70 -22.38
C THR B 291 1.14 -20.52 -23.50
N SER B 292 0.42 -19.85 -24.38
CA SER B 292 -0.32 -20.53 -25.43
C SER B 292 -0.15 -19.80 -26.75
N ARG B 293 0.55 -20.44 -27.68
CA ARG B 293 0.70 -19.94 -29.06
C ARG B 293 1.12 -18.47 -29.08
N LYS B 294 2.14 -18.13 -28.28
CA LYS B 294 2.62 -16.76 -28.11
C LYS B 294 2.74 -16.02 -29.43
N SER B 295 3.23 -16.70 -30.47
CA SER B 295 3.30 -16.12 -31.81
C SER B 295 2.00 -16.42 -32.55
N PHE B 296 1.31 -15.37 -33.00
CA PHE B 296 0.05 -15.53 -33.69
C PHE B 296 -0.27 -14.30 -34.52
N ASN B 297 -1.15 -14.48 -35.50
CA ASN B 297 -1.73 -13.39 -36.29
C ASN B 297 -3.24 -13.54 -36.17
N GLU B 298 -3.82 -12.97 -35.12
CA GLU B 298 -5.23 -13.12 -34.81
C GLU B 298 -5.91 -11.76 -34.83
N LYS B 299 -6.93 -11.62 -35.66
CA LYS B 299 -7.71 -10.39 -35.68
C LYS B 299 -8.68 -10.36 -34.52
N LYS B 300 -9.07 -9.15 -34.11
CA LYS B 300 -9.95 -8.97 -32.97
C LYS B 300 -10.97 -7.89 -33.29
N LYS B 301 -12.24 -8.21 -33.08
CA LYS B 301 -13.34 -7.27 -33.29
C LYS B 301 -13.72 -6.64 -31.96
N ILE B 302 -13.71 -5.33 -31.90
CA ILE B 302 -14.01 -4.59 -30.69
C ILE B 302 -15.13 -3.60 -30.97
N SER B 303 -16.02 -3.44 -30.01
CA SER B 303 -17.09 -2.45 -30.08
C SER B 303 -16.81 -1.38 -29.03
N PHE B 304 -16.96 -0.12 -29.42
CA PHE B 304 -16.70 1.00 -28.53
C PHE B 304 -17.99 1.71 -28.16
N GLU B 305 -18.01 2.26 -26.95
CA GLU B 305 -19.09 3.13 -26.51
C GLU B 305 -18.47 4.29 -25.75
N PHE B 306 -18.71 5.50 -26.24
CA PHE B 306 -18.16 6.71 -25.64
C PHE B 306 -19.31 7.53 -25.05
N LYS B 307 -19.30 7.70 -23.74
CA LYS B 307 -20.35 8.42 -23.04
C LYS B 307 -19.85 9.80 -22.62
N LYS B 308 -20.66 10.81 -22.86
CA LYS B 308 -20.40 12.17 -22.42
C LYS B 308 -21.18 12.36 -21.11
N LEU B 309 -20.52 12.12 -19.99
CA LEU B 309 -21.19 12.06 -18.70
C LEU B 309 -21.33 13.44 -18.08
N GLU B 310 -22.52 13.74 -17.56
CA GLU B 310 -22.77 14.95 -16.81
C GLU B 310 -22.98 14.57 -15.34
N ASN B 311 -22.43 15.36 -14.44
CA ASN B 311 -22.57 15.09 -13.01
C ASN B 311 -24.04 15.09 -12.63
N GLN B 312 -24.45 14.07 -11.88
CA GLN B 312 -25.86 13.90 -11.54
C GLN B 312 -26.01 13.33 -10.15
N SER B 313 -27.13 13.67 -9.52
CA SER B 313 -27.51 13.14 -8.21
C SER B 313 -28.60 12.11 -8.40
N TYR B 314 -28.39 10.92 -7.86
CA TYR B 314 -29.34 9.81 -8.01
C TYR B 314 -30.42 9.90 -6.94
N ALA B 315 -31.24 10.95 -7.05
CA ALA B 315 -32.21 11.25 -6.01
C ALA B 315 -33.33 10.22 -5.96
N VAL B 316 -33.71 9.66 -7.10
CA VAL B 316 -34.83 8.71 -7.16
C VAL B 316 -34.39 7.34 -6.64
N PRO B 317 -33.24 6.77 -7.07
CA PRO B 317 -32.84 5.48 -6.51
C PRO B 317 -32.47 5.57 -5.04
N THR B 318 -31.95 6.73 -4.61
CA THR B 318 -31.55 6.89 -3.22
C THR B 318 -32.77 7.07 -2.32
N ALA B 319 -33.75 7.86 -2.76
CA ALA B 319 -34.95 8.07 -1.96
C ALA B 319 -35.77 6.78 -1.87
N LEU B 320 -35.89 6.05 -2.97
CA LEU B 320 -36.59 4.77 -2.94
C LEU B 320 -35.84 3.71 -2.15
N MET B 321 -34.52 3.86 -1.97
CA MET B 321 -33.77 2.95 -1.13
C MET B 321 -33.97 3.28 0.34
N MET B 322 -34.12 4.57 0.67
CA MET B 322 -34.34 4.96 2.06
C MET B 322 -35.77 4.69 2.50
N ILE B 323 -36.74 4.82 1.60
CA ILE B 323 -38.11 4.45 1.93
C ILE B 323 -38.20 2.96 2.20
N PHE B 324 -37.47 2.16 1.43
CA PHE B 324 -37.47 0.72 1.61
C PHE B 324 -36.73 0.29 2.87
N LEU B 325 -35.74 1.08 3.30
CA LEU B 325 -34.96 0.72 4.48
C LEU B 325 -35.57 1.24 5.77
N THR B 326 -36.33 2.34 5.70
CA THR B 326 -36.96 2.93 6.87
C THR B 326 -38.30 2.28 7.19
N THR B 327 -38.90 1.57 6.24
CA THR B 327 -40.19 0.92 6.45
C THR B 327 -40.11 -0.20 7.48
N PRO B 328 -39.14 -1.12 7.42
CA PRO B 328 -39.09 -2.18 8.43
C PRO B 328 -38.70 -1.72 9.82
N CYS B 329 -38.26 -0.48 9.99
CA CYS B 329 -38.00 0.04 11.33
C CYS B 329 -39.27 0.24 12.14
N LEU B 330 -40.45 0.08 11.52
CA LEU B 330 -41.70 0.19 12.25
C LEU B 330 -41.92 -0.97 13.20
N LEU B 331 -41.12 -2.03 13.10
CA LEU B 331 -41.20 -3.12 14.06
C LEU B 331 -40.68 -2.69 15.43
N PHE B 332 -39.77 -1.72 15.46
CA PHE B 332 -39.28 -1.20 16.72
C PHE B 332 -40.31 -0.33 17.42
N LEU B 333 -41.22 0.29 16.67
CA LEU B 333 -42.16 1.27 17.20
C LEU B 333 -43.07 0.68 18.28
N PRO B 334 -43.82 -0.39 18.02
CA PRO B 334 -44.86 -0.77 19.00
C PRO B 334 -44.30 -1.37 20.28
N ILE B 335 -43.26 -2.19 20.18
CA ILE B 335 -42.82 -2.98 21.33
C ILE B 335 -41.65 -2.29 22.04
N VAL B 336 -40.64 -1.86 21.28
CA VAL B 336 -39.43 -1.34 21.90
C VAL B 336 -39.61 0.10 22.35
N ILE B 337 -40.15 0.95 21.49
CA ILE B 337 -40.14 2.39 21.75
C ILE B 337 -41.21 2.76 22.78
N ASN B 338 -42.39 2.15 22.68
CA ASN B 338 -43.48 2.50 23.60
C ASN B 338 -43.11 2.20 25.05
N ILE B 339 -42.25 1.20 25.28
CA ILE B 339 -41.79 0.93 26.64
C ILE B 339 -40.95 2.09 27.15
N ILE B 340 -40.16 2.71 26.26
CA ILE B 340 -39.37 3.87 26.65
C ILE B 340 -40.28 5.02 27.05
N LYS B 341 -41.44 5.14 26.39
CA LYS B 341 -42.41 6.17 26.77
C LYS B 341 -43.05 5.86 28.12
N ASN B 342 -43.44 4.60 28.32
CA ASN B 342 -44.20 4.22 29.50
C ASN B 342 -43.40 4.41 30.79
N SER B 343 -42.08 4.25 30.73
CA SER B 343 -41.27 4.35 31.94
C SER B 343 -41.19 5.79 32.44
N ARG B 344 -41.13 6.76 31.53
CA ARG B 344 -41.04 8.16 31.91
C ARG B 344 -42.43 8.76 32.10
N SER B 425 -22.15 1.16 37.47
CA SER B 425 -21.54 2.42 37.04
C SER B 425 -21.25 2.38 35.55
N LEU B 426 -21.70 3.41 34.83
CA LEU B 426 -21.52 3.44 33.37
C LEU B 426 -20.03 3.56 33.02
N HIS B 427 -19.31 4.44 33.72
CA HIS B 427 -17.87 4.57 33.46
C HIS B 427 -17.11 3.29 33.78
N GLY B 428 -17.70 2.39 34.57
CA GLY B 428 -17.11 1.09 34.81
C GLY B 428 -17.33 0.17 33.63
N GLN B 429 -18.45 0.35 32.94
CA GLN B 429 -18.74 -0.41 31.73
C GLN B 429 -18.17 0.25 30.49
N MET B 430 -18.01 1.58 30.50
CA MET B 430 -17.54 2.29 29.32
C MET B 430 -16.03 2.23 29.17
N LEU B 431 -15.29 2.11 30.27
CA LEU B 431 -13.84 2.02 30.18
C LEU B 431 -13.34 0.58 30.10
N GLN B 432 -14.20 -0.37 30.44
CA GLN B 432 -13.91 -1.79 30.26
C GLN B 432 -14.55 -2.37 29.02
N TYR B 433 -15.29 -1.57 28.27
CA TYR B 433 -15.89 -2.03 27.03
C TYR B 433 -14.80 -2.21 25.97
N PRO B 434 -14.84 -3.28 25.18
CA PRO B 434 -13.82 -3.43 24.13
C PRO B 434 -14.01 -2.46 22.99
N VAL B 435 -13.16 -1.44 22.91
CA VAL B 435 -13.20 -0.49 21.81
C VAL B 435 -12.11 -0.76 20.79
N ALA B 436 -11.19 -1.70 21.07
CA ALA B 436 -10.18 -2.10 20.11
C ALA B 436 -10.71 -3.06 19.06
N ILE B 437 -11.99 -3.43 19.15
CA ILE B 437 -12.64 -4.15 18.05
C ILE B 437 -12.93 -3.24 16.87
N ILE B 438 -12.93 -1.92 17.09
CA ILE B 438 -13.17 -0.96 16.04
C ILE B 438 -11.91 -0.74 15.20
N LEU B 439 -10.75 -0.98 15.78
CA LEU B 439 -9.46 -0.66 15.18
C LEU B 439 -9.15 -1.46 13.91
N PRO B 440 -9.45 -2.77 13.84
CA PRO B 440 -9.20 -3.51 12.59
C PRO B 440 -9.86 -2.89 11.37
N VAL B 441 -11.04 -2.31 11.56
CA VAL B 441 -11.82 -1.73 10.46
C VAL B 441 -11.41 -0.30 10.18
N LEU B 442 -11.18 0.49 11.23
CA LEU B 442 -10.79 1.88 11.05
C LEU B 442 -9.34 2.03 10.60
N MET B 443 -8.47 1.08 10.90
CA MET B 443 -7.10 1.11 10.41
C MET B 443 -6.98 0.58 9.00
N HIS B 444 -7.96 -0.21 8.54
CA HIS B 444 -8.03 -0.58 7.14
C HIS B 444 -8.58 0.56 6.30
N THR B 445 -9.58 1.27 6.82
CA THR B 445 -10.14 2.43 6.13
C THR B 445 -9.10 3.53 5.96
N ALA B 446 -8.25 3.73 6.96
CA ALA B 446 -7.22 4.77 6.86
C ALA B 446 -6.15 4.41 5.84
N ILE B 447 -5.88 3.13 5.66
CA ILE B 447 -4.87 2.68 4.71
C ILE B 447 -5.42 2.67 3.29
N GLU B 448 -6.69 2.30 3.12
CA GLU B 448 -7.30 2.32 1.79
C GLU B 448 -7.57 3.73 1.30
N PHE B 449 -7.76 4.69 2.20
CA PHE B 449 -7.90 6.08 1.78
C PHE B 449 -6.56 6.69 1.42
N HIS B 450 -5.49 6.29 2.13
CA HIS B 450 -4.15 6.74 1.77
C HIS B 450 -3.75 6.19 0.41
N LYS B 451 -4.01 4.90 0.18
CA LYS B 451 -3.69 4.28 -1.10
C LYS B 451 -4.53 4.84 -2.23
N TRP B 452 -5.66 5.49 -1.91
CA TRP B 452 -6.56 6.04 -2.92
C TRP B 452 -6.25 7.49 -3.25
N THR B 453 -5.89 8.30 -2.26
CA THR B 453 -5.59 9.70 -2.52
C THR B 453 -4.18 9.92 -3.03
N THR B 454 -3.29 8.94 -2.87
CA THR B 454 -1.95 9.07 -3.41
C THR B 454 -1.86 8.54 -4.84
N SER B 455 -2.82 7.70 -5.23
CA SER B 455 -2.83 7.17 -6.59
C SER B 455 -3.15 8.26 -7.59
N THR B 456 -2.55 8.16 -8.77
CA THR B 456 -2.85 9.09 -9.84
C THR B 456 -4.19 8.73 -10.48
N MET B 457 -4.70 9.66 -11.30
CA MET B 457 -5.97 9.42 -11.99
C MET B 457 -5.88 8.22 -12.91
N ALA B 458 -4.72 8.00 -13.54
CA ALA B 458 -4.57 6.87 -14.45
C ALA B 458 -4.37 5.56 -13.70
N ASN B 459 -3.77 5.60 -12.51
CA ASN B 459 -3.54 4.38 -11.74
C ASN B 459 -4.81 3.84 -11.11
N ARG B 460 -5.81 4.69 -10.86
CA ARG B 460 -7.07 4.24 -10.28
C ARG B 460 -7.89 3.38 -11.22
N ASP B 461 -7.61 3.42 -12.53
CA ASP B 461 -8.30 2.57 -13.48
C ASP B 461 -7.61 1.22 -13.66
N GLU B 462 -6.28 1.16 -13.51
CA GLU B 462 -5.59 -0.11 -13.59
C GLU B 462 -5.67 -0.89 -12.29
N MET B 463 -5.97 -0.21 -11.18
CA MET B 463 -5.87 -0.81 -9.85
C MET B 463 -7.21 -1.25 -9.29
N CYS B 464 -8.27 -0.50 -9.50
CA CYS B 464 -9.57 -0.78 -8.91
C CYS B 464 -10.40 -1.57 -9.91
N PHE B 465 -10.99 -2.68 -9.45
CA PHE B 465 -11.75 -3.59 -10.31
C PHE B 465 -13.22 -3.50 -9.92
N HIS B 466 -13.97 -2.66 -10.63
CA HIS B 466 -15.39 -2.51 -10.40
C HIS B 466 -16.16 -3.41 -11.37
N ASN B 467 -17.47 -3.48 -11.19
CA ASN B 467 -18.38 -4.07 -12.15
C ASN B 467 -18.99 -2.89 -12.91
N HIS B 468 -18.37 -2.52 -14.02
CA HIS B 468 -18.70 -1.27 -14.69
C HIS B 468 -20.00 -1.35 -15.48
N ALA B 469 -20.58 -2.54 -15.61
CA ALA B 469 -21.94 -2.63 -16.15
C ALA B 469 -22.96 -2.12 -15.13
N CYS B 470 -22.62 -2.24 -13.84
CA CYS B 470 -23.45 -1.75 -12.75
C CYS B 470 -22.66 -0.84 -11.81
N ALA B 471 -21.93 0.11 -12.37
CA ALA B 471 -21.17 1.07 -11.58
C ALA B 471 -21.62 2.47 -11.97
N ARG B 472 -22.29 3.15 -11.04
CA ARG B 472 -22.76 4.51 -11.27
C ARG B 472 -21.81 5.47 -10.56
N PRO B 473 -21.25 6.45 -11.25
CA PRO B 473 -20.22 7.28 -10.63
C PRO B 473 -20.78 8.49 -9.90
N LEU B 474 -20.01 8.97 -8.93
CA LEU B 474 -20.28 10.23 -8.25
C LEU B 474 -18.95 10.91 -7.99
N GLY B 475 -18.62 11.92 -8.78
CA GLY B 475 -17.32 12.55 -8.64
C GLY B 475 -16.21 11.61 -9.07
N GLU B 476 -15.27 11.35 -8.15
CA GLU B 476 -14.18 10.44 -8.43
C GLU B 476 -14.55 8.99 -8.14
N LEU B 477 -15.63 8.77 -7.40
CA LEU B 477 -16.05 7.42 -7.05
C LEU B 477 -16.69 6.75 -8.26
N ARG B 478 -16.12 5.62 -8.69
CA ARG B 478 -16.59 4.93 -9.88
C ARG B 478 -17.85 4.11 -9.64
N ALA B 479 -18.11 3.68 -8.41
CA ALA B 479 -19.32 2.92 -8.08
C ALA B 479 -19.94 3.56 -6.84
N TRP B 480 -20.78 4.56 -7.06
CA TRP B 480 -21.52 5.19 -5.98
C TRP B 480 -22.65 4.31 -5.45
N ASN B 481 -23.25 3.49 -6.31
CA ASN B 481 -24.31 2.61 -5.87
C ASN B 481 -23.81 1.57 -4.87
N ASN B 482 -22.53 1.20 -4.95
CA ASN B 482 -22.00 0.22 -4.02
C ASN B 482 -21.58 0.84 -2.70
N ILE B 483 -21.43 2.16 -2.65
CA ILE B 483 -21.06 2.86 -1.43
C ILE B 483 -22.28 3.33 -0.66
N ILE B 484 -23.27 3.90 -1.35
CA ILE B 484 -24.45 4.43 -0.68
C ILE B 484 -25.43 3.34 -0.26
N THR B 485 -25.38 2.15 -0.87
CA THR B 485 -26.28 1.08 -0.46
C THR B 485 -25.88 0.45 0.87
N ASN B 486 -24.71 0.81 1.39
CA ASN B 486 -24.30 0.39 2.72
C ASN B 486 -24.87 1.27 3.82
N ILE B 487 -25.79 2.17 3.49
CA ILE B 487 -26.35 3.08 4.48
C ILE B 487 -27.39 2.41 5.37
N GLY B 488 -27.88 1.24 4.98
CA GLY B 488 -28.79 0.52 5.85
C GLY B 488 -28.09 -0.08 7.04
N TYR B 489 -26.83 -0.45 6.86
CA TYR B 489 -26.01 -0.90 7.99
C TYR B 489 -25.75 0.23 8.98
N THR B 490 -25.46 1.43 8.49
CA THR B 490 -25.28 2.58 9.37
C THR B 490 -26.59 2.95 10.05
N LEU B 491 -27.69 2.96 9.30
CA LEU B 491 -28.98 3.31 9.88
C LEU B 491 -29.40 2.33 10.95
N TYR B 492 -29.32 1.02 10.66
CA TYR B 492 -29.75 0.02 11.62
C TYR B 492 -28.77 -0.09 12.78
N GLY B 493 -27.47 -0.05 12.50
CA GLY B 493 -26.48 -0.12 13.56
C GLY B 493 -26.63 1.01 14.56
N ALA B 494 -26.96 2.21 14.09
CA ALA B 494 -27.15 3.33 14.99
C ALA B 494 -28.43 3.18 15.80
N ILE B 495 -29.43 2.50 15.24
CA ILE B 495 -30.65 2.23 15.99
C ILE B 495 -30.42 1.15 17.03
N PHE B 496 -29.61 0.13 16.70
CA PHE B 496 -29.27 -0.90 17.67
C PHE B 496 -28.55 -0.31 18.87
N ILE B 497 -27.65 0.64 18.64
CA ILE B 497 -26.94 1.29 19.73
C ILE B 497 -27.89 2.15 20.56
N VAL B 498 -28.70 2.96 19.89
CA VAL B 498 -29.54 3.92 20.62
C VAL B 498 -30.63 3.21 21.39
N LEU B 499 -31.31 2.24 20.77
CA LEU B 499 -32.42 1.58 21.43
C LEU B 499 -31.95 0.74 22.60
N SER B 500 -30.79 0.09 22.46
CA SER B 500 -30.27 -0.73 23.56
C SER B 500 -29.89 0.14 24.75
N ILE B 501 -29.34 1.32 24.49
CA ILE B 501 -28.96 2.23 25.56
C ILE B 501 -30.20 2.87 26.18
N CYS B 502 -31.23 3.09 25.38
CA CYS B 502 -32.41 3.79 25.89
C CYS B 502 -33.38 2.86 26.60
N ARG B 503 -33.39 1.57 26.25
CA ARG B 503 -34.38 0.66 26.79
C ARG B 503 -33.88 -0.17 27.97
N ARG B 504 -32.68 0.12 28.49
CA ARG B 504 -32.22 -0.51 29.73
C ARG B 504 -32.77 0.25 30.94
N GLY B 505 -34.09 0.41 30.94
CA GLY B 505 -34.75 1.17 31.98
C GLY B 505 -34.79 2.66 31.69
N SER B 510 -36.66 -6.36 37.87
CA SER B 510 -36.08 -6.69 36.58
C SER B 510 -34.88 -7.61 36.72
N HIS B 511 -34.29 -7.64 37.92
CA HIS B 511 -33.17 -8.53 38.17
C HIS B 511 -33.65 -9.93 38.52
N VAL B 512 -34.91 -10.08 38.92
CA VAL B 512 -35.40 -11.38 39.32
C VAL B 512 -36.25 -12.01 38.21
N PHE B 513 -36.96 -11.19 37.44
CA PHE B 513 -37.82 -11.69 36.37
C PHE B 513 -37.13 -11.54 35.02
N GLY B 514 -37.54 -12.38 34.08
CA GLY B 514 -37.08 -12.27 32.71
C GLY B 514 -35.74 -12.92 32.49
N THR B 515 -35.29 -12.86 31.25
CA THR B 515 -33.92 -13.25 30.92
C THR B 515 -32.98 -12.08 31.16
N TYR B 516 -31.68 -12.37 31.15
CA TYR B 516 -30.69 -11.34 31.44
C TYR B 516 -30.62 -10.34 30.31
N GLU B 517 -30.54 -9.06 30.67
CA GLU B 517 -30.56 -8.00 29.66
C GLU B 517 -29.24 -7.96 28.90
N CYS B 518 -29.35 -8.01 27.57
CA CYS B 518 -28.17 -8.00 26.71
C CYS B 518 -27.88 -6.59 26.21
N THR B 519 -27.66 -5.64 27.13
CA THR B 519 -27.57 -4.24 26.72
C THR B 519 -26.25 -3.94 26.01
N LEU B 520 -25.13 -4.43 26.55
CA LEU B 520 -23.83 -4.11 25.98
C LEU B 520 -23.45 -5.03 24.82
N LEU B 521 -24.10 -6.18 24.68
CA LEU B 521 -23.86 -7.00 23.50
C LEU B 521 -24.71 -6.54 22.32
N ASP B 522 -25.90 -6.04 22.59
CA ASP B 522 -26.72 -5.44 21.54
C ASP B 522 -26.16 -4.11 21.06
N VAL B 523 -25.30 -3.47 21.85
CA VAL B 523 -24.60 -2.29 21.38
C VAL B 523 -23.38 -2.69 20.56
N THR B 524 -22.74 -3.81 20.90
CA THR B 524 -21.65 -4.33 20.10
C THR B 524 -22.12 -4.84 18.75
N ILE B 525 -23.34 -5.39 18.67
CA ILE B 525 -23.88 -5.80 17.38
C ILE B 525 -24.17 -4.57 16.51
N GLY B 526 -24.64 -3.47 17.11
CA GLY B 526 -24.86 -2.27 16.35
C GLY B 526 -23.58 -1.55 15.97
N VAL B 527 -22.51 -1.76 16.73
CA VAL B 527 -21.22 -1.21 16.36
C VAL B 527 -20.66 -1.91 15.13
N PHE B 528 -20.77 -3.25 15.08
CA PHE B 528 -20.28 -3.98 13.92
C PHE B 528 -21.24 -3.87 12.75
N MET B 529 -22.50 -3.54 13.01
CA MET B 529 -23.40 -3.17 11.93
C MET B 529 -22.98 -1.87 11.28
N VAL B 530 -22.56 -0.88 12.06
CA VAL B 530 -22.04 0.37 11.52
C VAL B 530 -20.65 0.18 10.90
N LEU B 531 -19.81 -0.66 11.52
CA LEU B 531 -18.50 -0.95 10.97
C LEU B 531 -18.57 -1.66 9.63
N GLN B 532 -19.60 -2.47 9.39
CA GLN B 532 -19.78 -3.13 8.10
C GLN B 532 -20.08 -2.13 6.99
N SER B 533 -20.74 -1.02 7.32
CA SER B 533 -20.95 0.03 6.33
C SER B 533 -19.68 0.80 6.04
N ILE B 534 -18.82 0.98 7.02
CA ILE B 534 -17.53 1.63 6.81
C ILE B 534 -16.55 0.71 6.08
N ALA B 535 -16.56 -0.59 6.40
CA ALA B 535 -15.67 -1.54 5.78
C ALA B 535 -16.03 -1.83 4.33
N SER B 536 -17.33 -1.84 4.00
CA SER B 536 -17.76 -2.11 2.63
C SER B 536 -17.76 -0.87 1.75
N ALA B 537 -18.07 0.30 2.28
CA ALA B 537 -17.98 1.52 1.49
C ALA B 537 -16.53 1.82 1.14
N THR B 538 -15.60 1.40 1.98
CA THR B 538 -14.17 1.54 1.73
C THR B 538 -13.67 0.51 0.73
N TYR B 539 -14.25 -0.69 0.71
CA TYR B 539 -13.87 -1.70 -0.27
C TYR B 539 -14.31 -1.31 -1.66
N HIS B 540 -15.41 -0.59 -1.75
CA HIS B 540 -15.99 -0.21 -3.01
C HIS B 540 -15.44 1.02 -3.61
N ILE B 541 -14.51 1.65 -2.92
CA ILE B 541 -13.80 2.79 -3.49
C ILE B 541 -12.69 2.30 -4.40
N CYS B 542 -11.97 1.27 -3.97
CA CYS B 542 -11.01 0.57 -4.84
C CYS B 542 -11.05 -0.91 -4.47
N PRO B 543 -11.70 -1.74 -5.29
CA PRO B 543 -11.86 -3.15 -4.95
C PRO B 543 -10.63 -4.00 -5.25
N SER B 544 -9.45 -3.40 -5.38
CA SER B 544 -8.24 -4.14 -5.67
C SER B 544 -7.98 -5.29 -4.70
N ASP B 545 -7.12 -6.23 -5.09
CA ASP B 545 -6.82 -7.41 -4.28
C ASP B 545 -5.84 -7.03 -3.17
N VAL B 546 -6.42 -6.56 -2.06
CA VAL B 546 -5.68 -6.20 -0.87
C VAL B 546 -5.50 -7.42 0.02
N ALA B 547 -4.59 -7.33 1.00
CA ALA B 547 -4.33 -8.44 1.91
C ALA B 547 -5.57 -8.79 2.73
N PHE B 548 -6.16 -7.80 3.37
CA PHE B 548 -7.40 -7.97 4.13
C PHE B 548 -8.55 -7.41 3.31
N GLN B 549 -9.48 -8.29 2.92
CA GLN B 549 -10.55 -7.87 2.01
C GLN B 549 -11.52 -6.91 2.69
N PHE B 550 -12.14 -7.35 3.79
CA PHE B 550 -12.96 -6.51 4.65
C PHE B 550 -14.23 -6.01 3.97
N ASP B 551 -14.86 -6.84 3.16
CA ASP B 551 -16.22 -6.52 2.70
C ASP B 551 -17.25 -7.25 3.56
N THR B 552 -17.15 -8.57 3.62
CA THR B 552 -17.98 -9.46 4.44
C THR B 552 -17.60 -9.56 5.92
N PRO B 553 -16.29 -9.62 6.30
CA PRO B 553 -15.92 -10.03 7.67
C PRO B 553 -16.73 -9.44 8.83
N CYS B 554 -17.25 -8.22 8.69
CA CYS B 554 -18.05 -7.68 9.79
C CYS B 554 -19.42 -8.32 9.86
N ILE B 555 -19.90 -8.97 8.80
CA ILE B 555 -21.12 -9.76 8.86
C ILE B 555 -20.90 -11.03 9.67
N GLN B 556 -19.72 -11.64 9.53
CA GLN B 556 -19.43 -12.87 10.26
C GLN B 556 -19.35 -12.63 11.77
N VAL B 557 -18.92 -11.45 12.18
CA VAL B 557 -18.95 -11.11 13.61
C VAL B 557 -20.36 -10.82 14.09
N ILE B 558 -21.18 -10.17 13.26
CA ILE B 558 -22.57 -9.93 13.63
C ILE B 558 -23.33 -11.24 13.80
N CYS B 559 -23.02 -12.23 12.96
CA CYS B 559 -23.65 -13.54 13.06
C CYS B 559 -23.14 -14.35 14.24
N GLY B 560 -21.87 -14.20 14.61
CA GLY B 560 -21.32 -14.91 15.75
C GLY B 560 -21.70 -14.25 17.05
N LEU B 561 -21.95 -12.93 17.01
CA LEU B 561 -22.40 -12.22 18.20
C LEU B 561 -23.83 -12.56 18.56
N LEU B 562 -24.66 -12.86 17.56
CA LEU B 562 -26.03 -13.28 17.82
C LEU B 562 -26.11 -14.69 18.38
N MET B 563 -25.10 -15.53 18.13
CA MET B 563 -24.99 -16.84 18.77
C MET B 563 -24.43 -16.73 20.17
N VAL B 564 -23.48 -15.83 20.39
CA VAL B 564 -22.99 -15.56 21.74
C VAL B 564 -24.10 -14.99 22.61
N ARG B 565 -24.98 -14.17 22.03
CA ARG B 565 -26.11 -13.63 22.78
C ARG B 565 -27.03 -14.74 23.26
N GLN B 566 -27.41 -15.64 22.34
CA GLN B 566 -28.36 -16.69 22.70
C GLN B 566 -27.70 -17.81 23.50
N TRP B 567 -26.37 -17.87 23.47
CA TRP B 567 -25.67 -18.86 24.27
C TRP B 567 -25.77 -18.54 25.75
N PHE B 568 -25.66 -17.26 26.10
CA PHE B 568 -25.57 -16.84 27.49
C PHE B 568 -26.80 -16.12 28.02
N VAL B 569 -27.78 -15.81 27.17
CA VAL B 569 -28.89 -14.95 27.58
C VAL B 569 -29.66 -15.55 28.75
N ARG B 570 -29.67 -16.87 28.88
CA ARG B 570 -30.36 -17.51 29.99
C ARG B 570 -29.43 -17.84 31.15
N HIS B 571 -28.12 -17.86 30.90
CA HIS B 571 -27.16 -18.08 31.98
C HIS B 571 -26.81 -16.77 32.69
N GLU B 572 -26.46 -15.75 31.92
CA GLU B 572 -25.94 -14.51 32.48
C GLU B 572 -26.19 -13.38 31.50
N SER B 573 -25.72 -12.20 31.83
CA SER B 573 -25.74 -11.10 30.89
C SER B 573 -24.56 -11.22 29.95
N PRO B 574 -24.77 -11.50 28.66
CA PRO B 574 -23.64 -11.79 27.77
C PRO B 574 -22.68 -10.62 27.68
N SER B 575 -21.41 -10.94 27.76
CA SER B 575 -20.35 -9.95 27.80
C SER B 575 -19.82 -9.66 26.41
N PRO B 576 -19.59 -8.39 26.08
CA PRO B 576 -18.94 -8.06 24.81
C PRO B 576 -17.49 -8.49 24.76
N ALA B 577 -16.94 -9.04 25.84
CA ALA B 577 -15.57 -9.53 25.85
C ALA B 577 -15.37 -10.75 24.96
N TYR B 578 -16.43 -11.46 24.59
CA TYR B 578 -16.30 -12.56 23.66
C TYR B 578 -16.12 -12.10 22.22
N THR B 579 -16.21 -10.79 21.97
CA THR B 579 -15.99 -10.29 20.62
C THR B 579 -14.51 -10.36 20.24
N ASN B 580 -13.62 -10.37 21.23
CA ASN B 580 -12.19 -10.38 20.93
C ASN B 580 -11.79 -11.68 20.25
N ILE B 581 -12.13 -12.82 20.86
CA ILE B 581 -11.83 -14.11 20.25
C ILE B 581 -12.64 -14.32 18.98
N LEU B 582 -13.82 -13.72 18.89
CA LEU B 582 -14.64 -13.85 17.70
C LEU B 582 -14.10 -13.01 16.54
N LEU B 583 -13.66 -11.79 16.84
CA LEU B 583 -13.12 -10.92 15.79
C LEU B 583 -11.72 -11.36 15.38
N VAL B 584 -10.90 -11.77 16.33
CA VAL B 584 -9.56 -12.27 16.00
C VAL B 584 -9.66 -13.50 15.12
N GLY B 585 -10.62 -14.39 15.38
CA GLY B 585 -10.80 -15.55 14.53
C GLY B 585 -11.33 -15.20 13.15
N VAL B 586 -12.16 -14.17 13.06
CA VAL B 586 -12.68 -13.74 11.76
C VAL B 586 -11.59 -13.05 10.95
N VAL B 587 -10.83 -12.17 11.59
CA VAL B 587 -9.78 -11.44 10.88
C VAL B 587 -8.64 -12.37 10.49
N SER B 588 -8.30 -13.31 11.37
CA SER B 588 -7.21 -14.24 11.07
C SER B 588 -7.61 -15.23 9.99
N LEU B 589 -8.89 -15.61 9.93
CA LEU B 589 -9.32 -16.58 8.94
C LEU B 589 -9.42 -15.98 7.54
N ASN B 590 -9.87 -14.75 7.43
CA ASN B 590 -9.99 -14.12 6.12
C ASN B 590 -8.64 -13.71 5.55
N PHE B 591 -7.66 -13.45 6.41
CA PHE B 591 -6.29 -13.26 5.93
C PHE B 591 -5.64 -14.58 5.56
N LEU B 592 -6.04 -15.67 6.22
CA LEU B 592 -5.50 -16.99 5.90
C LEU B 592 -6.02 -17.49 4.57
N ILE B 593 -7.19 -17.01 4.14
CA ILE B 593 -7.72 -17.41 2.85
C ILE B 593 -7.07 -16.61 1.73
N SER B 594 -6.86 -15.31 1.97
CA SER B 594 -6.19 -14.48 0.97
C SER B 594 -4.75 -14.92 0.76
N ALA B 595 -4.09 -15.39 1.83
CA ALA B 595 -2.69 -15.79 1.72
C ALA B 595 -2.54 -17.07 0.91
N PHE B 596 -3.47 -18.01 1.08
CA PHE B 596 -3.40 -19.30 0.42
C PHE B 596 -4.39 -19.43 -0.73
N SER B 597 -4.89 -18.32 -1.25
CA SER B 597 -5.92 -18.38 -2.28
C SER B 597 -5.37 -18.92 -3.60
N LYS B 598 -4.10 -18.64 -3.89
CA LYS B 598 -3.50 -19.14 -5.12
C LYS B 598 -3.29 -20.65 -5.07
N THR B 599 -3.16 -21.21 -3.87
CA THR B 599 -2.86 -22.62 -3.72
C THR B 599 -4.07 -23.47 -4.05
N SER B 600 -3.84 -24.78 -4.15
CA SER B 600 -4.89 -25.73 -4.50
C SER B 600 -5.56 -26.35 -3.28
N TYR B 601 -4.97 -26.22 -2.10
CA TYR B 601 -5.46 -26.84 -0.88
C TYR B 601 -6.10 -25.84 0.07
N VAL B 602 -6.51 -24.67 -0.42
CA VAL B 602 -7.04 -23.65 0.47
C VAL B 602 -8.41 -24.05 1.01
N ARG B 603 -9.22 -24.73 0.20
CA ARG B 603 -10.52 -25.15 0.68
C ARG B 603 -10.41 -26.27 1.71
N PHE B 604 -9.27 -26.95 1.74
CA PHE B 604 -9.02 -27.96 2.77
C PHE B 604 -8.55 -27.28 4.06
N ILE B 605 -7.79 -26.19 3.95
CA ILE B 605 -7.40 -25.43 5.13
C ILE B 605 -8.63 -24.85 5.82
N ILE B 606 -9.63 -24.44 5.03
CA ILE B 606 -10.87 -23.94 5.62
C ILE B 606 -11.65 -25.06 6.29
N ALA B 607 -11.68 -26.23 5.65
CA ALA B 607 -12.50 -27.33 6.16
C ALA B 607 -11.97 -27.85 7.49
N VAL B 608 -10.65 -27.90 7.66
CA VAL B 608 -10.09 -28.38 8.92
C VAL B 608 -10.31 -27.36 10.03
N ILE B 609 -10.30 -26.07 9.68
CA ILE B 609 -10.66 -25.04 10.66
C ILE B 609 -12.15 -25.07 10.93
N HIS B 610 -12.96 -25.36 9.90
CA HIS B 610 -14.40 -25.43 10.08
C HIS B 610 -14.78 -26.57 11.03
N VAL B 611 -14.09 -27.72 10.92
CA VAL B 611 -14.37 -28.83 11.81
C VAL B 611 -13.86 -28.54 13.22
N ILE B 612 -12.68 -27.94 13.34
CA ILE B 612 -12.12 -27.63 14.65
C ILE B 612 -12.99 -26.63 15.39
N VAL B 613 -13.49 -25.62 14.66
CA VAL B 613 -14.31 -24.59 15.29
C VAL B 613 -15.67 -25.15 15.68
N VAL B 614 -16.29 -25.92 14.78
CA VAL B 614 -17.59 -26.50 15.09
C VAL B 614 -17.49 -27.67 16.06
N GLY B 615 -16.39 -28.42 16.04
CA GLY B 615 -16.21 -29.46 17.03
C GLY B 615 -15.94 -28.92 18.42
N SER B 616 -15.42 -27.70 18.50
CA SER B 616 -15.23 -27.05 19.79
C SER B 616 -16.54 -26.53 20.36
N ILE B 617 -17.44 -26.06 19.49
CA ILE B 617 -18.74 -25.58 19.96
C ILE B 617 -19.62 -26.73 20.39
N CYS B 618 -19.51 -27.87 19.69
CA CYS B 618 -20.25 -29.05 20.10
C CYS B 618 -19.72 -29.62 21.41
N LEU B 619 -18.43 -29.41 21.70
CA LEU B 619 -17.86 -29.84 22.96
C LEU B 619 -18.14 -28.83 24.08
N ALA B 620 -18.21 -27.55 23.74
CA ALA B 620 -18.57 -26.54 24.72
C ALA B 620 -20.03 -26.65 25.12
N LYS B 621 -20.88 -27.19 24.24
CA LYS B 621 -22.29 -27.31 24.56
C LYS B 621 -22.55 -28.45 25.53
N GLU B 622 -21.88 -29.59 25.33
CA GLU B 622 -22.10 -30.74 26.21
C GLU B 622 -21.48 -30.51 27.58
N ARG B 623 -20.36 -29.79 27.65
CA ARG B 623 -19.75 -29.49 28.94
C ARG B 623 -20.62 -28.52 29.74
N SER B 624 -21.34 -27.63 29.05
CA SER B 624 -22.18 -26.67 29.75
C SER B 624 -23.53 -27.29 30.11
N LEU B 625 -24.12 -28.07 29.21
CA LEU B 625 -25.47 -28.56 29.38
C LEU B 625 -25.55 -30.00 29.88
N GLY B 626 -24.42 -30.63 30.16
CA GLY B 626 -24.41 -31.93 30.80
C GLY B 626 -24.61 -33.11 29.89
N SER B 627 -24.55 -32.92 28.57
CA SER B 627 -24.65 -34.01 27.60
C SER B 627 -25.97 -34.77 27.75
N GLU B 628 -27.06 -34.03 27.95
CA GLU B 628 -28.37 -34.64 28.05
C GLU B 628 -28.86 -35.07 26.68
N LYS B 629 -29.50 -36.25 26.64
CA LYS B 629 -29.94 -36.80 25.36
C LYS B 629 -31.05 -35.97 24.74
N LEU B 630 -31.77 -35.20 25.56
CA LEU B 630 -32.88 -34.41 25.06
C LEU B 630 -32.41 -33.25 24.20
N LYS B 631 -31.58 -32.38 24.77
CA LYS B 631 -31.17 -31.13 24.13
C LYS B 631 -29.75 -31.18 23.58
N THR B 632 -28.83 -31.83 24.29
CA THR B 632 -27.43 -31.81 23.87
C THR B 632 -27.16 -32.83 22.77
N ARG B 633 -27.80 -34.00 22.84
CA ARG B 633 -27.49 -35.06 21.90
C ARG B 633 -27.93 -34.70 20.48
N PHE B 634 -28.99 -33.91 20.35
CA PHE B 634 -29.47 -33.53 19.03
C PHE B 634 -28.98 -32.16 18.59
N PHE B 635 -28.47 -31.34 19.49
CA PHE B 635 -27.73 -30.15 19.07
C PHE B 635 -26.47 -30.55 18.33
N ILE B 636 -25.81 -31.62 18.79
CA ILE B 636 -24.55 -32.03 18.17
C ILE B 636 -24.80 -32.60 16.78
N MET B 637 -25.83 -33.45 16.65
CA MET B 637 -26.11 -34.05 15.34
C MET B 637 -26.57 -33.01 14.33
N ALA B 638 -27.39 -32.05 14.78
CA ALA B 638 -27.87 -31.02 13.87
C ALA B 638 -26.75 -30.12 13.39
N PHE B 639 -25.81 -29.78 14.28
CA PHE B 639 -24.71 -28.91 13.89
C PHE B 639 -23.59 -29.69 13.22
N SER B 640 -23.46 -30.98 13.54
CA SER B 640 -22.48 -31.80 12.83
C SER B 640 -22.95 -32.13 11.42
N MET B 641 -24.25 -32.37 11.25
CA MET B 641 -24.77 -32.66 9.92
C MET B 641 -24.97 -31.36 9.13
N GLY B 642 -25.29 -30.27 9.81
CA GLY B 642 -25.46 -29.01 9.12
C GLY B 642 -24.15 -28.44 8.61
N ASN B 643 -23.09 -28.56 9.42
CA ASN B 643 -21.80 -28.02 9.02
C ASN B 643 -21.04 -28.96 8.10
N PHE B 644 -21.28 -30.26 8.21
CA PHE B 644 -20.69 -31.20 7.27
C PHE B 644 -21.36 -31.14 5.91
N ALA B 645 -22.67 -30.85 5.87
CA ALA B 645 -23.33 -30.64 4.60
C ALA B 645 -22.80 -29.40 3.89
N ALA B 646 -22.34 -28.41 4.65
CA ALA B 646 -21.76 -27.22 4.04
C ALA B 646 -20.33 -27.49 3.58
N ILE B 647 -19.58 -28.26 4.34
CA ILE B 647 -18.20 -28.59 3.95
C ILE B 647 -18.20 -29.40 2.66
N VAL B 648 -19.10 -30.39 2.56
CA VAL B 648 -19.19 -31.19 1.34
C VAL B 648 -19.55 -30.33 0.15
N MET B 649 -20.28 -29.23 0.37
CA MET B 649 -20.67 -28.36 -0.74
C MET B 649 -19.49 -27.55 -1.26
N TYR B 650 -18.70 -26.95 -0.37
CA TYR B 650 -17.63 -26.09 -0.83
C TYR B 650 -16.28 -26.78 -0.95
N LEU B 651 -16.13 -27.98 -0.38
CA LEU B 651 -14.86 -28.69 -0.49
C LEU B 651 -14.89 -29.69 -1.64
N THR B 652 -15.85 -30.63 -1.60
CA THR B 652 -15.93 -31.64 -2.66
C THR B 652 -16.53 -31.07 -3.94
N LEU B 653 -17.18 -29.92 -3.87
CA LEU B 653 -17.67 -29.21 -5.05
C LEU B 653 -17.13 -27.78 -5.00
N SER B 654 -16.85 -27.22 -6.17
CA SER B 654 -16.47 -25.81 -6.22
C SER B 654 -17.72 -24.94 -6.24
N ALA B 655 -18.51 -25.01 -5.17
CA ALA B 655 -19.80 -24.32 -5.14
C ALA B 655 -19.63 -22.81 -5.01
N PHE B 656 -18.96 -22.38 -3.96
CA PHE B 656 -18.82 -20.96 -3.65
C PHE B 656 -17.41 -20.49 -3.98
N HIS B 657 -17.26 -19.17 -4.06
CA HIS B 657 -15.93 -18.57 -4.15
C HIS B 657 -15.33 -18.48 -2.75
N LEU B 658 -14.01 -18.31 -2.71
CA LEU B 658 -13.32 -18.22 -1.42
C LEU B 658 -13.80 -17.03 -0.59
N ASN B 659 -14.18 -15.93 -1.24
CA ASN B 659 -14.68 -14.78 -0.51
C ASN B 659 -16.03 -15.06 0.12
N GLN B 660 -16.78 -15.98 -0.47
CA GLN B 660 -18.12 -16.30 0.02
C GLN B 660 -18.15 -17.51 0.95
N ILE B 661 -17.06 -18.26 1.07
CA ILE B 661 -17.11 -19.52 1.81
C ILE B 661 -17.28 -19.27 3.30
N ALA B 662 -16.48 -18.38 3.87
CA ALA B 662 -16.53 -18.15 5.31
C ALA B 662 -17.75 -17.34 5.72
N THR B 663 -18.29 -16.52 4.80
CA THR B 663 -19.48 -15.74 5.12
C THR B 663 -20.74 -16.60 5.09
N TYR B 664 -20.81 -17.56 4.18
CA TYR B 664 -21.97 -18.45 4.15
C TYR B 664 -21.97 -19.40 5.33
N CYS B 665 -20.80 -19.79 5.81
CA CYS B 665 -20.73 -20.71 6.95
C CYS B 665 -21.16 -20.05 8.25
N PHE B 666 -20.86 -18.76 8.42
CA PHE B 666 -21.31 -18.05 9.61
C PHE B 666 -22.81 -17.79 9.60
N ILE B 667 -23.39 -17.49 8.44
CA ILE B 667 -24.82 -17.20 8.35
C ILE B 667 -25.64 -18.46 8.62
N ILE B 668 -25.16 -19.60 8.13
CA ILE B 668 -25.90 -20.85 8.30
C ILE B 668 -25.83 -21.32 9.75
N ASN B 669 -24.68 -21.16 10.40
CA ASN B 669 -24.57 -21.52 11.81
C ASN B 669 -25.35 -20.56 12.70
N CYS B 670 -25.40 -19.28 12.32
CA CYS B 670 -26.23 -18.34 13.06
C CYS B 670 -27.71 -18.68 12.92
N ILE B 671 -28.14 -19.04 11.72
CA ILE B 671 -29.53 -19.41 11.50
C ILE B 671 -29.84 -20.74 12.18
N MET B 672 -28.93 -21.70 12.08
CA MET B 672 -29.14 -23.00 12.72
C MET B 672 -29.24 -22.88 14.22
N TYR B 673 -28.50 -21.95 14.83
CA TYR B 673 -28.57 -21.81 16.28
C TYR B 673 -29.83 -21.07 16.71
N LEU B 674 -30.22 -20.04 15.98
CA LEU B 674 -31.45 -19.33 16.31
C LEU B 674 -32.68 -20.19 16.04
N MET B 675 -32.55 -21.16 15.14
CA MET B 675 -33.64 -22.12 14.95
C MET B 675 -33.63 -23.18 16.04
N TYR B 676 -32.45 -23.62 16.46
CA TYR B 676 -32.34 -24.50 17.62
C TYR B 676 -32.89 -23.83 18.86
N TYR B 677 -32.53 -22.56 19.08
CA TYR B 677 -33.04 -21.82 20.23
C TYR B 677 -34.56 -21.69 20.17
N GLY B 678 -35.13 -21.57 18.96
CA GLY B 678 -36.57 -21.51 18.83
C GLY B 678 -37.24 -22.86 18.91
N CYS B 679 -36.56 -23.91 18.45
CA CYS B 679 -37.12 -25.25 18.56
C CYS B 679 -37.09 -25.74 19.99
N MET B 680 -36.00 -25.43 20.72
CA MET B 680 -35.94 -25.76 22.13
C MET B 680 -36.99 -25.01 22.94
N LYS B 681 -37.37 -23.82 22.46
CA LYS B 681 -38.31 -22.99 23.22
C LYS B 681 -39.71 -23.59 23.20
N VAL B 682 -40.11 -24.20 22.08
CA VAL B 682 -41.42 -24.84 22.03
C VAL B 682 -41.37 -26.21 22.68
N LEU B 683 -40.22 -26.87 22.64
CA LEU B 683 -40.07 -28.15 23.33
C LEU B 683 -40.15 -27.98 24.84
N HIS B 684 -39.76 -26.82 25.37
CA HIS B 684 -39.89 -26.52 26.79
C HIS B 684 -41.21 -25.84 27.12
N SER B 685 -42.22 -25.98 26.25
CA SER B 685 -43.57 -25.49 26.52
C SER B 685 -43.59 -23.98 26.72
N GLU B 686 -42.65 -23.28 26.08
CA GLU B 686 -42.62 -21.82 26.06
C GLU B 686 -43.15 -21.33 24.72
N ARG B 687 -44.13 -20.45 24.77
CA ARG B 687 -44.73 -19.95 23.54
C ARG B 687 -43.86 -18.85 22.94
N ILE B 688 -43.73 -18.87 21.61
CA ILE B 688 -43.09 -17.80 20.86
C ILE B 688 -44.17 -16.81 20.45
N THR B 689 -44.01 -15.55 20.84
CA THR B 689 -45.01 -14.54 20.56
C THR B 689 -45.23 -14.39 19.05
N SER B 690 -46.42 -13.93 18.70
CA SER B 690 -46.77 -13.80 17.28
C SER B 690 -45.82 -12.85 16.56
N LYS B 691 -45.33 -11.82 17.27
CA LYS B 691 -44.40 -10.89 16.64
C LYS B 691 -43.04 -11.53 16.42
N ALA B 692 -42.58 -12.34 17.37
CA ALA B 692 -41.30 -13.01 17.21
C ALA B 692 -41.32 -14.07 16.12
N LYS B 693 -42.49 -14.65 15.83
CA LYS B 693 -42.60 -15.57 14.72
C LYS B 693 -42.60 -14.83 13.39
N LEU B 694 -43.12 -13.61 13.38
CA LEU B 694 -43.07 -12.79 12.17
C LEU B 694 -41.65 -12.33 11.88
N CYS B 695 -40.97 -11.80 12.90
CA CYS B 695 -39.59 -11.36 12.73
C CYS B 695 -38.66 -12.54 12.49
N GLY B 696 -39.01 -13.72 12.99
CA GLY B 696 -38.21 -14.90 12.72
C GLY B 696 -38.36 -15.40 11.30
N ALA B 697 -39.55 -15.28 10.73
CA ALA B 697 -39.74 -15.65 9.33
C ALA B 697 -39.16 -14.60 8.39
N LEU B 698 -39.16 -13.34 8.81
CA LEU B 698 -38.54 -12.29 8.02
C LEU B 698 -37.02 -12.41 8.07
N SER B 699 -36.48 -12.97 9.15
CA SER B 699 -35.04 -13.22 9.22
C SER B 699 -34.61 -14.34 8.28
N LEU B 700 -35.36 -15.44 8.23
CA LEU B 700 -35.07 -16.51 7.28
C LEU B 700 -35.27 -16.06 5.84
N LEU B 701 -36.32 -15.28 5.59
CA LEU B 701 -36.60 -14.83 4.23
C LEU B 701 -35.55 -13.83 3.74
N ALA B 702 -35.13 -12.92 4.61
CA ALA B 702 -34.17 -11.90 4.20
C ALA B 702 -32.77 -12.46 4.08
N TRP B 703 -32.43 -13.50 4.85
CA TRP B 703 -31.13 -14.14 4.71
C TRP B 703 -31.05 -15.00 3.46
N ALA B 704 -32.17 -15.49 2.96
CA ALA B 704 -32.21 -16.26 1.73
C ALA B 704 -32.17 -15.35 0.50
N VAL B 705 -32.83 -14.19 0.58
CA VAL B 705 -32.76 -13.23 -0.51
C VAL B 705 -31.39 -12.58 -0.56
N ALA B 706 -30.81 -12.28 0.60
CA ALA B 706 -29.46 -11.72 0.64
C ALA B 706 -28.43 -12.74 0.19
N GLY B 707 -28.60 -14.01 0.56
CA GLY B 707 -27.68 -15.05 0.12
C GLY B 707 -27.81 -15.40 -1.34
N PHE B 708 -28.94 -15.04 -1.97
CA PHE B 708 -29.09 -15.25 -3.40
C PHE B 708 -28.34 -14.18 -4.20
N PHE B 709 -28.30 -12.95 -3.69
CA PHE B 709 -27.55 -11.88 -4.34
C PHE B 709 -26.08 -11.93 -4.00
N PHE B 710 -25.73 -12.52 -2.85
CA PHE B 710 -24.33 -12.72 -2.50
C PHE B 710 -23.70 -13.78 -3.40
N PHE B 711 -24.46 -14.81 -3.76
CA PHE B 711 -23.96 -15.91 -4.58
C PHE B 711 -23.54 -15.47 -5.97
N GLN B 712 -23.86 -14.24 -6.37
CA GLN B 712 -23.62 -13.76 -7.73
C GLN B 712 -22.49 -12.73 -7.79
N ASP B 713 -21.53 -12.82 -6.88
CA ASP B 713 -20.47 -11.81 -6.88
C ASP B 713 -19.42 -12.17 -7.91
N ASP B 714 -18.94 -13.39 -7.89
CA ASP B 714 -17.97 -13.87 -8.90
C ASP B 714 -16.75 -12.95 -8.98
N THR B 715 -16.08 -12.78 -7.84
CA THR B 715 -14.84 -12.02 -7.77
C THR B 715 -13.74 -12.93 -7.26
N ASP B 716 -12.83 -13.32 -8.14
CA ASP B 716 -11.67 -14.13 -7.79
C ASP B 716 -10.43 -13.33 -8.12
N TRP B 717 -9.55 -13.16 -7.14
CA TRP B 717 -8.32 -12.41 -7.34
C TRP B 717 -7.16 -13.29 -7.80
N THR B 718 -7.42 -14.58 -8.04
CA THR B 718 -6.39 -15.46 -8.57
C THR B 718 -6.31 -15.38 -10.10
N ARG B 719 -7.39 -14.97 -10.74
CA ARG B 719 -7.40 -14.86 -12.19
C ARG B 719 -6.75 -13.56 -12.65
N SER B 720 -6.49 -13.47 -13.95
CA SER B 720 -5.79 -12.33 -14.50
C SER B 720 -6.63 -11.07 -14.40
N ALA B 721 -5.95 -9.92 -14.53
CA ALA B 721 -6.65 -8.63 -14.49
C ALA B 721 -7.60 -8.49 -15.66
N ALA B 722 -7.26 -9.07 -16.81
CA ALA B 722 -8.14 -8.99 -17.97
C ALA B 722 -9.37 -9.86 -17.79
N ALA B 723 -9.25 -10.95 -17.01
CA ALA B 723 -10.41 -11.77 -16.71
C ALA B 723 -11.25 -11.17 -15.59
N SER B 724 -10.62 -10.44 -14.68
CA SER B 724 -11.36 -9.68 -13.69
C SER B 724 -12.09 -8.50 -14.29
N ARG B 725 -11.61 -8.00 -15.44
CA ARG B 725 -12.27 -6.89 -16.12
C ARG B 725 -13.40 -7.36 -17.03
N ALA B 726 -13.31 -8.60 -17.52
CA ALA B 726 -14.30 -9.12 -18.45
C ALA B 726 -15.64 -9.38 -17.80
N LEU B 727 -15.70 -9.50 -16.49
CA LEU B 727 -16.95 -9.76 -15.79
C LEU B 727 -17.79 -8.50 -15.74
N ASN B 728 -18.98 -8.56 -16.33
CA ASN B 728 -19.89 -7.43 -16.35
C ASN B 728 -21.31 -7.96 -16.24
N LYS B 729 -21.99 -7.55 -15.17
CA LYS B 729 -23.38 -7.93 -14.93
C LYS B 729 -24.21 -6.66 -14.83
N PRO B 730 -25.25 -6.52 -15.63
CA PRO B 730 -26.00 -5.25 -15.66
C PRO B 730 -26.72 -4.95 -14.35
N CYS B 731 -27.28 -3.75 -14.27
CA CYS B 731 -28.06 -3.32 -13.12
C CYS B 731 -29.44 -3.94 -13.17
N LEU B 732 -29.92 -4.41 -12.02
CA LEU B 732 -31.21 -5.09 -11.96
C LEU B 732 -32.37 -4.10 -11.89
N LEU B 733 -32.24 -3.05 -11.08
CA LEU B 733 -33.36 -2.20 -10.72
C LEU B 733 -33.00 -0.73 -10.91
N LEU B 734 -33.91 0.02 -11.53
CA LEU B 734 -33.85 1.47 -11.65
C LEU B 734 -32.56 1.98 -12.30
N GLY B 735 -31.82 1.12 -12.99
CA GLY B 735 -30.54 1.51 -13.52
C GLY B 735 -29.48 1.79 -12.47
N PHE B 736 -29.72 1.42 -11.22
CA PHE B 736 -28.85 1.77 -10.11
C PHE B 736 -28.49 0.60 -9.21
N PHE B 737 -29.36 -0.39 -9.05
CA PHE B 737 -29.14 -1.49 -8.14
C PHE B 737 -28.85 -2.78 -8.90
N GLY B 738 -27.76 -3.43 -8.54
CA GLY B 738 -27.41 -4.71 -9.12
C GLY B 738 -27.49 -5.82 -8.09
N SER B 739 -26.86 -6.95 -8.38
CA SER B 739 -26.88 -8.05 -7.43
C SER B 739 -26.11 -7.72 -6.16
N HIS B 740 -24.99 -7.02 -6.29
CA HIS B 740 -24.23 -6.61 -5.14
C HIS B 740 -24.90 -5.56 -4.27
N ASP B 741 -25.54 -4.58 -4.88
CA ASP B 741 -26.21 -3.53 -4.12
C ASP B 741 -27.42 -4.04 -3.37
N LEU B 742 -28.07 -5.09 -3.88
CA LEU B 742 -29.18 -5.71 -3.18
C LEU B 742 -28.71 -6.68 -2.11
N TRP B 743 -27.45 -7.11 -2.18
CA TRP B 743 -26.85 -7.86 -1.10
C TRP B 743 -26.53 -6.95 0.08
N HIS B 744 -26.18 -5.71 -0.19
CA HIS B 744 -25.98 -4.71 0.83
C HIS B 744 -27.28 -4.34 1.52
N ILE B 745 -28.39 -4.35 0.77
CA ILE B 745 -29.68 -3.87 1.23
C ILE B 745 -30.40 -4.97 1.98
N PHE B 746 -30.32 -6.20 1.46
CA PHE B 746 -30.97 -7.32 2.13
C PHE B 746 -30.06 -7.98 3.16
N GLY B 747 -28.77 -7.64 3.19
CA GLY B 747 -27.94 -8.04 4.31
C GLY B 747 -28.16 -7.22 5.54
N ALA B 748 -28.62 -5.97 5.38
CA ALA B 748 -28.97 -5.14 6.53
C ALA B 748 -30.40 -5.40 7.00
N LEU B 749 -31.31 -5.69 6.08
CA LEU B 749 -32.64 -6.15 6.47
C LEU B 749 -32.55 -7.47 7.23
N ALA B 750 -31.71 -8.38 6.75
CA ALA B 750 -31.48 -9.64 7.45
C ALA B 750 -30.89 -9.42 8.83
N GLY B 751 -29.94 -8.49 8.96
CA GLY B 751 -29.41 -8.19 10.28
C GLY B 751 -30.37 -7.43 11.16
N LEU B 752 -31.27 -6.66 10.55
CA LEU B 752 -32.33 -6.00 11.30
C LEU B 752 -33.33 -7.00 11.86
N PHE B 753 -33.89 -7.85 11.01
CA PHE B 753 -34.94 -8.77 11.45
C PHE B 753 -34.37 -9.82 12.40
N THR B 754 -33.12 -10.19 12.22
CA THR B 754 -32.48 -11.15 13.12
C THR B 754 -32.25 -10.53 14.50
N PHE B 755 -31.92 -9.24 14.54
CA PHE B 755 -31.77 -8.54 15.81
C PHE B 755 -33.11 -8.33 16.49
N ILE B 756 -34.17 -8.14 15.70
CA ILE B 756 -35.49 -7.92 16.27
C ILE B 756 -36.09 -9.23 16.76
N PHE B 757 -35.72 -10.35 16.13
CA PHE B 757 -36.20 -11.65 16.58
C PHE B 757 -35.65 -11.99 17.96
N VAL B 758 -34.31 -11.90 18.12
CA VAL B 758 -33.70 -12.26 19.40
C VAL B 758 -34.15 -11.30 20.49
N SER B 759 -34.49 -10.06 20.13
CA SER B 759 -34.92 -9.09 21.11
C SER B 759 -36.37 -9.31 21.53
N PHE B 760 -37.15 -10.06 20.73
CA PHE B 760 -38.55 -10.31 21.03
C PHE B 760 -38.85 -11.76 21.37
N VAL B 761 -37.92 -12.68 21.12
CA VAL B 761 -38.24 -14.10 21.24
C VAL B 761 -38.57 -14.47 22.69
N ASP B 762 -37.85 -13.90 23.66
CA ASP B 762 -38.06 -14.24 25.06
C ASP B 762 -38.92 -13.22 25.80
N ASP B 763 -39.90 -12.62 25.12
CA ASP B 763 -40.77 -11.67 25.77
C ASP B 763 -41.87 -12.34 26.59
N ASP B 764 -42.17 -13.60 26.30
CA ASP B 764 -43.15 -14.33 27.09
C ASP B 764 -42.61 -14.66 28.48
N LEU B 765 -41.28 -14.68 28.62
CA LEU B 765 -40.62 -14.94 29.90
C LEU B 765 -40.41 -13.68 30.72
N ILE B 766 -41.08 -12.58 30.37
CA ILE B 766 -40.80 -11.32 31.04
C ILE B 766 -41.31 -11.33 32.47
N ASN B 767 -42.26 -12.23 32.77
CA ASN B 767 -42.83 -12.34 34.11
C ASN B 767 -42.46 -13.65 34.80
N THR B 768 -41.44 -14.34 34.31
CA THR B 768 -40.99 -15.60 34.90
C THR B 768 -39.69 -15.37 35.66
N ARG B 769 -39.63 -15.86 36.89
CA ARG B 769 -38.43 -15.71 37.70
C ARG B 769 -37.26 -16.42 37.05
N LYS B 770 -36.07 -15.85 37.21
CA LYS B 770 -34.87 -16.43 36.61
C LYS B 770 -34.62 -17.84 37.12
N THR B 771 -35.12 -18.16 38.31
CA THR B 771 -34.96 -19.51 38.84
C THR B 771 -35.84 -20.50 38.11
N SER B 772 -37.04 -20.07 37.68
CA SER B 772 -37.95 -20.97 36.98
C SER B 772 -37.61 -21.10 35.51
N ILE B 773 -36.90 -20.10 34.95
CA ILE B 773 -36.62 -20.08 33.53
C ILE B 773 -35.77 -21.28 33.13
N ASN B 774 -36.21 -22.01 32.11
CA ASN B 774 -35.44 -23.11 31.60
C ASN B 774 -34.16 -22.60 30.93
N ILE B 775 -33.11 -23.40 31.03
CA ILE B 775 -31.78 -23.03 30.54
C ILE B 775 -31.40 -23.97 29.42
N PHE B 776 -31.22 -23.42 28.21
CA PHE B 776 -30.72 -24.18 27.08
C PHE B 776 -29.91 -23.28 26.15
C1 NAG C . 17.40 -8.57 -20.38
C2 NAG C . 16.15 -9.08 -21.09
C3 NAG C . 15.19 -9.78 -20.15
C4 NAG C . 15.88 -10.79 -19.27
C5 NAG C . 16.94 -10.00 -18.54
C6 NAG C . 17.56 -10.80 -17.38
C7 NAG C . 15.76 -7.47 -22.88
C8 NAG C . 15.05 -6.19 -23.21
N2 NAG C . 15.44 -7.98 -21.70
O3 NAG C . 14.15 -10.41 -20.91
O4 NAG C . 14.96 -11.27 -18.29
O5 NAG C . 17.91 -9.54 -19.48
O6 NAG C . 18.54 -11.71 -17.85
O7 NAG C . 16.56 -7.98 -23.62
C1 NAG C . 14.82 -12.70 -18.31
C2 NAG C . 14.05 -13.10 -17.07
C3 NAG C . 13.95 -14.62 -17.00
C4 NAG C . 13.27 -15.13 -18.25
C5 NAG C . 13.92 -14.59 -19.50
C6 NAG C . 13.03 -14.93 -20.68
C7 NAG C . 14.14 -11.69 -15.14
C8 NAG C . 14.62 -11.60 -13.72
N2 NAG C . 14.69 -12.62 -15.87
O3 NAG C . 13.17 -14.97 -15.86
O4 NAG C . 13.41 -16.56 -18.27
O5 NAG C . 14.09 -13.17 -19.44
O6 NAG C . 13.84 -15.07 -21.84
O7 NAG C . 13.28 -10.95 -15.58
C1 NAG D . 29.75 -9.46 -18.55
C2 NAG D . 29.17 -9.67 -19.94
C3 NAG D . 28.90 -11.13 -20.21
C4 NAG D . 30.22 -11.86 -20.05
C5 NAG D . 30.60 -11.69 -18.60
C6 NAG D . 31.79 -12.56 -18.23
C7 NAG D . 28.04 -7.62 -20.44
C8 NAG D . 26.76 -6.86 -20.37
N2 NAG D . 27.96 -8.90 -20.14
O3 NAG D . 28.41 -11.32 -21.54
O4 NAG D . 30.07 -13.24 -20.40
O5 NAG D . 30.86 -10.32 -18.34
O6 NAG D . 33.00 -11.94 -18.62
O7 NAG D . 29.07 -7.11 -20.79
C1 NAG D . 30.62 -13.78 -21.46
C2 NAG D . 30.76 -15.28 -21.40
C3 NAG D . 31.19 -15.92 -22.70
C4 NAG D . 30.46 -15.33 -23.90
C5 NAG D . 30.55 -13.82 -23.84
C6 NAG D . 29.85 -13.21 -25.04
C7 NAG D . 31.42 -16.16 -19.23
C8 NAG D . 32.55 -16.39 -18.28
N2 NAG D . 31.75 -15.61 -20.40
O3 NAG D . 30.87 -17.32 -22.65
O4 NAG D . 31.04 -15.82 -25.10
O5 NAG D . 29.94 -13.37 -22.65
O6 NAG D . 30.12 -11.80 -25.12
O7 NAG D . 30.27 -16.45 -18.96
C1 NAG E . 1.80 18.84 -20.82
C2 NAG E . 3.05 19.36 -20.11
C3 NAG E . 2.87 19.43 -18.60
C4 NAG E . 1.59 20.13 -18.21
C5 NAG E . 0.50 19.32 -18.88
C6 NAG E . -0.89 19.69 -18.35
C7 NAG E . 4.88 18.52 -21.47
C8 NAG E . 5.82 17.37 -21.66
N2 NAG E . 4.16 18.47 -20.36
O3 NAG E . 4.00 20.11 -18.03
O4 NAG E . 1.41 20.00 -16.81
O5 NAG E . 0.62 19.45 -20.29
O6 NAG E . -1.37 20.88 -18.96
O7 NAG E . 4.79 19.42 -22.27
C1 NAG E . 1.26 21.28 -16.15
C2 NAG E . 0.80 21.01 -14.72
C3 NAG E . 0.54 22.32 -14.02
C4 NAG E . 1.81 23.16 -14.02
C5 NAG E . 2.38 23.27 -15.42
C6 NAG E . 3.75 23.88 -15.32
C7 NAG E . -0.39 18.98 -14.25
C8 NAG E . -1.72 18.43 -13.83
N2 NAG E . -0.41 20.22 -14.71
O3 NAG E . 0.17 22.05 -12.67
O4 NAG E . 1.49 24.47 -13.57
O5 NAG E . 2.47 22.02 -16.08
O6 NAG E . 4.03 24.61 -16.52
O7 NAG E . 0.63 18.34 -14.18
C1 NAG F . -8.10 21.26 -28.35
C2 NAG F . -6.75 21.91 -28.62
C3 NAG F . -6.65 23.28 -27.97
C4 NAG F . -7.78 24.13 -28.50
C5 NAG F . -9.04 23.44 -28.08
C6 NAG F . -10.28 24.28 -28.37
C7 NAG F . -5.27 20.04 -28.88
C8 NAG F . -4.35 19.07 -28.21
N2 NAG F . -5.66 21.06 -28.17
O3 NAG F . -5.40 23.88 -28.29
O4 NAG F . -7.70 25.43 -27.91
O5 NAG F . -9.13 22.17 -28.71
O6 NAG F . -10.70 24.11 -29.72
O7 NAG F . -5.64 19.89 -30.03
C1 NAG F . -7.37 26.42 -28.89
C2 NAG F . -7.79 27.78 -28.35
C3 NAG F . -7.23 28.96 -29.15
C4 NAG F . -5.79 28.75 -29.53
C5 NAG F . -5.61 27.39 -30.18
C6 NAG F . -4.16 27.19 -30.59
C7 NAG F . -9.94 27.83 -27.27
C8 NAG F . -11.43 27.87 -27.46
N2 NAG F . -9.24 27.86 -28.38
O3 NAG F . -7.33 30.13 -28.35
O4 NAG F . -5.39 29.78 -30.46
O5 NAG F . -5.98 26.40 -29.23
O6 NAG F . -4.04 26.00 -31.37
O7 NAG F . -9.43 27.79 -26.16
O18 6OU G . -12.93 2.70 38.85
C19 6OU G . -11.97 3.46 38.07
C20 6OU G . -12.58 3.87 36.74
O30 6OU G . -11.55 4.44 35.88
C31 6OU G . -10.77 5.41 36.37
O32 6OU G . -10.96 5.89 37.45
C33 6OU G . -9.70 5.84 35.41
C34 6OU G . -8.41 5.11 35.57
C35 6OU G . -7.25 5.77 34.84
C36 6OU G . -5.99 4.94 34.83
C37 6OU G . -4.73 5.68 34.47
C38 6OU G . -4.62 6.08 32.99
C39 6OU G . -3.24 5.94 32.43
C40 6OU G . -3.06 6.61 31.12
C41 6OU G . -2.02 7.37 30.83
C42 6OU G . -1.99 8.37 29.73
C43 6OU G . -0.74 9.22 29.66
C44 6OU G . -1.03 10.56 29.02
C45 6OU G . 0.02 11.10 28.09
C46 6OU G . -0.56 11.98 27.02
C47 6OU G . 0.37 12.28 25.88
C48 6OU G . -0.29 12.90 24.69
C49 6OU G . 0.72 13.43 23.71
O30 6OU H . -13.39 9.25 35.72
C31 6OU H . -12.93 9.44 34.62
C33 6OU H . -12.14 8.41 33.87
C34 6OU H . -11.00 9.00 33.08
C35 6OU H . -10.02 7.96 32.63
C36 6OU H . -9.03 8.44 31.61
C37 6OU H . -8.22 7.36 30.96
C38 6OU H . -7.66 7.75 29.60
C39 6OU H . -6.81 6.70 28.95
C40 6OU H . -6.51 7.01 27.53
C41 6OU H . -5.39 7.51 27.07
C42 6OU H . -5.00 7.40 25.64
C43 6OU H . -3.75 8.12 25.31
C44 6OU H . -3.96 9.53 24.85
C45 6OU H . -4.67 9.63 23.53
C46 6OU H . -5.08 11.03 23.16
C47 6OU H . -5.51 11.18 21.73
C48 6OU H . -6.76 10.47 21.30
C49 6OU H . -7.10 10.80 19.87
ZN ZN I . 12.88 1.24 15.88
O18 6OU J . -19.00 -20.08 30.31
C19 6OU J . -18.93 -20.28 28.87
C20 6OU J . -17.49 -20.23 28.39
O30 6OU J . -17.45 -20.22 26.94
C31 6OU J . -18.16 -21.15 26.27
O32 6OU J . -18.71 -22.05 26.84
C33 6OU J . -18.09 -20.96 24.78
C34 6OU J . -19.20 -20.13 24.23
C35 6OU J . -19.32 -20.23 22.71
C36 6OU J . -20.31 -19.25 22.13
C37 6OU J . -20.75 -19.55 20.71
C38 6OU J . -19.69 -19.30 19.65
C39 6OU J . -20.22 -18.70 18.39
C40 6OU J . -19.27 -18.77 17.24
C41 6OU J . -19.62 -19.14 16.04
C42 6OU J . -18.66 -19.61 14.98
C43 6OU J . -19.28 -20.11 13.71
C44 6OU J . -18.39 -21.13 13.03
C45 6OU J . -18.31 -21.05 11.53
C46 6OU J . -16.99 -21.53 11.00
C47 6OU J . -16.73 -21.18 9.57
C48 6OU J . -15.32 -21.39 9.12
C49 6OU J . -15.19 -21.30 7.62
O30 6OU K . -15.19 -24.63 26.11
C31 6OU K . -14.51 -24.36 25.16
C33 6OU K . -15.03 -23.99 23.80
C34 6OU K . -14.78 -22.58 23.44
C35 6OU K . -15.46 -22.17 22.14
C36 6OU K . -14.99 -20.84 21.60
C37 6OU K . -15.57 -20.47 20.26
C38 6OU K . -14.77 -19.42 19.49
C39 6OU K . -15.39 -19.05 18.19
C40 6OU K . -14.47 -18.39 17.22
C41 6OU K . -14.84 -18.23 15.99
C42 6OU K . -14.00 -17.84 14.81
C43 6OU K . -13.76 -18.97 13.88
C44 6OU K . -12.78 -18.65 12.79
C45 6OU K . -11.62 -19.61 12.71
C46 6OU K . -10.40 -19.01 12.08
C47 6OU K . -9.10 -19.58 12.55
C48 6OU K . -7.93 -18.89 11.90
C49 6OU K . -6.61 -19.35 12.43
ZN ZN L . -19.84 -5.03 -0.81
#